data_7D96
# 
_entry.id   7D96 
# 
_audit_conform.dict_name       mmcif_pdbx.dic 
_audit_conform.dict_version    5.380 
_audit_conform.dict_location   http://mmcif.pdb.org/dictionaries/ascii/mmcif_pdbx.dic 
# 
loop_
_database_2.database_id 
_database_2.database_code 
_database_2.pdbx_database_accession 
_database_2.pdbx_DOI 
PDB   7D96         pdb_00007d96 10.2210/pdb7d96/pdb 
WWPDB D_1300018696 ?            ?                   
# 
_pdbx_database_status.status_code                     REL 
_pdbx_database_status.status_code_sf                  REL 
_pdbx_database_status.status_code_mr                  ? 
_pdbx_database_status.entry_id                        7D96 
_pdbx_database_status.recvd_initial_deposition_date   2020-10-12 
_pdbx_database_status.SG_entry                        N 
_pdbx_database_status.deposit_site                    PDBJ 
_pdbx_database_status.process_site                    PDBJ 
_pdbx_database_status.status_code_cs                  ? 
_pdbx_database_status.status_code_nmr_data            ? 
_pdbx_database_status.methods_development_category    ? 
_pdbx_database_status.pdb_format_compatible           Y 
# 
loop_
_audit_author.name 
_audit_author.pdbx_ordinal 
_audit_author.identifier_ORCID 
'Bellur, A.'   1 0000-0002-5366-0630 
'Dongre, A.'   2 0000-0002-9124-7863 
'Aggarwal, R.' 3 0000-0002-4456-5068 
'Balaram, H.'  4 0000-0002-8821-1288 
# 
_citation.abstract                  ? 
_citation.abstract_id_CAS           ? 
_citation.book_id_ISBN              ? 
_citation.book_publisher            ? 
_citation.book_publisher_city       ? 
_citation.book_title                ? 
_citation.coordinate_linkage        ? 
_citation.country                   US 
_citation.database_id_Medline       ? 
_citation.details                   ? 
_citation.id                        primary 
_citation.journal_abbrev            Biophys.J. 
_citation.journal_id_ASTM           BIOJAU 
_citation.journal_id_CSD            0030 
_citation.journal_id_ISSN           1542-0086 
_citation.journal_full              ? 
_citation.journal_issue             ? 
_citation.journal_volume            120 
_citation.language                  ? 
_citation.page_first                3732 
_citation.page_last                 3746 
_citation.title                     
'Structural basis for the hyperthermostability of an archaeal enzyme induced by succinimide formation.' 
_citation.year                      2021 
_citation.database_id_CSD           ? 
_citation.pdbx_database_id_DOI      10.1016/j.bpj.2021.07.014 
_citation.pdbx_database_id_PubMed   34302792 
_citation.unpublished_flag          ? 
# 
loop_
_citation_author.citation_id 
_citation_author.name 
_citation_author.ordinal 
_citation_author.identifier_ORCID 
primary 'Dongre, A.V.'          1 ? 
primary 'Das, S.'               2 ? 
primary 'Bellur, A.'            3 ? 
primary 'Kumar, S.'             4 ? 
primary 'Chandrashekarmath, A.' 5 ? 
primary 'Karmakar, T.'          6 ? 
primary 'Balaram, P.'           7 ? 
primary 'Balasubramanian, S.'   8 ? 
primary 'Balaram, H.'           9 ? 
# 
_cell.angle_alpha                  90.000 
_cell.angle_alpha_esd              ? 
_cell.angle_beta                   90.000 
_cell.angle_beta_esd               ? 
_cell.angle_gamma                  90.000 
_cell.angle_gamma_esd              ? 
_cell.entry_id                     7D96 
_cell.details                      ? 
_cell.formula_units_Z              ? 
_cell.length_a                     36.180 
_cell.length_a_esd                 ? 
_cell.length_b                     66.650 
_cell.length_b_esd                 ? 
_cell.length_c                     79.180 
_cell.length_c_esd                 ? 
_cell.volume                       ? 
_cell.volume_esd                   ? 
_cell.Z_PDB                        4 
_cell.reciprocal_angle_alpha       ? 
_cell.reciprocal_angle_beta        ? 
_cell.reciprocal_angle_gamma       ? 
_cell.reciprocal_angle_alpha_esd   ? 
_cell.reciprocal_angle_beta_esd    ? 
_cell.reciprocal_angle_gamma_esd   ? 
_cell.reciprocal_length_a          ? 
_cell.reciprocal_length_b          ? 
_cell.reciprocal_length_c          ? 
_cell.reciprocal_length_a_esd      ? 
_cell.reciprocal_length_b_esd      ? 
_cell.reciprocal_length_c_esd      ? 
_cell.pdbx_unique_axis             ? 
# 
_symmetry.entry_id                         7D96 
_symmetry.cell_setting                     ? 
_symmetry.Int_Tables_number                19 
_symmetry.space_group_name_Hall            ? 
_symmetry.space_group_name_H-M             'P 21 21 21' 
_symmetry.pdbx_full_space_group_name_H-M   ? 
# 
loop_
_entity.id 
_entity.type 
_entity.src_method 
_entity.pdbx_description 
_entity.formula_weight 
_entity.pdbx_number_of_molecules 
_entity.pdbx_ec 
_entity.pdbx_mutation 
_entity.pdbx_fragment 
_entity.details 
1 polymer man 'GMP synthase [glutamine-hydrolyzing] subunit A' 20993.213 1  6.3.5.2 D110G ? ? 
2 water   nat water                                            18.015    54 ?       ?     ? ? 
# 
_entity_name_com.entity_id   1 
_entity_name_com.name        'Glutamine amidotransferase' 
# 
_entity_poly.entity_id                      1 
_entity_poly.type                           'polypeptide(L)' 
_entity_poly.nstd_linkage                   no 
_entity_poly.nstd_monomer                   no 
_entity_poly.pdbx_seq_one_letter_code       
;MIVILDNGGQYVHRIHRSLKYIGVSSKIVPNTTPLEEIESNKEVKGIILSGGPDIEKAKNCIDIALNAKLPILGICLGHQ
LIALAYGGEVGRAEAEEYALTKVYVDKENGLFKNVPREFNAWASHKDEVKKVPEGFEILAHSDICQVEAMKHKTKPIYGV
QFHPEVAHTEYGNEILKNFCKVCGYKFE
;
_entity_poly.pdbx_seq_one_letter_code_can   
;MIVILDNGGQYVHRIHRSLKYIGVSSKIVPNTTPLEEIESNKEVKGIILSGGPDIEKAKNCIDIALNAKLPILGICLGHQ
LIALAYGGEVGRAEAEEYALTKVYVDKENGLFKNVPREFNAWASHKDEVKKVPEGFEILAHSDICQVEAMKHKTKPIYGV
QFHPEVAHTEYGNEILKNFCKVCGYKFE
;
_entity_poly.pdbx_strand_id                 A 
_entity_poly.pdbx_target_identifier         ? 
# 
loop_
_entity_poly_seq.entity_id 
_entity_poly_seq.num 
_entity_poly_seq.mon_id 
_entity_poly_seq.hetero 
1 1   MET n 
1 2   ILE n 
1 3   VAL n 
1 4   ILE n 
1 5   LEU n 
1 6   ASP n 
1 7   ASN n 
1 8   GLY n 
1 9   GLY n 
1 10  GLN n 
1 11  TYR n 
1 12  VAL n 
1 13  HIS n 
1 14  ARG n 
1 15  ILE n 
1 16  HIS n 
1 17  ARG n 
1 18  SER n 
1 19  LEU n 
1 20  LYS n 
1 21  TYR n 
1 22  ILE n 
1 23  GLY n 
1 24  VAL n 
1 25  SER n 
1 26  SER n 
1 27  LYS n 
1 28  ILE n 
1 29  VAL n 
1 30  PRO n 
1 31  ASN n 
1 32  THR n 
1 33  THR n 
1 34  PRO n 
1 35  LEU n 
1 36  GLU n 
1 37  GLU n 
1 38  ILE n 
1 39  GLU n 
1 40  SER n 
1 41  ASN n 
1 42  LYS n 
1 43  GLU n 
1 44  VAL n 
1 45  LYS n 
1 46  GLY n 
1 47  ILE n 
1 48  ILE n 
1 49  LEU n 
1 50  SER n 
1 51  GLY n 
1 52  GLY n 
1 53  PRO n 
1 54  ASP n 
1 55  ILE n 
1 56  GLU n 
1 57  LYS n 
1 58  ALA n 
1 59  LYS n 
1 60  ASN n 
1 61  CYS n 
1 62  ILE n 
1 63  ASP n 
1 64  ILE n 
1 65  ALA n 
1 66  LEU n 
1 67  ASN n 
1 68  ALA n 
1 69  LYS n 
1 70  LEU n 
1 71  PRO n 
1 72  ILE n 
1 73  LEU n 
1 74  GLY n 
1 75  ILE n 
1 76  CYS n 
1 77  LEU n 
1 78  GLY n 
1 79  HIS n 
1 80  GLN n 
1 81  LEU n 
1 82  ILE n 
1 83  ALA n 
1 84  LEU n 
1 85  ALA n 
1 86  TYR n 
1 87  GLY n 
1 88  GLY n 
1 89  GLU n 
1 90  VAL n 
1 91  GLY n 
1 92  ARG n 
1 93  ALA n 
1 94  GLU n 
1 95  ALA n 
1 96  GLU n 
1 97  GLU n 
1 98  TYR n 
1 99  ALA n 
1 100 LEU n 
1 101 THR n 
1 102 LYS n 
1 103 VAL n 
1 104 TYR n 
1 105 VAL n 
1 106 ASP n 
1 107 LYS n 
1 108 GLU n 
1 109 ASN n 
1 110 GLY n 
1 111 LEU n 
1 112 PHE n 
1 113 LYS n 
1 114 ASN n 
1 115 VAL n 
1 116 PRO n 
1 117 ARG n 
1 118 GLU n 
1 119 PHE n 
1 120 ASN n 
1 121 ALA n 
1 122 TRP n 
1 123 ALA n 
1 124 SER n 
1 125 HIS n 
1 126 LYS n 
1 127 ASP n 
1 128 GLU n 
1 129 VAL n 
1 130 LYS n 
1 131 LYS n 
1 132 VAL n 
1 133 PRO n 
1 134 GLU n 
1 135 GLY n 
1 136 PHE n 
1 137 GLU n 
1 138 ILE n 
1 139 LEU n 
1 140 ALA n 
1 141 HIS n 
1 142 SER n 
1 143 ASP n 
1 144 ILE n 
1 145 CYS n 
1 146 GLN n 
1 147 VAL n 
1 148 GLU n 
1 149 ALA n 
1 150 MET n 
1 151 LYS n 
1 152 HIS n 
1 153 LYS n 
1 154 THR n 
1 155 LYS n 
1 156 PRO n 
1 157 ILE n 
1 158 TYR n 
1 159 GLY n 
1 160 VAL n 
1 161 GLN n 
1 162 PHE n 
1 163 HIS n 
1 164 PRO n 
1 165 GLU n 
1 166 VAL n 
1 167 ALA n 
1 168 HIS n 
1 169 THR n 
1 170 GLU n 
1 171 TYR n 
1 172 GLY n 
1 173 ASN n 
1 174 GLU n 
1 175 ILE n 
1 176 LEU n 
1 177 LYS n 
1 178 ASN n 
1 179 PHE n 
1 180 CYS n 
1 181 LYS n 
1 182 VAL n 
1 183 CYS n 
1 184 GLY n 
1 185 TYR n 
1 186 LYS n 
1 187 PHE n 
1 188 GLU n 
# 
_entity_src_gen.entity_id                          1 
_entity_src_gen.pdbx_src_id                        1 
_entity_src_gen.pdbx_alt_source_flag               sample 
_entity_src_gen.pdbx_seq_type                      'Biological sequence' 
_entity_src_gen.pdbx_beg_seq_num                   1 
_entity_src_gen.pdbx_end_seq_num                   188 
_entity_src_gen.gene_src_common_name               ? 
_entity_src_gen.gene_src_genus                     ? 
_entity_src_gen.pdbx_gene_src_gene                 'guaAA, MJ1575' 
_entity_src_gen.gene_src_species                   ? 
_entity_src_gen.gene_src_strain                    'DSM 2661' 
_entity_src_gen.gene_src_tissue                    ? 
_entity_src_gen.gene_src_tissue_fraction           ? 
_entity_src_gen.gene_src_details                   ? 
_entity_src_gen.pdbx_gene_src_fragment             ? 
_entity_src_gen.pdbx_gene_src_scientific_name      'Methanocaldococcus jannaschii DSM 2661' 
_entity_src_gen.pdbx_gene_src_ncbi_taxonomy_id     243232 
_entity_src_gen.pdbx_gene_src_variant              ? 
_entity_src_gen.pdbx_gene_src_cell_line            ? 
_entity_src_gen.pdbx_gene_src_atcc                 ? 
_entity_src_gen.pdbx_gene_src_organ                ? 
_entity_src_gen.pdbx_gene_src_organelle            ? 
_entity_src_gen.pdbx_gene_src_cell                 ? 
_entity_src_gen.pdbx_gene_src_cellular_location    ? 
_entity_src_gen.host_org_common_name               ? 
_entity_src_gen.pdbx_host_org_scientific_name      'Escherichia coli' 
_entity_src_gen.pdbx_host_org_ncbi_taxonomy_id     562 
_entity_src_gen.host_org_genus                     ? 
_entity_src_gen.pdbx_host_org_gene                 ? 
_entity_src_gen.pdbx_host_org_organ                ? 
_entity_src_gen.host_org_species                   ? 
_entity_src_gen.pdbx_host_org_tissue               ? 
_entity_src_gen.pdbx_host_org_tissue_fraction      ? 
_entity_src_gen.pdbx_host_org_strain               ? 
_entity_src_gen.pdbx_host_org_variant              ? 
_entity_src_gen.pdbx_host_org_cell_line            ? 
_entity_src_gen.pdbx_host_org_atcc                 ? 
_entity_src_gen.pdbx_host_org_culture_collection   ? 
_entity_src_gen.pdbx_host_org_cell                 ? 
_entity_src_gen.pdbx_host_org_organelle            ? 
_entity_src_gen.pdbx_host_org_cellular_location    ? 
_entity_src_gen.pdbx_host_org_vector_type          ? 
_entity_src_gen.pdbx_host_org_vector               ? 
_entity_src_gen.host_org_details                   ? 
_entity_src_gen.expression_system_id               ? 
_entity_src_gen.plasmid_name                       ? 
_entity_src_gen.plasmid_details                    ? 
_entity_src_gen.pdbx_description                   ? 
# 
_struct_ref.id                         1 
_struct_ref.db_name                    UNP 
_struct_ref.db_code                    GUAAA_METJA 
_struct_ref.pdbx_db_accession          Q58970 
_struct_ref.pdbx_db_isoform            ? 
_struct_ref.entity_id                  1 
_struct_ref.pdbx_seq_one_letter_code   
;MIVILDNGGQYVHRIHRSLKYIGVSSKIVPNTTPLEEIESNKEVKGIILSGGPDIEKAKNCIDIALNAKLPILGICLGHQ
LIALAYGGEVGRAEAEEYALTKVYVDKENDLFKNVPREFNAWASHKDEVKKVPEGFEILAHSDICQVEAMKHKTKPIYGV
QFHPEVAHTEYGNEILKNFCKVCGYKFE
;
_struct_ref.pdbx_align_begin           1 
# 
_struct_ref_seq.align_id                      1 
_struct_ref_seq.ref_id                        1 
_struct_ref_seq.pdbx_PDB_id_code              7D96 
_struct_ref_seq.pdbx_strand_id                A 
_struct_ref_seq.seq_align_beg                 1 
_struct_ref_seq.pdbx_seq_align_beg_ins_code   ? 
_struct_ref_seq.seq_align_end                 188 
_struct_ref_seq.pdbx_seq_align_end_ins_code   ? 
_struct_ref_seq.pdbx_db_accession             Q58970 
_struct_ref_seq.db_align_beg                  1 
_struct_ref_seq.pdbx_db_align_beg_ins_code    ? 
_struct_ref_seq.db_align_end                  188 
_struct_ref_seq.pdbx_db_align_end_ins_code    ? 
_struct_ref_seq.pdbx_auth_seq_align_beg       1 
_struct_ref_seq.pdbx_auth_seq_align_end       188 
# 
_struct_ref_seq_dif.align_id                     1 
_struct_ref_seq_dif.pdbx_pdb_id_code             7D96 
_struct_ref_seq_dif.mon_id                       GLY 
_struct_ref_seq_dif.pdbx_pdb_strand_id           A 
_struct_ref_seq_dif.seq_num                      110 
_struct_ref_seq_dif.pdbx_pdb_ins_code            ? 
_struct_ref_seq_dif.pdbx_seq_db_name             UNP 
_struct_ref_seq_dif.pdbx_seq_db_accession_code   Q58970 
_struct_ref_seq_dif.db_mon_id                    ASP 
_struct_ref_seq_dif.pdbx_seq_db_seq_num          110 
_struct_ref_seq_dif.details                      'engineered mutation' 
_struct_ref_seq_dif.pdbx_auth_seq_num            110 
_struct_ref_seq_dif.pdbx_ordinal                 1 
# 
loop_
_chem_comp.id 
_chem_comp.type 
_chem_comp.mon_nstd_flag 
_chem_comp.name 
_chem_comp.pdbx_synonyms 
_chem_comp.formula 
_chem_comp.formula_weight 
ALA 'L-peptide linking' y ALANINE         ? 'C3 H7 N O2'     89.093  
ARG 'L-peptide linking' y ARGININE        ? 'C6 H15 N4 O2 1' 175.209 
ASN 'L-peptide linking' y ASPARAGINE      ? 'C4 H8 N2 O3'    132.118 
ASP 'L-peptide linking' y 'ASPARTIC ACID' ? 'C4 H7 N O4'     133.103 
CYS 'L-peptide linking' y CYSTEINE        ? 'C3 H7 N O2 S'   121.158 
GLN 'L-peptide linking' y GLUTAMINE       ? 'C5 H10 N2 O3'   146.144 
GLU 'L-peptide linking' y 'GLUTAMIC ACID' ? 'C5 H9 N O4'     147.129 
GLY 'peptide linking'   y GLYCINE         ? 'C2 H5 N O2'     75.067  
HIS 'L-peptide linking' y HISTIDINE       ? 'C6 H10 N3 O2 1' 156.162 
HOH non-polymer         . WATER           ? 'H2 O'           18.015  
ILE 'L-peptide linking' y ISOLEUCINE      ? 'C6 H13 N O2'    131.173 
LEU 'L-peptide linking' y LEUCINE         ? 'C6 H13 N O2'    131.173 
LYS 'L-peptide linking' y LYSINE          ? 'C6 H15 N2 O2 1' 147.195 
MET 'L-peptide linking' y METHIONINE      ? 'C5 H11 N O2 S'  149.211 
PHE 'L-peptide linking' y PHENYLALANINE   ? 'C9 H11 N O2'    165.189 
PRO 'L-peptide linking' y PROLINE         ? 'C5 H9 N O2'     115.130 
SER 'L-peptide linking' y SERINE          ? 'C3 H7 N O3'     105.093 
THR 'L-peptide linking' y THREONINE       ? 'C4 H9 N O3'     119.119 
TRP 'L-peptide linking' y TRYPTOPHAN      ? 'C11 H12 N2 O2'  204.225 
TYR 'L-peptide linking' y TYROSINE        ? 'C9 H11 N O3'    181.189 
VAL 'L-peptide linking' y VALINE          ? 'C5 H11 N O2'    117.146 
# 
_exptl.absorpt_coefficient_mu     ? 
_exptl.absorpt_correction_T_max   ? 
_exptl.absorpt_correction_T_min   ? 
_exptl.absorpt_correction_type    ? 
_exptl.absorpt_process_details    ? 
_exptl.entry_id                   7D96 
_exptl.crystals_number            1 
_exptl.details                    ? 
_exptl.method                     'X-RAY DIFFRACTION' 
_exptl.method_details             ? 
# 
_exptl_crystal.colour                      ? 
_exptl_crystal.density_diffrn              ? 
_exptl_crystal.density_Matthews            2.27 
_exptl_crystal.density_method              ? 
_exptl_crystal.density_percent_sol         45.90 
_exptl_crystal.description                 ? 
_exptl_crystal.F_000                       ? 
_exptl_crystal.id                          1 
_exptl_crystal.preparation                 ? 
_exptl_crystal.size_max                    ? 
_exptl_crystal.size_mid                    ? 
_exptl_crystal.size_min                    ? 
_exptl_crystal.size_rad                    ? 
_exptl_crystal.colour_lustre               ? 
_exptl_crystal.colour_modifier             ? 
_exptl_crystal.colour_primary              ? 
_exptl_crystal.density_meas                ? 
_exptl_crystal.density_meas_esd            ? 
_exptl_crystal.density_meas_gt             ? 
_exptl_crystal.density_meas_lt             ? 
_exptl_crystal.density_meas_temp           ? 
_exptl_crystal.density_meas_temp_esd       ? 
_exptl_crystal.density_meas_temp_gt        ? 
_exptl_crystal.density_meas_temp_lt        ? 
_exptl_crystal.pdbx_crystal_image_url      ? 
_exptl_crystal.pdbx_crystal_image_format   ? 
_exptl_crystal.pdbx_mosaicity              ? 
_exptl_crystal.pdbx_mosaicity_esd          ? 
# 
_exptl_crystal_grow.apparatus       ? 
_exptl_crystal_grow.atmosphere      ? 
_exptl_crystal_grow.crystal_id      1 
_exptl_crystal_grow.details         ? 
_exptl_crystal_grow.method          MICROBATCH 
_exptl_crystal_grow.method_ref      ? 
_exptl_crystal_grow.pH              5.6 
_exptl_crystal_grow.pressure        ? 
_exptl_crystal_grow.pressure_esd    ? 
_exptl_crystal_grow.seeding         ? 
_exptl_crystal_grow.seeding_ref     ? 
_exptl_crystal_grow.temp            277 
_exptl_crystal_grow.temp_details    ? 
_exptl_crystal_grow.temp_esd        ? 
_exptl_crystal_grow.time            ? 
_exptl_crystal_grow.pdbx_details    '100 mM Sodium acetate, pH 5.6, 10 % PEG 6000' 
_exptl_crystal_grow.pdbx_pH_range   ? 
# 
_diffrn.ambient_environment              ? 
_diffrn.ambient_temp                     277 
_diffrn.ambient_temp_details             ? 
_diffrn.ambient_temp_esd                 ? 
_diffrn.crystal_id                       1 
_diffrn.crystal_support                  ? 
_diffrn.crystal_treatment                ? 
_diffrn.details                          ? 
_diffrn.id                               1 
_diffrn.ambient_pressure                 ? 
_diffrn.ambient_pressure_esd             ? 
_diffrn.ambient_pressure_gt              ? 
_diffrn.ambient_pressure_lt              ? 
_diffrn.ambient_temp_gt                  ? 
_diffrn.ambient_temp_lt                  ? 
_diffrn.pdbx_serial_crystal_experiment   N 
# 
_diffrn_detector.details                      ? 
_diffrn_detector.detector                     'IMAGE PLATE' 
_diffrn_detector.diffrn_id                    1 
_diffrn_detector.type                         'MAR scanner 345 mm plate' 
_diffrn_detector.area_resol_mean              ? 
_diffrn_detector.dtime                        ? 
_diffrn_detector.pdbx_frames_total            ? 
_diffrn_detector.pdbx_collection_time_total   ? 
_diffrn_detector.pdbx_collection_date         2017-11-24 
_diffrn_detector.pdbx_frequency               ? 
# 
_diffrn_radiation.collimation                      ? 
_diffrn_radiation.diffrn_id                        1 
_diffrn_radiation.filter_edge                      ? 
_diffrn_radiation.inhomogeneity                    ? 
_diffrn_radiation.monochromator                    ? 
_diffrn_radiation.polarisn_norm                    ? 
_diffrn_radiation.polarisn_ratio                   ? 
_diffrn_radiation.probe                            ? 
_diffrn_radiation.type                             ? 
_diffrn_radiation.xray_symbol                      ? 
_diffrn_radiation.wavelength_id                    1 
_diffrn_radiation.pdbx_monochromatic_or_laue_m_l   M 
_diffrn_radiation.pdbx_wavelength_list             ? 
_diffrn_radiation.pdbx_wavelength                  ? 
_diffrn_radiation.pdbx_diffrn_protocol             'SINGLE WAVELENGTH' 
_diffrn_radiation.pdbx_analyzer                    ? 
_diffrn_radiation.pdbx_scattering_type             x-ray 
# 
_diffrn_radiation_wavelength.id           1 
_diffrn_radiation_wavelength.wavelength   1.54179 
_diffrn_radiation_wavelength.wt           1.0 
# 
_diffrn_source.current                     ? 
_diffrn_source.details                     ? 
_diffrn_source.diffrn_id                   1 
_diffrn_source.power                       ? 
_diffrn_source.size                        ? 
_diffrn_source.source                      'ROTATING ANODE' 
_diffrn_source.target                      ? 
_diffrn_source.type                        'BRUKER AXS MICROSTAR' 
_diffrn_source.voltage                     ? 
_diffrn_source.take-off_angle              ? 
_diffrn_source.pdbx_wavelength_list        1.54179 
_diffrn_source.pdbx_wavelength             ? 
_diffrn_source.pdbx_synchrotron_beamline   ? 
_diffrn_source.pdbx_synchrotron_site       ? 
# 
_reflns.B_iso_Wilson_estimate            ? 
_reflns.entry_id                         7D96 
_reflns.data_reduction_details           ? 
_reflns.data_reduction_method            ? 
_reflns.d_resolution_high                2.29 
_reflns.d_resolution_low                 50.99 
_reflns.details                          ? 
_reflns.limit_h_max                      ? 
_reflns.limit_h_min                      ? 
_reflns.limit_k_max                      ? 
_reflns.limit_k_min                      ? 
_reflns.limit_l_max                      ? 
_reflns.limit_l_min                      ? 
_reflns.number_all                       ? 
_reflns.number_obs                       8066 
_reflns.observed_criterion               ? 
_reflns.observed_criterion_F_max         ? 
_reflns.observed_criterion_F_min         ? 
_reflns.observed_criterion_I_max         ? 
_reflns.observed_criterion_I_min         ? 
_reflns.observed_criterion_sigma_F       ? 
_reflns.observed_criterion_sigma_I       ? 
_reflns.percent_possible_obs             89.3 
_reflns.R_free_details                   ? 
_reflns.Rmerge_F_all                     ? 
_reflns.Rmerge_F_obs                     ? 
_reflns.Friedel_coverage                 ? 
_reflns.number_gt                        ? 
_reflns.threshold_expression             ? 
_reflns.pdbx_redundancy                  4.7 
_reflns.pdbx_Rmerge_I_obs                ? 
_reflns.pdbx_Rmerge_I_all                ? 
_reflns.pdbx_Rsym_value                  ? 
_reflns.pdbx_netI_over_av_sigmaI         ? 
_reflns.pdbx_netI_over_sigmaI            4.02 
_reflns.pdbx_res_netI_over_av_sigmaI_2   ? 
_reflns.pdbx_res_netI_over_sigmaI_2      ? 
_reflns.pdbx_chi_squared                 ? 
_reflns.pdbx_scaling_rejects             ? 
_reflns.pdbx_d_res_high_opt              ? 
_reflns.pdbx_d_res_low_opt               ? 
_reflns.pdbx_d_res_opt_method            ? 
_reflns.phase_calculation_details        ? 
_reflns.pdbx_Rrim_I_all                  ? 
_reflns.pdbx_Rpim_I_all                  ? 
_reflns.pdbx_d_opt                       ? 
_reflns.pdbx_number_measured_all         ? 
_reflns.pdbx_diffrn_id                   1 
_reflns.pdbx_ordinal                     1 
_reflns.pdbx_CC_half                     0.970 
_reflns.pdbx_CC_star                     ? 
_reflns.pdbx_R_split                     ? 
# 
_reflns_shell.d_res_high                  2.29 
_reflns_shell.d_res_low                   2.41 
_reflns_shell.meanI_over_sigI_all         ? 
_reflns_shell.meanI_over_sigI_obs         ? 
_reflns_shell.number_measured_all         ? 
_reflns_shell.number_measured_obs         ? 
_reflns_shell.number_possible             ? 
_reflns_shell.number_unique_all           ? 
_reflns_shell.number_unique_obs           1258 
_reflns_shell.percent_possible_all        ? 
_reflns_shell.percent_possible_obs        ? 
_reflns_shell.Rmerge_F_all                ? 
_reflns_shell.Rmerge_F_obs                ? 
_reflns_shell.Rmerge_I_all                ? 
_reflns_shell.Rmerge_I_obs                ? 
_reflns_shell.meanI_over_sigI_gt          ? 
_reflns_shell.meanI_over_uI_all           ? 
_reflns_shell.meanI_over_uI_gt            ? 
_reflns_shell.number_measured_gt          ? 
_reflns_shell.number_unique_gt            ? 
_reflns_shell.percent_possible_gt         ? 
_reflns_shell.Rmerge_F_gt                 ? 
_reflns_shell.Rmerge_I_gt                 ? 
_reflns_shell.pdbx_redundancy             ? 
_reflns_shell.pdbx_Rsym_value             ? 
_reflns_shell.pdbx_chi_squared            ? 
_reflns_shell.pdbx_netI_over_sigmaI_all   ? 
_reflns_shell.pdbx_netI_over_sigmaI_obs   ? 
_reflns_shell.pdbx_Rrim_I_all             ? 
_reflns_shell.pdbx_Rpim_I_all             ? 
_reflns_shell.pdbx_rejects                ? 
_reflns_shell.pdbx_ordinal                1 
_reflns_shell.pdbx_diffrn_id              1 
_reflns_shell.pdbx_CC_half                0.881 
_reflns_shell.pdbx_CC_star                ? 
_reflns_shell.pdbx_R_split                ? 
# 
_refine.aniso_B[1][1]                            -0.4700 
_refine.aniso_B[1][2]                            -0.0000 
_refine.aniso_B[1][3]                            -0.0000 
_refine.aniso_B[2][2]                            -0.8000 
_refine.aniso_B[2][3]                            0.0000 
_refine.aniso_B[3][3]                            1.2700 
_refine.B_iso_max                                52.760 
_refine.B_iso_mean                               17.0900 
_refine.B_iso_min                                4.940 
_refine.correlation_coeff_Fo_to_Fc               0.9170 
_refine.correlation_coeff_Fo_to_Fc_free          0.8470 
_refine.details                                  
'HYDROGENS HAVE BEEN ADDED IN THE RIDING POSITIONS U VALUES      : REFINED INDIVIDUALLY' 
_refine.diff_density_max                         ? 
_refine.diff_density_max_esd                     ? 
_refine.diff_density_min                         ? 
_refine.diff_density_min_esd                     ? 
_refine.diff_density_rms                         ? 
_refine.diff_density_rms_esd                     ? 
_refine.entry_id                                 7D96 
_refine.pdbx_refine_id                           'X-RAY DIFFRACTION' 
_refine.ls_abs_structure_details                 ? 
_refine.ls_abs_structure_Flack                   ? 
_refine.ls_abs_structure_Flack_esd               ? 
_refine.ls_abs_structure_Rogers                  ? 
_refine.ls_abs_structure_Rogers_esd              ? 
_refine.ls_d_res_high                            2.2900 
_refine.ls_d_res_low                             50.9900 
_refine.ls_extinction_coef                       ? 
_refine.ls_extinction_coef_esd                   ? 
_refine.ls_extinction_expression                 ? 
_refine.ls_extinction_method                     ? 
_refine.ls_goodness_of_fit_all                   ? 
_refine.ls_goodness_of_fit_all_esd               ? 
_refine.ls_goodness_of_fit_obs                   ? 
_refine.ls_goodness_of_fit_obs_esd               ? 
_refine.ls_hydrogen_treatment                    ? 
_refine.ls_matrix_type                           ? 
_refine.ls_number_constraints                    ? 
_refine.ls_number_parameters                     ? 
_refine.ls_number_reflns_all                     ? 
_refine.ls_number_reflns_obs                     7632 
_refine.ls_number_reflns_R_free                  417 
_refine.ls_number_reflns_R_work                  ? 
_refine.ls_number_restraints                     ? 
_refine.ls_percent_reflns_obs                    88.6400 
_refine.ls_percent_reflns_R_free                 5.2000 
_refine.ls_R_factor_all                          ? 
_refine.ls_R_factor_obs                          0.2141 
_refine.ls_R_factor_R_free                       0.2873 
_refine.ls_R_factor_R_free_error                 ? 
_refine.ls_R_factor_R_free_error_details         ? 
_refine.ls_R_factor_R_work                       0.2102 
_refine.ls_R_Fsqd_factor_obs                     ? 
_refine.ls_R_I_factor_obs                        ? 
_refine.ls_redundancy_reflns_all                 ? 
_refine.ls_redundancy_reflns_obs                 ? 
_refine.ls_restrained_S_all                      ? 
_refine.ls_restrained_S_obs                      ? 
_refine.ls_shift_over_esd_max                    ? 
_refine.ls_shift_over_esd_mean                   ? 
_refine.ls_structure_factor_coef                 ? 
_refine.ls_weighting_details                     ? 
_refine.ls_weighting_scheme                      ? 
_refine.ls_wR_factor_all                         ? 
_refine.ls_wR_factor_obs                         ? 
_refine.ls_wR_factor_R_free                      ? 
_refine.ls_wR_factor_R_work                      ? 
_refine.occupancy_max                            ? 
_refine.occupancy_min                            ? 
_refine.solvent_model_details                    MASK 
_refine.solvent_model_param_bsol                 ? 
_refine.solvent_model_param_ksol                 ? 
_refine.pdbx_R_complete                          ? 
_refine.ls_R_factor_gt                           ? 
_refine.ls_goodness_of_fit_gt                    ? 
_refine.ls_goodness_of_fit_ref                   ? 
_refine.ls_shift_over_su_max                     ? 
_refine.ls_shift_over_su_max_lt                  ? 
_refine.ls_shift_over_su_mean                    ? 
_refine.ls_shift_over_su_mean_lt                 ? 
_refine.pdbx_ls_sigma_I                          ? 
_refine.pdbx_ls_sigma_F                          0.000 
_refine.pdbx_ls_sigma_Fsqd                       ? 
_refine.pdbx_data_cutoff_high_absF               ? 
_refine.pdbx_data_cutoff_high_rms_absF           ? 
_refine.pdbx_data_cutoff_low_absF                ? 
_refine.pdbx_isotropic_thermal_model             ? 
_refine.pdbx_ls_cross_valid_method               THROUGHOUT 
_refine.pdbx_method_to_determine_struct          'MOLECULAR REPLACEMENT' 
_refine.pdbx_starting_model                      7D40 
_refine.pdbx_stereochemistry_target_values       'MAXIMUM LIKELIHOOD' 
_refine.pdbx_R_Free_selection_details            RANDOM 
_refine.pdbx_stereochem_target_val_spec_case     ? 
_refine.pdbx_overall_ESU_R                       0.4710 
_refine.pdbx_overall_ESU_R_Free                  0.3060 
_refine.pdbx_solvent_vdw_probe_radii             1.2000 
_refine.pdbx_solvent_ion_probe_radii             0.8000 
_refine.pdbx_solvent_shrinkage_radii             0.8000 
_refine.pdbx_real_space_R                        ? 
_refine.pdbx_density_correlation                 ? 
_refine.pdbx_pd_number_of_powder_patterns        ? 
_refine.pdbx_pd_number_of_points                 ? 
_refine.pdbx_pd_meas_number_of_points            ? 
_refine.pdbx_pd_proc_ls_prof_R_factor            ? 
_refine.pdbx_pd_proc_ls_prof_wR_factor           ? 
_refine.pdbx_pd_Marquardt_correlation_coeff      ? 
_refine.pdbx_pd_Fsqrd_R_factor                   ? 
_refine.pdbx_pd_ls_matrix_band_width             ? 
_refine.pdbx_overall_phase_error                 ? 
_refine.pdbx_overall_SU_R_free_Cruickshank_DPI   ? 
_refine.pdbx_overall_SU_R_free_Blow_DPI          ? 
_refine.pdbx_overall_SU_R_Blow_DPI               ? 
_refine.pdbx_TLS_residual_ADP_flag               ? 
_refine.pdbx_diffrn_id                           1 
_refine.overall_SU_B                             8.6390 
_refine.overall_SU_ML                            0.2120 
_refine.overall_SU_R_Cruickshank_DPI             ? 
_refine.overall_SU_R_free                        ? 
_refine.overall_FOM_free_R_set                   ? 
_refine.overall_FOM_work_R_set                   ? 
_refine.pdbx_average_fsc_overall                 ? 
_refine.pdbx_average_fsc_work                    ? 
_refine.pdbx_average_fsc_free                    ? 
# 
_refine_hist.pdbx_refine_id                   'X-RAY DIFFRACTION' 
_refine_hist.cycle_id                         final 
_refine_hist.details                          ? 
_refine_hist.d_res_high                       2.2900 
_refine_hist.d_res_low                        50.9900 
_refine_hist.number_atoms_solvent             54 
_refine_hist.number_atoms_total               1475 
_refine_hist.number_reflns_all                ? 
_refine_hist.number_reflns_obs                ? 
_refine_hist.number_reflns_R_free             ? 
_refine_hist.number_reflns_R_work             ? 
_refine_hist.R_factor_all                     ? 
_refine_hist.R_factor_obs                     ? 
_refine_hist.R_factor_R_free                  ? 
_refine_hist.R_factor_R_work                  ? 
_refine_hist.pdbx_number_residues_total       185 
_refine_hist.pdbx_B_iso_mean_ligand           ? 
_refine_hist.pdbx_B_iso_mean_solvent          16.44 
_refine_hist.pdbx_number_atoms_protein        1421 
_refine_hist.pdbx_number_atoms_nucleic_acid   0 
_refine_hist.pdbx_number_atoms_ligand         0 
_refine_hist.pdbx_number_atoms_lipid          ? 
_refine_hist.pdbx_number_atoms_carb           ? 
_refine_hist.pdbx_pseudo_atom_details         ? 
# 
loop_
_refine_ls_restr.pdbx_refine_id 
_refine_ls_restr.criterion 
_refine_ls_restr.dev_ideal 
_refine_ls_restr.dev_ideal_target 
_refine_ls_restr.number 
_refine_ls_restr.rejects 
_refine_ls_restr.type 
_refine_ls_restr.weight 
_refine_ls_restr.pdbx_restraint_function 
'X-RAY DIFFRACTION' ? 0.009  0.013  1451 ? r_bond_refined_d       ? ? 
'X-RAY DIFFRACTION' ? 0.001  0.017  1362 ? r_bond_other_d         ? ? 
'X-RAY DIFFRACTION' ? 1.605  1.633  1962 ? r_angle_refined_deg    ? ? 
'X-RAY DIFFRACTION' ? 1.256  1.574  3168 ? r_angle_other_deg      ? ? 
'X-RAY DIFFRACTION' ? 7.388  5.000  183  ? r_dihedral_angle_1_deg ? ? 
'X-RAY DIFFRACTION' ? 31.162 24.677 62   ? r_dihedral_angle_2_deg ? ? 
'X-RAY DIFFRACTION' ? 16.649 15.000 249  ? r_dihedral_angle_3_deg ? ? 
'X-RAY DIFFRACTION' ? 27.959 15.000 3    ? r_dihedral_angle_4_deg ? ? 
'X-RAY DIFFRACTION' ? 0.070  0.200  193  ? r_chiral_restr         ? ? 
'X-RAY DIFFRACTION' ? 0.007  0.020  1602 ? r_gen_planes_refined   ? ? 
'X-RAY DIFFRACTION' ? 0.001  0.020  272  ? r_gen_planes_other     ? ? 
# 
_refine_ls_shell.pdbx_refine_id                   'X-RAY DIFFRACTION' 
_refine_ls_shell.d_res_high                       2.2900 
_refine_ls_shell.d_res_low                        2.3500 
_refine_ls_shell.number_reflns_all                634 
_refine_ls_shell.number_reflns_obs                ? 
_refine_ls_shell.number_reflns_R_free             33 
_refine_ls_shell.number_reflns_R_work             601 
_refine_ls_shell.percent_reflns_obs               99.5300 
_refine_ls_shell.percent_reflns_R_free            ? 
_refine_ls_shell.R_factor_all                     ? 
_refine_ls_shell.R_factor_obs                     ? 
_refine_ls_shell.R_factor_R_free                  0.2710 
_refine_ls_shell.R_factor_R_free_error            0.0000 
_refine_ls_shell.R_factor_R_work                  0.2090 
_refine_ls_shell.redundancy_reflns_all            ? 
_refine_ls_shell.redundancy_reflns_obs            ? 
_refine_ls_shell.wR_factor_all                    ? 
_refine_ls_shell.wR_factor_obs                    ? 
_refine_ls_shell.wR_factor_R_free                 ? 
_refine_ls_shell.wR_factor_R_work                 ? 
_refine_ls_shell.pdbx_R_complete                  ? 
_refine_ls_shell.pdbx_total_number_of_bins_used   20 
_refine_ls_shell.pdbx_phase_error                 ? 
_refine_ls_shell.pdbx_fsc_work                    ? 
_refine_ls_shell.pdbx_fsc_free                    ? 
# 
_struct.entry_id                     7D96 
_struct.title                        
'Crystal structure of D110G mutant of GATase subunit of Methanocaldococcus jannaschii GMP synthetase' 
_struct.pdbx_model_details           ? 
_struct.pdbx_formula_weight          ? 
_struct.pdbx_formula_weight_method   ? 
_struct.pdbx_model_type_details      ? 
_struct.pdbx_CASP_flag               N 
# 
_struct_keywords.entry_id        7D96 
_struct_keywords.text            'Deamidation, hyperthermostable glutamine amidotransferase, GATase_D110G, LIGASE' 
_struct_keywords.pdbx_keywords   LIGASE 
# 
loop_
_struct_asym.id 
_struct_asym.pdbx_blank_PDB_chainid_flag 
_struct_asym.pdbx_modified 
_struct_asym.entity_id 
_struct_asym.details 
A N N 1 ? 
B N N 2 ? 
# 
loop_
_struct_conf.conf_type_id 
_struct_conf.id 
_struct_conf.pdbx_PDB_helix_id 
_struct_conf.beg_label_comp_id 
_struct_conf.beg_label_asym_id 
_struct_conf.beg_label_seq_id 
_struct_conf.pdbx_beg_PDB_ins_code 
_struct_conf.end_label_comp_id 
_struct_conf.end_label_asym_id 
_struct_conf.end_label_seq_id 
_struct_conf.pdbx_end_PDB_ins_code 
_struct_conf.beg_auth_comp_id 
_struct_conf.beg_auth_asym_id 
_struct_conf.beg_auth_seq_id 
_struct_conf.end_auth_comp_id 
_struct_conf.end_auth_asym_id 
_struct_conf.end_auth_seq_id 
_struct_conf.pdbx_PDB_helix_class 
_struct_conf.details 
_struct_conf.pdbx_PDB_helix_length 
HELX_P HELX_P1 AA1 TYR A 11  ? ILE A 22  ? TYR A 11  ILE A 22  1 ? 12 
HELX_P HELX_P2 AA2 PRO A 34  ? ASN A 41  ? PRO A 34  ASN A 41  1 ? 8  
HELX_P HELX_P3 AA3 ASP A 54  ? ALA A 58  ? ASP A 54  ALA A 58  5 ? 5  
HELX_P HELX_P4 AA4 LYS A 59  ? ALA A 68  ? LYS A 59  ALA A 68  1 ? 10 
HELX_P HELX_P5 AA5 CYS A 76  ? TYR A 86  ? CYS A 76  TYR A 86  1 ? 11 
HELX_P HELX_P6 AA6 TYR A 171 ? CYS A 183 ? TYR A 171 CYS A 183 1 ? 13 
# 
_struct_conf_type.id          HELX_P 
_struct_conf_type.criteria    ? 
_struct_conf_type.reference   ? 
# 
_struct_sheet.id               AA1 
_struct_sheet.type             ? 
_struct_sheet.number_strands   9 
_struct_sheet.details          ? 
# 
loop_
_struct_sheet_order.sheet_id 
_struct_sheet_order.range_id_1 
_struct_sheet_order.range_id_2 
_struct_sheet_order.offset 
_struct_sheet_order.sense 
AA1 1 2 ? parallel      
AA1 2 3 ? parallel      
AA1 3 4 ? parallel      
AA1 4 5 ? parallel      
AA1 5 6 ? anti-parallel 
AA1 6 7 ? anti-parallel 
AA1 7 8 ? anti-parallel 
AA1 8 9 ? anti-parallel 
# 
loop_
_struct_sheet_range.sheet_id 
_struct_sheet_range.id 
_struct_sheet_range.beg_label_comp_id 
_struct_sheet_range.beg_label_asym_id 
_struct_sheet_range.beg_label_seq_id 
_struct_sheet_range.pdbx_beg_PDB_ins_code 
_struct_sheet_range.end_label_comp_id 
_struct_sheet_range.end_label_asym_id 
_struct_sheet_range.end_label_seq_id 
_struct_sheet_range.pdbx_end_PDB_ins_code 
_struct_sheet_range.beg_auth_comp_id 
_struct_sheet_range.beg_auth_asym_id 
_struct_sheet_range.beg_auth_seq_id 
_struct_sheet_range.end_auth_comp_id 
_struct_sheet_range.end_auth_asym_id 
_struct_sheet_range.end_auth_seq_id 
AA1 1 SER A 26  ? PRO A 30  ? SER A 26  PRO A 30  
AA1 2 ILE A 2   ? ASP A 6   ? ILE A 2   ASP A 6   
AA1 3 GLY A 46  ? LEU A 49  ? GLY A 46  LEU A 49  
AA1 4 ILE A 72  ? ILE A 75  ? ILE A 72  ILE A 75  
AA1 5 ILE A 157 ? VAL A 160 ? ILE A 157 VAL A 160 
AA1 6 CYS A 145 ? HIS A 152 ? CYS A 145 HIS A 152 
AA1 7 PHE A 136 ? SER A 142 ? PHE A 136 SER A 142 
AA1 8 GLU A 89  ? VAL A 105 ? GLU A 89  VAL A 105 
AA1 9 GLU A 118 ? LYS A 131 ? GLU A 118 LYS A 131 
# 
loop_
_pdbx_struct_sheet_hbond.sheet_id 
_pdbx_struct_sheet_hbond.range_id_1 
_pdbx_struct_sheet_hbond.range_id_2 
_pdbx_struct_sheet_hbond.range_1_label_atom_id 
_pdbx_struct_sheet_hbond.range_1_label_comp_id 
_pdbx_struct_sheet_hbond.range_1_label_asym_id 
_pdbx_struct_sheet_hbond.range_1_label_seq_id 
_pdbx_struct_sheet_hbond.range_1_PDB_ins_code 
_pdbx_struct_sheet_hbond.range_1_auth_atom_id 
_pdbx_struct_sheet_hbond.range_1_auth_comp_id 
_pdbx_struct_sheet_hbond.range_1_auth_asym_id 
_pdbx_struct_sheet_hbond.range_1_auth_seq_id 
_pdbx_struct_sheet_hbond.range_2_label_atom_id 
_pdbx_struct_sheet_hbond.range_2_label_comp_id 
_pdbx_struct_sheet_hbond.range_2_label_asym_id 
_pdbx_struct_sheet_hbond.range_2_label_seq_id 
_pdbx_struct_sheet_hbond.range_2_PDB_ins_code 
_pdbx_struct_sheet_hbond.range_2_auth_atom_id 
_pdbx_struct_sheet_hbond.range_2_auth_comp_id 
_pdbx_struct_sheet_hbond.range_2_auth_asym_id 
_pdbx_struct_sheet_hbond.range_2_auth_seq_id 
AA1 1 2 O VAL A 29  ? O VAL A 29  N ILE A 4   ? N ILE A 4   
AA1 2 3 N LEU A 5   ? N LEU A 5   O ILE A 48  ? O ILE A 48  
AA1 3 4 N LEU A 49  ? N LEU A 49  O ILE A 75  ? O ILE A 75  
AA1 4 5 N GLY A 74  ? N GLY A 74  O TYR A 158 ? O TYR A 158 
AA1 5 6 O ILE A 157 ? O ILE A 157 N HIS A 152 ? N HIS A 152 
AA1 6 7 O CYS A 145 ? O CYS A 145 N SER A 142 ? N SER A 142 
AA1 7 8 O HIS A 141 ? O HIS A 141 N TYR A 104 ? N TYR A 104 
AA1 8 9 N THR A 101 ? N THR A 101 O ALA A 121 ? O ALA A 121 
# 
_atom_sites.entry_id                    7D96 
_atom_sites.Cartn_transf_matrix[1][1]   ? 
_atom_sites.Cartn_transf_matrix[1][2]   ? 
_atom_sites.Cartn_transf_matrix[1][3]   ? 
_atom_sites.Cartn_transf_matrix[2][1]   ? 
_atom_sites.Cartn_transf_matrix[2][2]   ? 
_atom_sites.Cartn_transf_matrix[2][3]   ? 
_atom_sites.Cartn_transf_matrix[3][1]   ? 
_atom_sites.Cartn_transf_matrix[3][2]   ? 
_atom_sites.Cartn_transf_matrix[3][3]   ? 
_atom_sites.Cartn_transf_vector[1]      ? 
_atom_sites.Cartn_transf_vector[2]      ? 
_atom_sites.Cartn_transf_vector[3]      ? 
_atom_sites.fract_transf_matrix[1][1]   -0.02527282 
_atom_sites.fract_transf_matrix[1][2]   0.00387828 
_atom_sites.fract_transf_matrix[1][3]   0.01049823 
_atom_sites.fract_transf_matrix[2][1]   0.00360497 
_atom_sites.fract_transf_matrix[2][2]   -0.00850768 
_atom_sites.fract_transf_matrix[2][3]   0.01182132 
_atom_sites.fract_transf_matrix[3][1]   0.00411603 
_atom_sites.fract_transf_matrix[3][2]   0.01025045 
_atom_sites.fract_transf_matrix[3][3]   0.00612194 
_atom_sites.fract_transf_vector[1]      -0.178677 
_atom_sites.fract_transf_vector[2]      -0.172858 
_atom_sites.fract_transf_vector[3]      0.188876 
_atom_sites.solution_primary            ? 
_atom_sites.solution_secondary          ? 
_atom_sites.solution_hydrogens          ? 
_atom_sites.special_details             ? 
# 
loop_
_atom_type.symbol 
C 
N 
O 
S 
# 
loop_
_atom_site.group_PDB 
_atom_site.id 
_atom_site.type_symbol 
_atom_site.label_atom_id 
_atom_site.label_alt_id 
_atom_site.label_comp_id 
_atom_site.label_asym_id 
_atom_site.label_entity_id 
_atom_site.label_seq_id 
_atom_site.pdbx_PDB_ins_code 
_atom_site.Cartn_x 
_atom_site.Cartn_y 
_atom_site.Cartn_z 
_atom_site.occupancy 
_atom_site.B_iso_or_equiv 
_atom_site.pdbx_formal_charge 
_atom_site.auth_seq_id 
_atom_site.auth_comp_id 
_atom_site.auth_asym_id 
_atom_site.auth_atom_id 
_atom_site.pdbx_PDB_model_num 
ATOM   1    N N   . MET A 1 1   ? 13.752  10.113  0.013   1.00 26.21 ? 1   MET A N   1 
ATOM   2    C CA  . MET A 1 1   ? 13.843  8.752   -0.551  1.00 25.29 ? 1   MET A CA  1 
ATOM   3    C C   . MET A 1 1   ? 12.732  7.876   0.060   1.00 22.48 ? 1   MET A C   1 
ATOM   4    O O   . MET A 1 1   ? 12.547  7.890   1.296   1.00 20.32 ? 1   MET A O   1 
ATOM   5    C CB  . MET A 1 1   ? 15.228  8.157   -0.256  1.00 30.00 ? 1   MET A CB  1 
ATOM   6    C CG  . MET A 1 1   ? 15.374  6.656   -0.493  1.00 31.47 ? 1   MET A CG  1 
ATOM   7    S SD  . MET A 1 1   ? 16.266  6.313   -2.010  1.00 39.94 ? 1   MET A SD  1 
ATOM   8    C CE  . MET A 1 1   ? 15.246  7.164   -3.203  1.00 34.51 ? 1   MET A CE  1 
ATOM   9    N N   . ILE A 1 2   ? 12.026  7.144   -0.802  1.00 20.32 ? 2   ILE A N   1 
ATOM   10   C CA  . ILE A 1 2   ? 11.053  6.071   -0.447  1.00 18.67 ? 2   ILE A CA  1 
ATOM   11   C C   . ILE A 1 2   ? 11.722  4.720   -0.654  1.00 18.50 ? 2   ILE A C   1 
ATOM   12   O O   . ILE A 1 2   ? 12.365  4.547   -1.713  1.00 19.48 ? 2   ILE A O   1 
ATOM   13   C CB  . ILE A 1 2   ? 9.808   6.147   -1.336  1.00 17.78 ? 2   ILE A CB  1 
ATOM   14   C CG1 . ILE A 1 2   ? 9.105   7.492   -1.200  1.00 17.80 ? 2   ILE A CG1 1 
ATOM   15   C CG2 . ILE A 1 2   ? 8.884   4.979   -1.038  1.00 18.10 ? 2   ILE A CG2 1 
ATOM   16   C CD1 . ILE A 1 2   ? 8.304   7.626   0.052   1.00 18.75 ? 2   ILE A CD1 1 
ATOM   17   N N   . VAL A 1 3   ? 11.489  3.782   0.256   1.00 16.74 ? 3   VAL A N   1 
ATOM   18   C CA  . VAL A 1 3   ? 12.020  2.403   0.152   1.00 16.93 ? 3   VAL A CA  1 
ATOM   19   C C   . VAL A 1 3   ? 10.854  1.452   -0.146  1.00 16.45 ? 3   VAL A C   1 
ATOM   20   O O   . VAL A 1 3   ? 9.847   1.506   0.542   1.00 16.12 ? 3   VAL A O   1 
ATOM   21   C CB  . VAL A 1 3   ? 12.822  2.030   1.414   1.00 18.26 ? 3   VAL A CB  1 
ATOM   22   C CG1 . VAL A 1 3   ? 13.149  0.543   1.482   1.00 17.94 ? 3   VAL A CG1 1 
ATOM   23   C CG2 . VAL A 1 3   ? 14.110  2.853   1.485   1.00 18.56 ? 3   VAL A CG2 1 
ATOM   24   N N   . ILE A 1 4   ? 11.025  0.594   -1.150  1.00 16.64 ? 4   ILE A N   1 
ATOM   25   C CA  . ILE A 1 4   ? 9.989   -0.340  -1.666  1.00 16.51 ? 4   ILE A CA  1 
ATOM   26   C C   . ILE A 1 4   ? 10.501  -1.726  -1.301  1.00 16.69 ? 4   ILE A C   1 
ATOM   27   O O   . ILE A 1 4   ? 11.555  -2.079  -1.756  1.00 16.98 ? 4   ILE A O   1 
ATOM   28   C CB  . ILE A 1 4   ? 9.741   -0.171  -3.184  1.00 15.68 ? 4   ILE A CB  1 
ATOM   29   C CG1 . ILE A 1 4   ? 9.550   1.303   -3.573  1.00 15.44 ? 4   ILE A CG1 1 
ATOM   30   C CG2 . ILE A 1 4   ? 8.569   -1.025  -3.642  1.00 15.18 ? 4   ILE A CG2 1 
ATOM   31   C CD1 . ILE A 1 4   ? 9.794   1.592   -5.028  1.00 14.86 ? 4   ILE A CD1 1 
ATOM   32   N N   . LEU A 1 5   ? 9.793   -2.431  -0.428  1.00 17.79 ? 5   LEU A N   1 
ATOM   33   C CA  . LEU A 1 5   ? 10.067  -3.854  -0.174  1.00 17.72 ? 5   LEU A CA  1 
ATOM   34   C C   . LEU A 1 5   ? 9.471   -4.665  -1.315  1.00 17.55 ? 5   LEU A C   1 
ATOM   35   O O   . LEU A 1 5   ? 8.291   -4.464  -1.684  1.00 17.91 ? 5   LEU A O   1 
ATOM   36   C CB  . LEU A 1 5   ? 9.553   -4.264  1.202   1.00 18.82 ? 5   LEU A CB  1 
ATOM   37   C CG  . LEU A 1 5   ? 10.556  -3.905  2.294   1.00 19.53 ? 5   LEU A CG  1 
ATOM   38   C CD1 . LEU A 1 5   ? 10.343  -2.461  2.733   1.00 19.71 ? 5   LEU A CD1 1 
ATOM   39   C CD2 . LEU A 1 5   ? 10.483  -4.862  3.469   1.00 19.57 ? 5   LEU A CD2 1 
ATOM   40   N N   . ASP A 1 6   ? 10.323  -5.477  -1.922  1.00 16.42 ? 6   ASP A N   1 
ATOM   41   C CA  . ASP A 1 6   ? 9.936   -6.298  -3.085  1.00 15.25 ? 6   ASP A CA  1 
ATOM   42   C C   . ASP A 1 6   ? 9.365   -7.578  -2.489  1.00 14.69 ? 6   ASP A C   1 
ATOM   43   O O   . ASP A 1 6   ? 10.160  -8.368  -2.002  1.00 12.86 ? 6   ASP A O   1 
ATOM   44   C CB  . ASP A 1 6   ? 11.124  -6.493  -4.028  1.00 14.82 ? 6   ASP A CB  1 
ATOM   45   C CG  . ASP A 1 6   ? 10.881  -7.535  -5.098  1.00 15.19 ? 6   ASP A CG  1 
ATOM   46   O OD1 . ASP A 1 6   ? 9.694   -7.830  -5.401  1.00 15.11 ? 6   ASP A OD1 1 
ATOM   47   O OD2 . ASP A 1 6   ? 11.877  -8.083  -5.580  1.00 16.54 ? 6   ASP A OD2 1 
ATOM   48   N N   . ASN A 1 7   ? 8.034   -7.714  -2.484  1.00 14.06 ? 7   ASN A N   1 
ATOM   49   C CA  . ASN A 1 7   ? 7.336   -8.947  -2.046  1.00 14.97 ? 7   ASN A CA  1 
ATOM   50   C C   . ASN A 1 7   ? 7.130   -9.892  -3.233  1.00 15.12 ? 7   ASN A C   1 
ATOM   51   O O   . ASN A 1 7   ? 6.433   -10.907 -3.039  1.00 16.45 ? 7   ASN A O   1 
ATOM   52   C CB  . ASN A 1 7   ? 6.013   -8.648  -1.348  1.00 14.54 ? 7   ASN A CB  1 
ATOM   53   C CG  . ASN A 1 7   ? 6.208   -7.899  -0.060  1.00 14.16 ? 7   ASN A CG  1 
ATOM   54   O OD1 . ASN A 1 7   ? 7.095   -8.233  0.730   1.00 15.27 ? 7   ASN A OD1 1 
ATOM   55   N ND2 . ASN A 1 7   ? 5.372   -6.904  0.157   1.00 14.06 ? 7   ASN A ND2 1 
ATOM   56   N N   . GLY A 1 8   ? 7.731   -9.589  -4.389  1.00 15.81 ? 8   GLY A N   1 
ATOM   57   C CA  . GLY A 1 8   ? 7.904   -10.554 -5.489  1.00 15.74 ? 8   GLY A CA  1 
ATOM   58   C C   . GLY A 1 8   ? 6.957   -10.324 -6.657  1.00 15.65 ? 8   GLY A C   1 
ATOM   59   O O   . GLY A 1 8   ? 7.134   -11.003 -7.641  1.00 16.41 ? 8   GLY A O   1 
ATOM   60   N N   . GLY A 1 9   ? 6.013   -9.380  -6.565  1.00 16.39 ? 9   GLY A N   1 
ATOM   61   C CA  . GLY A 1 9   ? 4.948   -9.137  -7.559  1.00 14.79 ? 9   GLY A CA  1 
ATOM   62   C C   . GLY A 1 9   ? 5.482   -8.522  -8.842  1.00 14.80 ? 9   GLY A C   1 
ATOM   63   O O   . GLY A 1 9   ? 6.621   -8.044  -8.862  1.00 13.44 ? 9   GLY A O   1 
ATOM   64   N N   . GLN A 1 10  ? 4.639   -8.508  -9.875  1.00 16.09 ? 10  GLN A N   1 
ATOM   65   C CA  . GLN A 1 10  ? 4.962   -8.106  -11.269 1.00 16.25 ? 10  GLN A CA  1 
ATOM   66   C C   . GLN A 1 10  ? 5.046   -6.578  -11.345 1.00 15.59 ? 10  GLN A C   1 
ATOM   67   O O   . GLN A 1 10  ? 5.593   -6.101  -12.342 1.00 13.20 ? 10  GLN A O   1 
ATOM   68   C CB  . GLN A 1 10  ? 3.896   -8.621  -12.242 1.00 17.08 ? 10  GLN A CB  1 
ATOM   69   N N   . TYR A 1 11  ? 4.543   -5.846  -10.331 1.00 14.80 ? 11  TYR A N   1 
ATOM   70   C CA  . TYR A 1 11  ? 4.357   -4.365  -10.408 1.00 14.96 ? 11  TYR A CA  1 
ATOM   71   C C   . TYR A 1 11  ? 5.316   -3.567  -9.517  1.00 15.44 ? 11  TYR A C   1 
ATOM   72   O O   . TYR A 1 11  ? 4.999   -2.415  -9.300  1.00 17.50 ? 11  TYR A O   1 
ATOM   73   C CB  . TYR A 1 11  ? 2.907   -3.988  -10.093 1.00 13.96 ? 11  TYR A CB  1 
ATOM   74   C CG  . TYR A 1 11  ? 1.915   -4.381  -11.162 1.00 13.24 ? 11  TYR A CG  1 
ATOM   75   C CD1 . TYR A 1 11  ? 2.065   -3.998  -12.494 1.00 13.71 ? 11  TYR A CD1 1 
ATOM   76   C CD2 . TYR A 1 11  ? 0.847   -5.190  -10.852 1.00 13.12 ? 11  TYR A CD2 1 
ATOM   77   C CE1 . TYR A 1 11  ? 1.151   -4.378  -13.464 1.00 13.03 ? 11  TYR A CE1 1 
ATOM   78   C CE2 . TYR A 1 11  ? -0.063  -5.599  -11.812 1.00 13.16 ? 11  TYR A CE2 1 
ATOM   79   C CZ  . TYR A 1 11  ? 0.091   -5.196  -13.118 1.00 13.07 ? 11  TYR A CZ  1 
ATOM   80   O OH  . TYR A 1 11  ? -0.857  -5.616  -13.999 1.00 13.33 ? 11  TYR A OH  1 
ATOM   81   N N   . VAL A 1 12  ? 6.450   -4.116  -9.076  1.00 16.42 ? 12  VAL A N   1 
ATOM   82   C CA  . VAL A 1 12  ? 7.409   -3.466  -8.130  1.00 16.31 ? 12  VAL A CA  1 
ATOM   83   C C   . VAL A 1 12  ? 8.209   -2.377  -8.866  1.00 16.26 ? 12  VAL A C   1 
ATOM   84   O O   . VAL A 1 12  ? 8.308   -1.274  -8.326  1.00 15.24 ? 12  VAL A O   1 
ATOM   85   C CB  . VAL A 1 12  ? 8.331   -4.519  -7.487  1.00 18.03 ? 12  VAL A CB  1 
ATOM   86   C CG1 . VAL A 1 12  ? 9.431   -3.900  -6.626  1.00 18.69 ? 12  VAL A CG1 1 
ATOM   87   C CG2 . VAL A 1 12  ? 7.525   -5.512  -6.666  1.00 18.53 ? 12  VAL A CG2 1 
ATOM   88   N N   . HIS A 1 13  ? 8.742   -2.657  -10.060 1.00 15.94 ? 13  HIS A N   1 
ATOM   89   C CA  . HIS A 1 13  ? 9.487   -1.654  -10.874 1.00 16.06 ? 13  HIS A CA  1 
ATOM   90   C C   . HIS A 1 13  ? 8.529   -0.516  -11.258 1.00 15.95 ? 13  HIS A C   1 
ATOM   91   O O   . HIS A 1 13  ? 8.965   0.648   -11.319 1.00 16.73 ? 13  HIS A O   1 
ATOM   92   C CB  . HIS A 1 13  ? 10.153  -2.319  -12.092 1.00 16.21 ? 13  HIS A CB  1 
ATOM   93   C CG  . HIS A 1 13  ? 11.261  -3.247  -11.722 1.00 16.42 ? 13  HIS A CG  1 
ATOM   94   N ND1 . HIS A 1 13  ? 12.377  -2.809  -11.043 1.00 16.06 ? 13  HIS A ND1 1 
ATOM   95   C CD2 . HIS A 1 13  ? 11.435  -4.578  -11.930 1.00 16.37 ? 13  HIS A CD2 1 
ATOM   96   C CE1 . HIS A 1 13  ? 13.200  -3.833  -10.846 1.00 16.22 ? 13  HIS A CE1 1 
ATOM   97   N NE2 . HIS A 1 13  ? 12.658  -4.926  -11.400 1.00 15.68 ? 13  HIS A NE2 1 
ATOM   98   N N   . ARG A 1 14  ? 7.251   -0.834  -11.435 1.00 15.93 ? 14  ARG A N   1 
ATOM   99   C CA  . ARG A 1 14  ? 6.205   0.147   -11.799 1.00 17.33 ? 14  ARG A CA  1 
ATOM   100  C C   . ARG A 1 14  ? 6.072   1.145   -10.650 1.00 16.07 ? 14  ARG A C   1 
ATOM   101  O O   . ARG A 1 14  ? 5.951   2.330   -10.927 1.00 14.93 ? 14  ARG A O   1 
ATOM   102  C CB  . ARG A 1 14  ? 4.907   -0.584  -12.161 1.00 19.94 ? 14  ARG A CB  1 
ATOM   103  C CG  . ARG A 1 14  ? 3.819   0.273   -12.785 1.00 23.10 ? 14  ARG A CG  1 
ATOM   104  C CD  . ARG A 1 14  ? 4.161   0.944   -14.107 1.00 26.88 ? 14  ARG A CD  1 
ATOM   105  N NE  . ARG A 1 14  ? 3.469   2.231   -14.133 1.00 31.76 ? 14  ARG A NE  1 
ATOM   106  C CZ  . ARG A 1 14  ? 3.933   3.371   -14.665 1.00 40.00 ? 14  ARG A CZ  1 
ATOM   107  N NH1 . ARG A 1 14  ? 5.118   3.425   -15.266 1.00 39.30 ? 14  ARG A NH1 1 
ATOM   108  N NH2 . ARG A 1 14  ? 3.181   4.462   -14.610 1.00 42.67 ? 14  ARG A NH2 1 
ATOM   109  N N   . ILE A 1 15  ? 6.179   0.684   -9.405  1.00 15.84 ? 15  ILE A N   1 
ATOM   110  C CA  . ILE A 1 15  ? 6.087   1.571   -8.209  1.00 15.94 ? 15  ILE A CA  1 
ATOM   111  C C   . ILE A 1 15  ? 7.163   2.645   -8.337  1.00 15.72 ? 15  ILE A C   1 
ATOM   112  O O   . ILE A 1 15  ? 6.838   3.840   -8.189  1.00 16.63 ? 15  ILE A O   1 
ATOM   113  C CB  . ILE A 1 15  ? 6.232   0.787   -6.896  1.00 15.77 ? 15  ILE A CB  1 
ATOM   114  C CG1 . ILE A 1 15  ? 5.060   -0.175  -6.667  1.00 14.86 ? 15  ILE A CG1 1 
ATOM   115  C CG2 . ILE A 1 15  ? 6.403   1.766   -5.749  1.00 15.81 ? 15  ILE A CG2 1 
ATOM   116  C CD1 . ILE A 1 15  ? 5.245   -1.074  -5.480  1.00 15.36 ? 15  ILE A CD1 1 
ATOM   117  N N   . HIS A 1 16  ? 8.402   2.228   -8.567  1.00 15.47 ? 16  HIS A N   1 
ATOM   118  C CA  . HIS A 1 16  ? 9.574   3.132   -8.715  1.00 15.56 ? 16  HIS A CA  1 
ATOM   119  C C   . HIS A 1 16  ? 9.320   4.109   -9.870  1.00 15.29 ? 16  HIS A C   1 
ATOM   120  O O   . HIS A 1 16  ? 9.603   5.308   -9.691  1.00 14.40 ? 16  HIS A O   1 
ATOM   121  C CB  . HIS A 1 16  ? 10.839  2.289   -8.881  1.00 16.24 ? 16  HIS A CB  1 
ATOM   122  C CG  . HIS A 1 16  ? 12.033  3.081   -9.263  1.00 17.05 ? 16  HIS A CG  1 
ATOM   123  N ND1 . HIS A 1 16  ? 12.797  3.745   -8.344  1.00 18.58 ? 16  HIS A ND1 1 
ATOM   124  C CD2 . HIS A 1 16  ? 12.602  3.303   -10.465 1.00 18.48 ? 16  HIS A CD2 1 
ATOM   125  C CE1 . HIS A 1 16  ? 13.770  4.380   -8.969  1.00 19.82 ? 16  HIS A CE1 1 
ATOM   126  N NE2 . HIS A 1 16  ? 13.675  4.117   -10.265 1.00 19.42 ? 16  HIS A NE2 1 
ATOM   127  N N   . ARG A 1 17  ? 8.718   3.618   -10.970 1.00 16.19 ? 17  ARG A N   1 
ATOM   128  C CA  . ARG A 1 17  ? 8.526   4.374   -12.247 1.00 16.57 ? 17  ARG A CA  1 
ATOM   129  C C   . ARG A 1 17  ? 7.378   5.374   -12.068 1.00 15.97 ? 17  ARG A C   1 
ATOM   130  O O   . ARG A 1 17  ? 7.479   6.505   -12.579 1.00 17.82 ? 17  ARG A O   1 
ATOM   131  C CB  . ARG A 1 17  ? 8.352   3.435   -13.450 1.00 15.65 ? 17  ARG A CB  1 
ATOM   132  N N   . SER A 1 18  ? 6.349   5.044   -11.303 1.00 15.78 ? 18  SER A N   1 
ATOM   133  C CA  . SER A 1 18  ? 5.267   6.021   -10.994 1.00 15.75 ? 18  SER A CA  1 
ATOM   134  C C   . SER A 1 18  ? 5.740   7.105   -10.012 1.00 16.02 ? 18  SER A C   1 
ATOM   135  O O   . SER A 1 18  ? 5.279   8.264   -10.170 1.00 15.59 ? 18  SER A O   1 
ATOM   136  C CB  . SER A 1 18  ? 4.050   5.342   -10.515 1.00 14.85 ? 18  SER A CB  1 
ATOM   137  O OG  . SER A 1 18  ? 3.555   4.537   -11.558 1.00 15.49 ? 18  SER A OG  1 
ATOM   138  N N   . LEU A 1 19  ? 6.570   6.758   -9.018  1.00 16.08 ? 19  LEU A N   1 
ATOM   139  C CA  . LEU A 1 19  ? 7.045   7.748   -8.011  1.00 17.32 ? 19  LEU A CA  1 
ATOM   140  C C   . LEU A 1 19  ? 7.930   8.756   -8.749  1.00 17.84 ? 19  LEU A C   1 
ATOM   141  O O   . LEU A 1 19  ? 7.924   9.947   -8.372  1.00 16.33 ? 19  LEU A O   1 
ATOM   142  C CB  . LEU A 1 19  ? 7.809   7.075   -6.862  1.00 16.88 ? 19  LEU A CB  1 
ATOM   143  C CG  . LEU A 1 19  ? 6.983   6.328   -5.818  1.00 17.54 ? 19  LEU A CG  1 
ATOM   144  C CD1 . LEU A 1 19  ? 7.881   5.674   -4.767  1.00 16.53 ? 19  LEU A CD1 1 
ATOM   145  C CD2 . LEU A 1 19  ? 5.958   7.228   -5.151  1.00 17.31 ? 19  LEU A CD2 1 
ATOM   146  N N   . LYS A 1 20  ? 8.679   8.271   -9.743  1.00 20.32 ? 20  LYS A N   1 
ATOM   147  C CA  . LYS A 1 20  ? 9.556   9.089   -10.615 1.00 21.72 ? 20  LYS A CA  1 
ATOM   148  C C   . LYS A 1 20  ? 8.631   10.086  -11.318 1.00 21.12 ? 20  LYS A C   1 
ATOM   149  O O   . LYS A 1 20  ? 8.909   11.313  -11.277 1.00 20.10 ? 20  LYS A O   1 
ATOM   150  C CB  . LYS A 1 20  ? 10.349  8.159   -11.544 1.00 26.28 ? 20  LYS A CB  1 
ATOM   151  C CG  . LYS A 1 20  ? 11.581  8.748   -12.223 1.00 28.63 ? 20  LYS A CG  1 
ATOM   152  C CD  . LYS A 1 20  ? 11.321  9.195   -13.651 1.00 32.20 ? 20  LYS A CD  1 
ATOM   153  C CE  . LYS A 1 20  ? 12.517  9.856   -14.313 1.00 33.71 ? 20  LYS A CE  1 
ATOM   154  N NZ  . LYS A 1 20  ? 12.865  11.171  -13.709 1.00 34.13 ? 20  LYS A NZ  1 
ATOM   155  N N   . TYR A 1 21  ? 7.507   9.593   -11.838 1.00 19.77 ? 21  TYR A N   1 
ATOM   156  C CA  . TYR A 1 21  ? 6.532   10.392  -12.622 1.00 19.40 ? 21  TYR A CA  1 
ATOM   157  C C   . TYR A 1 21  ? 6.177   11.636  -11.795 1.00 19.30 ? 21  TYR A C   1 
ATOM   158  O O   . TYR A 1 21  ? 6.220   12.773  -12.292 1.00 17.60 ? 21  TYR A O   1 
ATOM   159  C CB  . TYR A 1 21  ? 5.336   9.518   -13.029 1.00 19.70 ? 21  TYR A CB  1 
ATOM   160  C CG  . TYR A 1 21  ? 4.284   10.238  -13.829 1.00 20.96 ? 21  TYR A CG  1 
ATOM   161  C CD1 . TYR A 1 21  ? 3.457   11.164  -13.219 1.00 21.52 ? 21  TYR A CD1 1 
ATOM   162  C CD2 . TYR A 1 21  ? 4.133   10.032  -15.195 1.00 20.46 ? 21  TYR A CD2 1 
ATOM   163  C CE1 . TYR A 1 21  ? 2.495   11.853  -13.932 1.00 21.74 ? 21  TYR A CE1 1 
ATOM   164  C CE2 . TYR A 1 21  ? 3.149   10.690  -15.915 1.00 20.82 ? 21  TYR A CE2 1 
ATOM   165  C CZ  . TYR A 1 21  ? 2.340   11.620  -15.284 1.00 21.69 ? 21  TYR A CZ  1 
ATOM   166  O OH  . TYR A 1 21  ? 1.382   12.329  -15.949 1.00 22.82 ? 21  TYR A OH  1 
ATOM   167  N N   . ILE A 1 22  ? 5.891   11.444  -10.509 1.00 19.69 ? 22  ILE A N   1 
ATOM   168  C CA  . ILE A 1 22  ? 5.534   12.577  -9.615  1.00 18.17 ? 22  ILE A CA  1 
ATOM   169  C C   . ILE A 1 22  ? 6.786   13.224  -8.997  1.00 18.71 ? 22  ILE A C   1 
ATOM   170  O O   . ILE A 1 22  ? 6.591   14.102  -8.159  1.00 19.64 ? 22  ILE A O   1 
ATOM   171  C CB  . ILE A 1 22  ? 4.510   12.099  -8.578  1.00 18.21 ? 22  ILE A CB  1 
ATOM   172  C CG1 . ILE A 1 22  ? 5.088   11.049  -7.623  1.00 17.70 ? 22  ILE A CG1 1 
ATOM   173  C CG2 . ILE A 1 22  ? 3.261   11.604  -9.298  1.00 18.04 ? 22  ILE A CG2 1 
ATOM   174  C CD1 . ILE A 1 22  ? 4.292   10.879  -6.347  1.00 17.80 ? 22  ILE A CD1 1 
ATOM   175  N N   . GLY A 1 23  ? 8.012   12.849  -9.411  1.00 19.98 ? 23  GLY A N   1 
ATOM   176  C CA  . GLY A 1 23  ? 9.290   13.471  -8.980  1.00 19.87 ? 23  GLY A CA  1 
ATOM   177  C C   . GLY A 1 23  ? 9.746   13.006  -7.594  1.00 20.28 ? 23  GLY A C   1 
ATOM   178  O O   . GLY A 1 23  ? 10.432  13.771  -6.906  1.00 19.26 ? 23  GLY A O   1 
ATOM   179  N N   . VAL A 1 24  ? 9.375   11.794  -7.183  1.00 19.65 ? 24  VAL A N   1 
ATOM   180  C CA  . VAL A 1 24  ? 9.777   11.187  -5.879  1.00 19.75 ? 24  VAL A CA  1 
ATOM   181  C C   . VAL A 1 24  ? 10.837  10.114  -6.159  1.00 19.65 ? 24  VAL A C   1 
ATOM   182  O O   . VAL A 1 24  ? 10.574  9.139   -6.941  1.00 18.12 ? 24  VAL A O   1 
ATOM   183  C CB  . VAL A 1 24  ? 8.571   10.615  -5.087  1.00 20.36 ? 24  VAL A CB  1 
ATOM   184  C CG1 . VAL A 1 24  ? 8.986   9.925   -3.784  1.00 20.52 ? 24  VAL A CG1 1 
ATOM   185  C CG2 . VAL A 1 24  ? 7.529   11.678  -4.792  1.00 20.46 ? 24  VAL A CG2 1 
ATOM   186  N N   . SER A 1 25  ? 11.971  10.243  -5.487  1.00 20.24 ? 25  SER A N   1 
ATOM   187  C CA  . SER A 1 25  ? 13.099  9.292   -5.590  1.00 22.03 ? 25  SER A CA  1 
ATOM   188  C C   . SER A 1 25  ? 12.736  8.022   -4.818  1.00 20.40 ? 25  SER A C   1 
ATOM   189  O O   . SER A 1 25  ? 12.110  8.147   -3.759  1.00 20.98 ? 25  SER A O   1 
ATOM   190  C CB  . SER A 1 25  ? 14.357  9.926   -5.088  1.00 25.90 ? 25  SER A CB  1 
ATOM   191  O OG  . SER A 1 25  ? 15.476  9.192   -5.554  1.00 33.28 ? 25  SER A OG  1 
ATOM   192  N N   . SER A 1 26  ? 13.076  6.838   -5.328  1.00 19.33 ? 26  SER A N   1 
ATOM   193  C CA  . SER A 1 26  ? 12.746  5.554   -4.661  1.00 19.14 ? 26  SER A CA  1 
ATOM   194  C C   . SER A 1 26  ? 13.778  4.491   -5.025  1.00 20.20 ? 26  SER A C   1 
ATOM   195  O O   . SER A 1 26  ? 14.468  4.633   -6.066  1.00 21.21 ? 26  SER A O   1 
ATOM   196  C CB  . SER A 1 26  ? 11.336  5.104   -5.013  1.00 19.39 ? 26  SER A CB  1 
ATOM   197  O OG  . SER A 1 26  ? 11.207  4.803   -6.404  1.00 17.61 ? 26  SER A OG  1 
ATOM   198  N N   . LYS A 1 27  ? 13.839  3.438   -4.219  1.00 20.03 ? 27  LYS A N   1 
ATOM   199  C CA  . LYS A 1 27  ? 14.725  2.280   -4.453  1.00 20.48 ? 27  LYS A CA  1 
ATOM   200  C C   . LYS A 1 27  ? 14.046  1.012   -3.932  1.00 19.55 ? 27  LYS A C   1 
ATOM   201  O O   . LYS A 1 27  ? 13.291  1.068   -2.933  1.00 20.09 ? 27  LYS A O   1 
ATOM   202  C CB  . LYS A 1 27  ? 16.128  2.545   -3.865  1.00 22.98 ? 27  LYS A CB  1 
ATOM   203  C CG  . LYS A 1 27  ? 16.348  2.370   -2.367  1.00 23.74 ? 27  LYS A CG  1 
ATOM   204  C CD  . LYS A 1 27  ? 17.728  2.902   -1.941  1.00 25.98 ? 27  LYS A CD  1 
ATOM   205  C CE  . LYS A 1 27  ? 18.333  2.226   -0.718  1.00 29.00 ? 27  LYS A CE  1 
ATOM   206  N NZ  . LYS A 1 27  ? 19.764  1.856   -0.921  1.00 29.51 ? 27  LYS A NZ  1 
ATOM   207  N N   . ILE A 1 28  ? 14.305  -0.096  -4.617  1.00 17.96 ? 28  ILE A N   1 
ATOM   208  C CA  . ILE A 1 28  ? 13.712  -1.412  -4.312  1.00 15.89 ? 28  ILE A CA  1 
ATOM   209  C C   . ILE A 1 28  ? 14.720  -2.171  -3.459  1.00 16.61 ? 28  ILE A C   1 
ATOM   210  O O   . ILE A 1 28  ? 15.875  -2.289  -3.867  1.00 15.52 ? 28  ILE A O   1 
ATOM   211  C CB  . ILE A 1 28  ? 13.374  -2.143  -5.621  1.00 15.29 ? 28  ILE A CB  1 
ATOM   212  C CG1 . ILE A 1 28  ? 12.439  -1.327  -6.522  1.00 15.37 ? 28  ILE A CG1 1 
ATOM   213  C CG2 . ILE A 1 28  ? 12.811  -3.519  -5.321  1.00 14.58 ? 28  ILE A CG2 1 
ATOM   214  C CD1 . ILE A 1 28  ? 12.456  -1.754  -7.978  1.00 14.43 ? 28  ILE A CD1 1 
ATOM   215  N N   . VAL A 1 29  ? 14.285  -2.726  -2.337  1.00 16.86 ? 29  VAL A N   1 
ATOM   216  C CA  . VAL A 1 29  ? 15.161  -3.617  -1.533  1.00 17.58 ? 29  VAL A CA  1 
ATOM   217  C C   . VAL A 1 29  ? 14.418  -4.920  -1.331  1.00 17.61 ? 29  VAL A C   1 
ATOM   218  O O   . VAL A 1 29  ? 13.185  -4.950  -1.267  1.00 19.52 ? 29  VAL A O   1 
ATOM   219  C CB  . VAL A 1 29  ? 15.594  -2.970  -0.197  1.00 18.77 ? 29  VAL A CB  1 
ATOM   220  C CG1 . VAL A 1 29  ? 16.542  -1.790  -0.417  1.00 18.61 ? 29  VAL A CG1 1 
ATOM   221  C CG2 . VAL A 1 29  ? 14.410  -2.536  0.664   1.00 18.79 ? 29  VAL A CG2 1 
ATOM   222  N N   . PRO A 1 30  ? 15.148  -6.033  -1.162  1.00 17.99 ? 30  PRO A N   1 
ATOM   223  C CA  . PRO A 1 30  ? 14.502  -7.317  -0.931  1.00 17.93 ? 30  PRO A CA  1 
ATOM   224  C C   . PRO A 1 30  ? 13.683  -7.235  0.365   1.00 17.91 ? 30  PRO A C   1 
ATOM   225  O O   . PRO A 1 30  ? 14.003  -6.427  1.213   1.00 18.82 ? 30  PRO A O   1 
ATOM   226  C CB  . PRO A 1 30  ? 15.669  -8.319  -0.816  1.00 19.38 ? 30  PRO A CB  1 
ATOM   227  C CG  . PRO A 1 30  ? 16.890  -7.558  -1.363  1.00 19.34 ? 30  PRO A CG  1 
ATOM   228  C CD  . PRO A 1 30  ? 16.616  -6.096  -1.080  1.00 17.82 ? 30  PRO A CD  1 
ATOM   229  N N   . ASN A 1 31  ? 12.691  -8.104  0.513   1.00 17.27 ? 31  ASN A N   1 
ATOM   230  C CA  . ASN A 1 31  ? 11.679  -7.982  1.583   1.00 18.44 ? 31  ASN A CA  1 
ATOM   231  C C   . ASN A 1 31  ? 12.194  -8.625  2.881   1.00 18.04 ? 31  ASN A C   1 
ATOM   232  O O   . ASN A 1 31  ? 11.527  -8.505  3.899   1.00 16.32 ? 31  ASN A O   1 
ATOM   233  C CB  . ASN A 1 31  ? 10.326  -8.497  1.093   1.00 18.78 ? 31  ASN A CB  1 
ATOM   234  C CG  . ASN A 1 31  ? 10.267  -9.997  0.903   1.00 19.49 ? 31  ASN A CG  1 
ATOM   235  O OD1 . ASN A 1 31  ? 9.209   -10.520 0.537   1.00 20.18 ? 31  ASN A OD1 1 
ATOM   236  N ND2 . ASN A 1 31  ? 11.362  -10.685 1.190   1.00 18.86 ? 31  ASN A ND2 1 
ATOM   237  N N   . THR A 1 32  ? 13.368  -9.250  2.841   1.00 20.54 ? 32  THR A N   1 
ATOM   238  C CA  . THR A 1 32  ? 14.109  -9.777  4.025   1.00 20.99 ? 32  THR A CA  1 
ATOM   239  C C   . THR A 1 32  ? 14.955  -8.674  4.650   1.00 20.11 ? 32  THR A C   1 
ATOM   240  O O   . THR A 1 32  ? 15.637  -8.942  5.639   1.00 18.73 ? 32  THR A O   1 
ATOM   241  C CB  . THR A 1 32  ? 15.024  -10.927 3.599   1.00 21.16 ? 32  THR A CB  1 
ATOM   242  O OG1 . THR A 1 32  ? 15.710  -10.405 2.458   1.00 21.23 ? 32  THR A OG1 1 
ATOM   243  C CG2 . THR A 1 32  ? 14.251  -12.192 3.277   1.00 20.95 ? 32  THR A CG2 1 
ATOM   244  N N   . THR A 1 33  ? 14.938  -7.484  4.053   1.00 22.13 ? 33  THR A N   1 
ATOM   245  C CA  . THR A 1 33  ? 15.660  -6.300  4.567   1.00 23.05 ? 33  THR A CA  1 
ATOM   246  C C   . THR A 1 33  ? 15.204  -6.027  5.999   1.00 23.22 ? 33  THR A C   1 
ATOM   247  O O   . THR A 1 33  ? 14.046  -5.690  6.265   1.00 21.12 ? 33  THR A O   1 
ATOM   248  C CB  . THR A 1 33  ? 15.511  -5.108  3.618   1.00 23.79 ? 33  THR A CB  1 
ATOM   249  O OG1 . THR A 1 33  ? 15.834  -5.550  2.294   1.00 23.93 ? 33  THR A OG1 1 
ATOM   250  C CG2 . THR A 1 33  ? 16.405  -3.963  4.029   1.00 24.18 ? 33  THR A CG2 1 
ATOM   251  N N   . PRO A 1 34  ? 16.129  -6.185  6.969   1.00 24.66 ? 34  PRO A N   1 
ATOM   252  C CA  . PRO A 1 34  ? 15.841  -5.847  8.359   1.00 22.72 ? 34  PRO A CA  1 
ATOM   253  C C   . PRO A 1 34  ? 15.435  -4.372  8.461   1.00 22.84 ? 34  PRO A C   1 
ATOM   254  O O   . PRO A 1 34  ? 15.976  -3.565  7.722   1.00 23.73 ? 34  PRO A O   1 
ATOM   255  C CB  . PRO A 1 34  ? 17.153  -6.107  9.109   1.00 23.77 ? 34  PRO A CB  1 
ATOM   256  C CG  . PRO A 1 34  ? 18.023  -6.944  8.162   1.00 24.30 ? 34  PRO A CG  1 
ATOM   257  C CD  . PRO A 1 34  ? 17.521  -6.647  6.765   1.00 25.08 ? 34  PRO A CD  1 
ATOM   258  N N   . LEU A 1 35  ? 14.514  -4.067  9.376   1.00 23.00 ? 35  LEU A N   1 
ATOM   259  C CA  . LEU A 1 35  ? 14.005  -2.701  9.671   1.00 24.59 ? 35  LEU A CA  1 
ATOM   260  C C   . LEU A 1 35  ? 15.155  -1.766  10.082  1.00 24.19 ? 35  LEU A C   1 
ATOM   261  O O   . LEU A 1 35  ? 15.111  -0.581  9.737   1.00 24.64 ? 35  LEU A O   1 
ATOM   262  C CB  . LEU A 1 35  ? 12.947  -2.797  10.774  1.00 23.99 ? 35  LEU A CB  1 
ATOM   263  C CG  . LEU A 1 35  ? 12.375  -1.444  11.201  1.00 26.25 ? 35  LEU A CG  1 
ATOM   264  C CD1 . LEU A 1 35  ? 11.708  -0.740  10.015  1.00 25.64 ? 35  LEU A CD1 1 
ATOM   265  C CD2 . LEU A 1 35  ? 11.416  -1.582  12.379  1.00 24.65 ? 35  LEU A CD2 1 
ATOM   266  N N   . GLU A 1 36  ? 16.156  -2.263  10.801  1.00 25.64 ? 36  GLU A N   1 
ATOM   267  C CA  . GLU A 1 36  ? 17.286  -1.420  11.294  1.00 26.48 ? 36  GLU A CA  1 
ATOM   268  C C   . GLU A 1 36  ? 18.061  -0.849  10.096  1.00 22.16 ? 36  GLU A C   1 
ATOM   269  O O   . GLU A 1 36  ? 18.290  0.371   10.071  1.00 21.61 ? 36  GLU A O   1 
ATOM   270  C CB  . GLU A 1 36  ? 18.161  -2.232  12.258  1.00 28.57 ? 36  GLU A CB  1 
ATOM   271  C CG  . GLU A 1 36  ? 19.374  -1.483  12.797  1.00 30.63 ? 36  GLU A CG  1 
ATOM   272  C CD  . GLU A 1 36  ? 20.098  -2.197  13.927  1.00 34.37 ? 36  GLU A CD  1 
ATOM   273  O OE1 . GLU A 1 36  ? 19.566  -3.209  14.428  1.00 33.35 ? 36  GLU A OE1 1 
ATOM   274  O OE2 . GLU A 1 36  ? 21.206  -1.746  14.300  1.00 42.89 ? 36  GLU A OE2 1 
ATOM   275  N N   . GLU A 1 37  ? 18.431  -1.684  9.126   1.00 22.37 ? 37  GLU A N   1 
ATOM   276  C CA  . GLU A 1 37  ? 19.124  -1.223  7.890   1.00 25.04 ? 37  GLU A CA  1 
ATOM   277  C C   . GLU A 1 37  ? 18.348  -0.043  7.283   1.00 25.20 ? 37  GLU A C   1 
ATOM   278  O O   . GLU A 1 37  ? 18.971  1.007   7.091   1.00 28.36 ? 37  GLU A O   1 
ATOM   279  C CB  . GLU A 1 37  ? 19.324  -2.354  6.882   1.00 26.03 ? 37  GLU A CB  1 
ATOM   280  C CG  . GLU A 1 37  ? 20.254  -1.956  5.754   1.00 28.17 ? 37  GLU A CG  1 
ATOM   281  C CD  . GLU A 1 37  ? 20.668  -3.057  4.797   1.00 32.53 ? 37  GLU A CD  1 
ATOM   282  O OE1 . GLU A 1 37  ? 20.904  -2.745  3.618   1.00 36.64 ? 37  GLU A OE1 1 
ATOM   283  O OE2 . GLU A 1 37  ? 20.739  -4.222  5.217   1.00 35.94 ? 37  GLU A OE2 1 
ATOM   284  N N   . ILE A 1 38  ? 17.030  -0.172  7.068   1.00 26.63 ? 38  ILE A N   1 
ATOM   285  C CA  . ILE A 1 38  ? 16.202  0.848   6.342   1.00 28.05 ? 38  ILE A CA  1 
ATOM   286  C C   . ILE A 1 38  ? 16.246  2.190   7.083   1.00 28.21 ? 38  ILE A C   1 
ATOM   287  O O   . ILE A 1 38  ? 16.449  3.220   6.411   1.00 29.11 ? 38  ILE A O   1 
ATOM   288  C CB  . ILE A 1 38  ? 14.748  0.380   6.146   1.00 28.81 ? 38  ILE A CB  1 
ATOM   289  C CG1 . ILE A 1 38  ? 14.670  -0.984  5.456   1.00 29.17 ? 38  ILE A CG1 1 
ATOM   290  C CG2 . ILE A 1 38  ? 13.954  1.442   5.395   1.00 29.58 ? 38  ILE A CG2 1 
ATOM   291  C CD1 . ILE A 1 38  ? 13.286  -1.359  4.986   1.00 30.74 ? 38  ILE A CD1 1 
ATOM   292  N N   . GLU A 1 39  ? 16.068  2.172   8.407   1.00 26.80 ? 39  GLU A N   1 
ATOM   293  C CA  . GLU A 1 39  ? 15.889  3.389   9.250   1.00 28.39 ? 39  GLU A CA  1 
ATOM   294  C C   . GLU A 1 39  ? 17.238  4.046   9.589   1.00 31.00 ? 39  GLU A C   1 
ATOM   295  O O   . GLU A 1 39  ? 17.216  5.239   9.935   1.00 29.76 ? 39  GLU A O   1 
ATOM   296  C CB  . GLU A 1 39  ? 15.115  3.043   10.524  1.00 26.48 ? 39  GLU A CB  1 
ATOM   297  C CG  . GLU A 1 39  ? 13.671  2.653   10.248  1.00 26.38 ? 39  GLU A CG  1 
ATOM   298  C CD  . GLU A 1 39  ? 12.735  2.641   11.441  1.00 23.49 ? 39  GLU A CD  1 
ATOM   299  O OE1 . GLU A 1 39  ? 13.147  2.147   12.514  1.00 24.54 ? 39  GLU A OE1 1 
ATOM   300  O OE2 . GLU A 1 39  ? 11.601  3.117   11.283  1.00 22.00 ? 39  GLU A OE2 1 
ATOM   301  N N   . SER A 1 40  ? 18.363  3.320   9.496   1.00 34.39 ? 40  SER A N   1 
ATOM   302  C CA  . SER A 1 40  ? 19.730  3.892   9.679   1.00 36.36 ? 40  SER A CA  1 
ATOM   303  C C   . SER A 1 40  ? 20.068  4.869   8.543   1.00 32.04 ? 40  SER A C   1 
ATOM   304  O O   . SER A 1 40  ? 20.869  5.764   8.793   1.00 31.79 ? 40  SER A O   1 
ATOM   305  C CB  . SER A 1 40  ? 20.802  2.826   9.834   1.00 38.03 ? 40  SER A CB  1 
ATOM   306  O OG  . SER A 1 40  ? 20.766  1.883   8.771   1.00 44.05 ? 40  SER A OG  1 
ATOM   307  N N   . ASN A 1 41  ? 19.465  4.723   7.363   1.00 30.64 ? 41  ASN A N   1 
ATOM   308  C CA  . ASN A 1 41  ? 19.660  5.643   6.205   1.00 28.62 ? 41  ASN A CA  1 
ATOM   309  C C   . ASN A 1 41  ? 18.654  6.786   6.345   1.00 28.05 ? 41  ASN A C   1 
ATOM   310  O O   . ASN A 1 41  ? 17.498  6.580   5.990   1.00 26.65 ? 41  ASN A O   1 
ATOM   311  C CB  . ASN A 1 41  ? 19.517  4.905   4.867   1.00 26.68 ? 41  ASN A CB  1 
ATOM   312  C CG  . ASN A 1 41  ? 19.799  5.758   3.644   1.00 25.86 ? 41  ASN A CG  1 
ATOM   313  O OD1 . ASN A 1 41  ? 19.833  6.981   3.717   1.00 23.45 ? 41  ASN A OD1 1 
ATOM   314  N ND2 . ASN A 1 41  ? 20.023  5.110   2.511   1.00 26.22 ? 41  ASN A ND2 1 
ATOM   315  N N   . LYS A 1 42  ? 19.102  7.961   6.786   1.00 30.38 ? 42  LYS A N   1 
ATOM   316  C CA  . LYS A 1 42  ? 18.226  9.070   7.251   1.00 30.73 ? 42  LYS A CA  1 
ATOM   317  C C   . LYS A 1 42  ? 17.589  9.779   6.050   1.00 29.09 ? 42  LYS A C   1 
ATOM   318  O O   . LYS A 1 42  ? 16.731  10.653  6.282   1.00 29.33 ? 42  LYS A O   1 
ATOM   319  C CB  . LYS A 1 42  ? 19.015  10.057  8.122   1.00 34.57 ? 42  LYS A CB  1 
ATOM   320  C CG  . LYS A 1 42  ? 20.021  9.451   9.104   1.00 37.52 ? 42  LYS A CG  1 
ATOM   321  C CD  . LYS A 1 42  ? 19.466  9.094   10.455  1.00 39.59 ? 42  LYS A CD  1 
ATOM   322  C CE  . LYS A 1 42  ? 18.918  7.684   10.505  1.00 43.42 ? 42  LYS A CE  1 
ATOM   323  N NZ  . LYS A 1 42  ? 18.006  7.480   11.658  1.00 43.69 ? 42  LYS A NZ  1 
ATOM   324  N N   . GLU A 1 43  ? 17.961  9.408   4.817   1.00 28.28 ? 43  GLU A N   1 
ATOM   325  C CA  . GLU A 1 43  ? 17.290  9.873   3.560   1.00 28.04 ? 43  GLU A CA  1 
ATOM   326  C C   . GLU A 1 43  ? 15.934  9.165   3.355   1.00 24.50 ? 43  GLU A C   1 
ATOM   327  O O   . GLU A 1 43  ? 15.106  9.646   2.549   1.00 21.02 ? 43  GLU A O   1 
ATOM   328  C CB  . GLU A 1 43  ? 18.187  9.635   2.337   1.00 30.77 ? 43  GLU A CB  1 
ATOM   329  C CG  . GLU A 1 43  ? 19.525  10.371  2.377   1.00 33.52 ? 43  GLU A CG  1 
ATOM   330  C CD  . GLU A 1 43  ? 19.466  11.870  2.639   1.00 37.43 ? 43  GLU A CD  1 
ATOM   331  O OE1 . GLU A 1 43  ? 18.452  12.530  2.234   1.00 35.32 ? 43  GLU A OE1 1 
ATOM   332  O OE2 . GLU A 1 43  ? 20.439  12.382  3.259   1.00 40.98 ? 43  GLU A OE2 1 
ATOM   333  N N   . VAL A 1 44  ? 15.707  8.035   4.030   1.00 23.48 ? 44  VAL A N   1 
ATOM   334  C CA  . VAL A 1 44  ? 14.467  7.224   3.855   1.00 20.81 ? 44  VAL A CA  1 
ATOM   335  C C   . VAL A 1 44  ? 13.355  7.846   4.702   1.00 20.46 ? 44  VAL A C   1 
ATOM   336  O O   . VAL A 1 44  ? 13.477  7.781   5.915   1.00 18.65 ? 44  VAL A O   1 
ATOM   337  C CB  . VAL A 1 44  ? 14.684  5.747   4.204   1.00 19.75 ? 44  VAL A CB  1 
ATOM   338  C CG1 . VAL A 1 44  ? 13.399  4.971   3.996   1.00 18.90 ? 44  VAL A CG1 1 
ATOM   339  C CG2 . VAL A 1 44  ? 15.840  5.131   3.394   1.00 20.11 ? 44  VAL A CG2 1 
ATOM   340  N N   . LYS A 1 45  ? 12.311  8.390   4.054   1.00 20.00 ? 45  LYS A N   1 
ATOM   341  C CA  . LYS A 1 45  ? 11.217  9.167   4.697   1.00 21.83 ? 45  LYS A CA  1 
ATOM   342  C C   . LYS A 1 45  ? 9.870   8.433   4.575   1.00 19.62 ? 45  LYS A C   1 
ATOM   343  O O   . LYS A 1 45  ? 8.870   8.916   5.170   1.00 17.49 ? 45  LYS A O   1 
ATOM   344  C CB  . LYS A 1 45  ? 11.221  10.583  4.117   1.00 25.55 ? 45  LYS A CB  1 
ATOM   345  C CG  . LYS A 1 45  ? 12.466  11.400  4.473   1.00 28.91 ? 45  LYS A CG  1 
ATOM   346  C CD  . LYS A 1 45  ? 12.198  12.592  5.392   1.00 32.96 ? 45  LYS A CD  1 
ATOM   347  C CE  . LYS A 1 45  ? 11.627  13.793  4.642   1.00 33.31 ? 45  LYS A CE  1 
ATOM   348  N NZ  . LYS A 1 45  ? 11.510  14.999  5.499   1.00 32.85 ? 45  LYS A NZ  1 
ATOM   349  N N   . GLY A 1 46  ? 9.867   7.247   3.954   1.00 17.88 ? 46  GLY A N   1 
ATOM   350  C CA  . GLY A 1 46  ? 8.670   6.400   3.834   1.00 16.64 ? 46  GLY A CA  1 
ATOM   351  C C   . GLY A 1 46  ? 8.979   5.021   3.301   1.00 16.04 ? 46  GLY A C   1 
ATOM   352  O O   . GLY A 1 46  ? 10.045  4.847   2.697   1.00 16.59 ? 46  GLY A O   1 
ATOM   353  N N   . ILE A 1 47  ? 8.036   4.099   3.495   1.00 15.01 ? 47  ILE A N   1 
ATOM   354  C CA  . ILE A 1 47  ? 8.134   2.663   3.119   1.00 13.47 ? 47  ILE A CA  1 
ATOM   355  C C   . ILE A 1 47  ? 6.908   2.284   2.306   1.00 12.74 ? 47  ILE A C   1 
ATOM   356  O O   . ILE A 1 47  ? 5.787   2.650   2.707   1.00 11.70 ? 47  ILE A O   1 
ATOM   357  C CB  . ILE A 1 47  ? 8.230   1.771   4.364   1.00 13.05 ? 47  ILE A CB  1 
ATOM   358  C CG1 . ILE A 1 47  ? 9.504   2.087   5.149   1.00 12.95 ? 47  ILE A CG1 1 
ATOM   359  C CG2 . ILE A 1 47  ? 8.118   0.301   3.974   1.00 13.00 ? 47  ILE A CG2 1 
ATOM   360  C CD1 . ILE A 1 47  ? 9.749   1.203   6.333   1.00 12.95 ? 47  ILE A CD1 1 
ATOM   361  N N   . ILE A 1 48  ? 7.139   1.560   1.211   1.00 12.86 ? 48  ILE A N   1 
ATOM   362  C CA  . ILE A 1 48  ? 6.070   0.860   0.461   1.00 12.56 ? 48  ILE A CA  1 
ATOM   363  C C   . ILE A 1 48  ? 6.380   -0.630  0.515   1.00 11.77 ? 48  ILE A C   1 
ATOM   364  O O   . ILE A 1 48  ? 7.524   -1.024  0.197   1.00 10.79 ? 48  ILE A O   1 
ATOM   365  C CB  . ILE A 1 48  ? 5.898   1.412   -0.967  1.00 12.59 ? 48  ILE A CB  1 
ATOM   366  C CG1 . ILE A 1 48  ? 5.692   2.924   -0.938  1.00 12.94 ? 48  ILE A CG1 1 
ATOM   367  C CG2 . ILE A 1 48  ? 4.760   0.707   -1.681  1.00 11.92 ? 48  ILE A CG2 1 
ATOM   368  C CD1 . ILE A 1 48  ? 5.585   3.566   -2.304  1.00 13.43 ? 48  ILE A CD1 1 
ATOM   369  N N   . LEU A 1 49  ? 5.371   -1.398  0.934   1.00 12.08 ? 49  LEU A N   1 
ATOM   370  C CA  . LEU A 1 49  ? 5.340   -2.873  0.841   1.00 12.05 ? 49  LEU A CA  1 
ATOM   371  C C   . LEU A 1 49  ? 4.530   -3.201  -0.404  1.00 12.25 ? 49  LEU A C   1 
ATOM   372  O O   . LEU A 1 49  ? 3.301   -2.902  -0.440  1.00 13.10 ? 49  LEU A O   1 
ATOM   373  C CB  . LEU A 1 49  ? 4.729   -3.498  2.099   1.00 12.12 ? 49  LEU A CB  1 
ATOM   374  C CG  . LEU A 1 49  ? 5.019   -2.790  3.431   1.00 11.99 ? 49  LEU A CG  1 
ATOM   375  C CD1 . LEU A 1 49  ? 4.336   -3.516  4.592   1.00 11.54 ? 49  LEU A CD1 1 
ATOM   376  C CD2 . LEU A 1 49  ? 6.507   -2.675  3.664   1.00 11.59 ? 49  LEU A CD2 1 
ATOM   377  N N   . SER A 1 50  ? 5.189   -3.806  -1.380  1.00 12.72 ? 50  SER A N   1 
ATOM   378  C CA  . SER A 1 50  ? 4.617   -4.101  -2.721  1.00 13.19 ? 50  SER A CA  1 
ATOM   379  C C   . SER A 1 50  ? 3.693   -5.310  -2.666  1.00 13.03 ? 50  SER A C   1 
ATOM   380  O O   . SER A 1 50  ? 3.635   -6.024  -1.625  1.00 12.22 ? 50  SER A O   1 
ATOM   381  C CB  . SER A 1 50  ? 5.687   -4.384  -3.719  1.00 13.83 ? 50  SER A CB  1 
ATOM   382  O OG  . SER A 1 50  ? 6.263   -5.656  -3.455  1.00 14.02 ? 50  SER A OG  1 
ATOM   383  N N   . GLY A 1 51  ? 3.039   -5.509  -3.799  1.00 13.15 ? 51  GLY A N   1 
ATOM   384  C CA  . GLY A 1 51  ? 2.319   -6.725  -4.183  1.00 13.83 ? 51  GLY A CA  1 
ATOM   385  C C   . GLY A 1 51  ? 3.272   -7.876  -4.370  1.00 14.16 ? 51  GLY A C   1 
ATOM   386  O O   . GLY A 1 51  ? 4.508   -7.648  -4.464  1.00 13.98 ? 51  GLY A O   1 
ATOM   387  N N   . GLY A 1 52  ? 2.712   -9.080  -4.365  1.00 15.06 ? 52  GLY A N   1 
ATOM   388  C CA  . GLY A 1 52  ? 3.484   -10.318 -4.159  1.00 15.99 ? 52  GLY A CA  1 
ATOM   389  C C   . GLY A 1 52  ? 2.561   -11.528 -4.182  1.00 16.51 ? 52  GLY A C   1 
ATOM   390  O O   . GLY A 1 52  ? 1.381   -11.416 -3.897  1.00 15.08 ? 52  GLY A O   1 
ATOM   391  N N   . PRO A 1 53  ? 3.029   -12.693 -4.658  1.00 19.22 ? 53  PRO A N   1 
ATOM   392  C CA  . PRO A 1 53  ? 2.131   -13.837 -4.790  1.00 20.49 ? 53  PRO A CA  1 
ATOM   393  C C   . PRO A 1 53  ? 1.994   -14.734 -3.553  1.00 21.94 ? 53  PRO A C   1 
ATOM   394  O O   . PRO A 1 53  ? 1.194   -15.651 -3.615  1.00 22.12 ? 53  PRO A O   1 
ATOM   395  C CB  . PRO A 1 53  ? 2.775   -14.604 -5.959  1.00 20.29 ? 53  PRO A CB  1 
ATOM   396  C CG  . PRO A 1 53  ? 4.282   -14.308 -5.842  1.00 20.52 ? 53  PRO A CG  1 
ATOM   397  C CD  . PRO A 1 53  ? 4.371   -12.917 -5.233  1.00 19.77 ? 53  PRO A CD  1 
ATOM   398  N N   . ASP A 1 54  ? 2.752   -14.485 -2.485  1.00 23.71 ? 54  ASP A N   1 
ATOM   399  C CA  . ASP A 1 54  ? 2.847   -15.439 -1.345  1.00 25.10 ? 54  ASP A CA  1 
ATOM   400  C C   . ASP A 1 54  ? 3.161   -14.676 -0.058  1.00 23.15 ? 54  ASP A C   1 
ATOM   401  O O   . ASP A 1 54  ? 4.243   -14.136 0.064   1.00 23.81 ? 54  ASP A O   1 
ATOM   402  C CB  . ASP A 1 54  ? 3.881   -16.540 -1.602  1.00 27.10 ? 54  ASP A CB  1 
ATOM   403  C CG  . ASP A 1 54  ? 3.948   -17.627 -0.527  1.00 28.58 ? 54  ASP A CG  1 
ATOM   404  O OD1 . ASP A 1 54  ? 2.960   -17.769 0.274   1.00 30.25 ? 54  ASP A OD1 1 
ATOM   405  O OD2 . ASP A 1 54  ? 4.975   -18.343 -0.507  1.00 27.44 ? 54  ASP A OD2 1 
ATOM   406  N N   . ILE A 1 55  ? 2.213   -14.688 0.874   1.00 23.63 ? 55  ILE A N   1 
ATOM   407  C CA  . ILE A 1 55  ? 2.243   -13.915 2.145   1.00 23.21 ? 55  ILE A CA  1 
ATOM   408  C C   . ILE A 1 55  ? 3.297   -14.517 3.079   1.00 24.13 ? 55  ILE A C   1 
ATOM   409  O O   . ILE A 1 55  ? 3.874   -13.731 3.863   1.00 24.95 ? 55  ILE A O   1 
ATOM   410  C CB  . ILE A 1 55  ? 0.817   -13.865 2.743   1.00 23.03 ? 55  ILE A CB  1 
ATOM   411  C CG1 . ILE A 1 55  ? 0.602   -12.605 3.586   1.00 23.13 ? 55  ILE A CG1 1 
ATOM   412  C CG2 . ILE A 1 55  ? 0.450   -15.155 3.487   1.00 21.50 ? 55  ILE A CG2 1 
ATOM   413  C CD1 . ILE A 1 55  ? -0.853  -12.183 3.675   1.00 23.94 ? 55  ILE A CD1 1 
ATOM   414  N N   . GLU A 1 56  ? 3.578   -15.828 2.944   1.00 26.06 ? 56  GLU A N   1 
ATOM   415  C CA  . GLU A 1 56  ? 4.440   -16.643 3.849   1.00 28.90 ? 56  GLU A CA  1 
ATOM   416  C C   . GLU A 1 56  ? 5.921   -16.450 3.496   1.00 29.31 ? 56  GLU A C   1 
ATOM   417  O O   . GLU A 1 56  ? 6.762   -16.995 4.225   1.00 30.25 ? 56  GLU A O   1 
ATOM   418  C CB  . GLU A 1 56  ? 4.096   -18.141 3.752   1.00 31.52 ? 56  GLU A CB  1 
ATOM   419  C CG  . GLU A 1 56  ? 2.662   -18.504 4.134   1.00 32.49 ? 56  GLU A CG  1 
ATOM   420  C CD  . GLU A 1 56  ? 2.269   -18.162 5.571   1.00 35.21 ? 56  GLU A CD  1 
ATOM   421  O OE1 . GLU A 1 56  ? 3.182   -18.125 6.443   1.00 34.90 ? 56  GLU A OE1 1 
ATOM   422  O OE2 . GLU A 1 56  ? 1.055   -17.898 5.812   1.00 31.44 ? 56  GLU A OE2 1 
ATOM   423  N N   . LYS A 1 57  ? 6.226   -15.776 2.386   1.00 28.99 ? 57  LYS A N   1 
ATOM   424  C CA  . LYS A 1 57  ? 7.614   -15.469 1.954   1.00 29.48 ? 57  LYS A CA  1 
ATOM   425  C C   . LYS A 1 57  ? 7.915   -13.984 2.251   1.00 29.70 ? 57  LYS A C   1 
ATOM   426  O O   . LYS A 1 57  ? 9.096   -13.604 2.119   1.00 30.00 ? 57  LYS A O   1 
ATOM   427  C CB  . LYS A 1 57  ? 7.796   -15.863 0.477   1.00 30.21 ? 57  LYS A CB  1 
ATOM   428  N N   . ALA A 1 58  ? 6.914   -13.205 2.711   1.00 29.16 ? 58  ALA A N   1 
ATOM   429  C CA  . ALA A 1 58  ? 7.002   -11.759 3.058   1.00 27.24 ? 58  ALA A CA  1 
ATOM   430  C C   . ALA A 1 58  ? 6.738   -11.497 4.553   1.00 25.09 ? 58  ALA A C   1 
ATOM   431  O O   . ALA A 1 58  ? 6.334   -10.345 4.864   1.00 26.81 ? 58  ALA A O   1 
ATOM   432  C CB  . ALA A 1 58  ? 6.025   -10.975 2.194   1.00 27.60 ? 58  ALA A CB  1 
ATOM   433  N N   . LYS A 1 59  ? 6.985   -12.477 5.436   1.00 23.55 ? 59  LYS A N   1 
ATOM   434  C CA  . LYS A 1 59  ? 6.861   -12.387 6.925   1.00 22.47 ? 59  LYS A CA  1 
ATOM   435  C C   . LYS A 1 59  ? 7.593   -11.150 7.477   1.00 22.45 ? 59  LYS A C   1 
ATOM   436  O O   . LYS A 1 59  ? 7.103   -10.597 8.486   1.00 22.68 ? 59  LYS A O   1 
ATOM   437  C CB  . LYS A 1 59  ? 7.407   -13.640 7.627   1.00 21.42 ? 59  LYS A CB  1 
ATOM   438  N N   . ASN A 1 60  ? 8.730   -10.737 6.897   1.00 21.45 ? 60  ASN A N   1 
ATOM   439  C CA  . ASN A 1 60  ? 9.558   -9.627  7.459   1.00 20.71 ? 60  ASN A CA  1 
ATOM   440  C C   . ASN A 1 60  ? 8.811   -8.284  7.357   1.00 19.95 ? 60  ASN A C   1 
ATOM   441  O O   . ASN A 1 60  ? 9.107   -7.357  8.182   1.00 20.36 ? 60  ASN A O   1 
ATOM   442  C CB  . ASN A 1 60  ? 10.952  -9.521  6.827   1.00 19.54 ? 60  ASN A CB  1 
ATOM   443  C CG  . ASN A 1 60  ? 11.758  -8.371  7.403   1.00 20.56 ? 60  ASN A CG  1 
ATOM   444  O OD1 . ASN A 1 60  ? 11.941  -8.280  8.614   1.00 22.54 ? 60  ASN A OD1 1 
ATOM   445  N ND2 . ASN A 1 60  ? 12.210  -7.452  6.563   1.00 19.76 ? 60  ASN A ND2 1 
ATOM   446  N N   . CYS A 1 61  ? 7.889   -8.142  6.412   1.00 18.35 ? 61  CYS A N   1 
ATOM   447  C CA  . CYS A 1 61  ? 7.044   -6.921  6.306   1.00 18.26 ? 61  CYS A CA  1 
ATOM   448  C C   . CYS A 1 61  ? 6.175   -6.742  7.563   1.00 17.46 ? 61  CYS A C   1 
ATOM   449  O O   . CYS A 1 61  ? 5.828   -5.603  7.870   1.00 19.03 ? 61  CYS A O   1 
ATOM   450  C CB  . CYS A 1 61  ? 6.102   -6.976  5.115   1.00 18.49 ? 61  CYS A CB  1 
ATOM   451  S SG  . CYS A 1 61  ? 6.930   -7.080  3.513   1.00 18.16 ? 61  CYS A SG  1 
ATOM   452  N N   . ILE A 1 62  ? 5.802   -7.816  8.254   1.00 16.62 ? 62  ILE A N   1 
ATOM   453  C CA  . ILE A 1 62  ? 4.986   -7.749  9.509   1.00 16.54 ? 62  ILE A CA  1 
ATOM   454  C C   . ILE A 1 62  ? 5.774   -7.005  10.583  1.00 16.76 ? 62  ILE A C   1 
ATOM   455  O O   . ILE A 1 62  ? 5.189   -6.100  11.283  1.00 16.83 ? 62  ILE A O   1 
ATOM   456  C CB  . ILE A 1 62  ? 4.596   -9.160  9.966   1.00 16.62 ? 62  ILE A CB  1 
ATOM   457  C CG1 . ILE A 1 62  ? 3.440   -9.681  9.114   1.00 17.64 ? 62  ILE A CG1 1 
ATOM   458  C CG2 . ILE A 1 62  ? 4.284   -9.201  11.453  1.00 16.87 ? 62  ILE A CG2 1 
ATOM   459  C CD1 . ILE A 1 62  ? 3.485   -11.155 8.876   1.00 19.01 ? 62  ILE A CD1 1 
ATOM   460  N N   . ASP A 1 63  ? 7.040   -7.378  10.715  1.00 16.05 ? 63  ASP A N   1 
ATOM   461  C CA  . ASP A 1 63  ? 7.996   -6.674  11.592  1.00 18.04 ? 63  ASP A CA  1 
ATOM   462  C C   . ASP A 1 63  ? 8.061   -5.177  11.220  1.00 17.58 ? 63  ASP A C   1 
ATOM   463  O O   . ASP A 1 63  ? 8.025   -4.299  12.119  1.00 16.10 ? 63  ASP A O   1 
ATOM   464  C CB  . ASP A 1 63  ? 9.365   -7.336  11.494  1.00 19.47 ? 63  ASP A CB  1 
ATOM   465  C CG  . ASP A 1 63  ? 10.214  -6.992  12.685  1.00 21.30 ? 63  ASP A CG  1 
ATOM   466  O OD1 . ASP A 1 63  ? 9.923   -7.554  13.768  1.00 24.70 ? 63  ASP A OD1 1 
ATOM   467  O OD2 . ASP A 1 63  ? 11.071  -6.111  12.543  1.00 21.94 ? 63  ASP A OD2 1 
ATOM   468  N N   . ILE A 1 64  ? 8.193   -4.884  9.931   1.00 16.83 ? 64  ILE A N   1 
ATOM   469  C CA  . ILE A 1 64  ? 8.282   -3.492  9.426   1.00 15.35 ? 64  ILE A CA  1 
ATOM   470  C C   . ILE A 1 64  ? 6.956   -2.789  9.741   1.00 16.04 ? 64  ILE A C   1 
ATOM   471  O O   . ILE A 1 64  ? 7.031   -1.641  10.293  1.00 15.59 ? 64  ILE A O   1 
ATOM   472  C CB  . ILE A 1 64  ? 8.704   -3.487  7.951   1.00 14.97 ? 64  ILE A CB  1 
ATOM   473  C CG1 . ILE A 1 64  ? 10.116  -4.075  7.813   1.00 15.66 ? 64  ILE A CG1 1 
ATOM   474  C CG2 . ILE A 1 64  ? 8.635   -2.090  7.375   1.00 15.21 ? 64  ILE A CG2 1 
ATOM   475  C CD1 . ILE A 1 64  ? 10.482  -4.472  6.423   1.00 16.33 ? 64  ILE A CD1 1 
ATOM   476  N N   . ALA A 1 65  ? 5.808   -3.442  9.497   1.00 15.79 ? 65  ALA A N   1 
ATOM   477  C CA  . ALA A 1 65  ? 4.465   -2.820  9.674   1.00 16.32 ? 65  ALA A CA  1 
ATOM   478  C C   . ALA A 1 65  ? 4.258   -2.450  11.148  1.00 17.06 ? 65  ALA A C   1 
ATOM   479  O O   . ALA A 1 65  ? 3.817   -1.325  11.416  1.00 17.21 ? 65  ALA A O   1 
ATOM   480  C CB  . ALA A 1 65  ? 3.365   -3.707  9.150   1.00 15.02 ? 65  ALA A CB  1 
ATOM   481  N N   . LEU A 1 66  ? 4.639   -3.332  12.079  1.00 19.37 ? 66  LEU A N   1 
ATOM   482  C CA  . LEU A 1 66  ? 4.521   -3.067  13.546  1.00 18.82 ? 66  LEU A CA  1 
ATOM   483  C C   . LEU A 1 66  ? 5.526   -1.995  14.017  1.00 19.05 ? 66  LEU A C   1 
ATOM   484  O O   . LEU A 1 66  ? 5.114   -1.117  14.822  1.00 20.64 ? 66  LEU A O   1 
ATOM   485  C CB  . LEU A 1 66  ? 4.725   -4.368  14.332  1.00 18.50 ? 66  LEU A CB  1 
ATOM   486  C CG  . LEU A 1 66  ? 3.464   -5.194  14.577  1.00 18.42 ? 66  LEU A CG  1 
ATOM   487  C CD1 . LEU A 1 66  ? 3.779   -6.516  15.292  1.00 17.30 ? 66  LEU A CD1 1 
ATOM   488  C CD2 . LEU A 1 66  ? 2.435   -4.380  15.353  1.00 18.37 ? 66  LEU A CD2 1 
ATOM   489  N N   . ASN A 1 67  ? 6.796   -2.071  13.618  1.00 18.42 ? 67  ASN A N   1 
ATOM   490  C CA  . ASN A 1 67  ? 7.906   -1.455  14.404  1.00 19.39 ? 67  ASN A CA  1 
ATOM   491  C C   . ASN A 1 67  ? 8.470   -0.205  13.717  1.00 20.77 ? 67  ASN A C   1 
ATOM   492  O O   . ASN A 1 67  ? 9.113   0.625   14.400  1.00 22.35 ? 67  ASN A O   1 
ATOM   493  C CB  . ASN A 1 67  ? 8.992   -2.497  14.712  1.00 18.47 ? 67  ASN A CB  1 
ATOM   494  C CG  . ASN A 1 67  ? 8.489   -3.563  15.666  1.00 17.32 ? 67  ASN A CG  1 
ATOM   495  O OD1 . ASN A 1 67  ? 8.428   -3.332  16.858  1.00 17.60 ? 67  ASN A OD1 1 
ATOM   496  N ND2 . ASN A 1 67  ? 8.073   -4.711  15.171  1.00 17.32 ? 67  ASN A ND2 1 
ATOM   497  N N   . ALA A 1 68  ? 8.278   -0.028  12.417  1.00 19.99 ? 68  ALA A N   1 
ATOM   498  C CA  . ALA A 1 68  ? 8.869   1.139   11.736  1.00 19.84 ? 68  ALA A CA  1 
ATOM   499  C C   . ALA A 1 68  ? 8.348   2.428   12.387  1.00 20.34 ? 68  ALA A C   1 
ATOM   500  O O   . ALA A 1 68  ? 7.198   2.453   12.885  1.00 19.46 ? 68  ALA A O   1 
ATOM   501  C CB  . ALA A 1 68  ? 8.574   1.078   10.249  1.00 20.57 ? 68  ALA A CB  1 
ATOM   502  N N   . LYS A 1 69  ? 9.159   3.487   12.350  1.00 21.14 ? 69  LYS A N   1 
ATOM   503  C CA  . LYS A 1 69  ? 8.762   4.847   12.782  1.00 21.86 ? 69  LYS A CA  1 
ATOM   504  C C   . LYS A 1 69  ? 8.417   5.692   11.560  1.00 21.49 ? 69  LYS A C   1 
ATOM   505  O O   . LYS A 1 69  ? 7.852   6.784   11.743  1.00 27.89 ? 69  LYS A O   1 
ATOM   506  C CB  . LYS A 1 69  ? 9.873   5.480   13.627  1.00 23.04 ? 69  LYS A CB  1 
ATOM   507  C CG  . LYS A 1 69  ? 9.953   4.961   15.055  1.00 23.53 ? 69  LYS A CG  1 
ATOM   508  C CD  . LYS A 1 69  ? 11.257  5.304   15.704  1.00 25.45 ? 69  LYS A CD  1 
ATOM   509  C CE  . LYS A 1 69  ? 11.373  4.799   17.119  1.00 27.85 ? 69  LYS A CE  1 
ATOM   510  N NZ  . LYS A 1 69  ? 11.531  3.324   17.183  1.00 28.58 ? 69  LYS A NZ  1 
ATOM   511  N N   . LEU A 1 70  ? 8.667   5.188   10.362  1.00 21.65 ? 70  LEU A N   1 
ATOM   512  C CA  . LEU A 1 70  ? 8.364   5.916   9.105   1.00 21.02 ? 70  LEU A CA  1 
ATOM   513  C C   . LEU A 1 70  ? 6.949   5.571   8.640   1.00 20.95 ? 70  LEU A C   1 
ATOM   514  O O   . LEU A 1 70  ? 6.368   4.546   9.021   1.00 22.78 ? 70  LEU A O   1 
ATOM   515  C CB  . LEU A 1 70  ? 9.410   5.580   8.037   1.00 21.19 ? 70  LEU A CB  1 
ATOM   516  C CG  . LEU A 1 70  ? 10.883  5.755   8.438   1.00 21.30 ? 70  LEU A CG  1 
ATOM   517  C CD1 . LEU A 1 70  ? 11.798  5.303   7.315   1.00 20.11 ? 70  LEU A CD1 1 
ATOM   518  C CD2 . LEU A 1 70  ? 11.211  7.193   8.818   1.00 21.71 ? 70  LEU A CD2 1 
ATOM   519  N N   . PRO A 1 71  ? 6.326   6.447   7.819   1.00 19.26 ? 71  PRO A N   1 
ATOM   520  C CA  . PRO A 1 71  ? 5.069   6.100   7.151   1.00 17.53 ? 71  PRO A CA  1 
ATOM   521  C C   . PRO A 1 71  ? 5.219   4.897   6.194   1.00 16.64 ? 71  PRO A C   1 
ATOM   522  O O   . PRO A 1 71  ? 6.277   4.714   5.616   1.00 15.88 ? 71  PRO A O   1 
ATOM   523  C CB  . PRO A 1 71  ? 4.675   7.380   6.407   1.00 17.44 ? 71  PRO A CB  1 
ATOM   524  C CG  . PRO A 1 71  ? 5.454   8.474   7.118   1.00 19.23 ? 71  PRO A CG  1 
ATOM   525  C CD  . PRO A 1 71  ? 6.762   7.823   7.536   1.00 19.01 ? 71  PRO A CD  1 
ATOM   526  N N   . ILE A 1 72  ? 4.142   4.111   6.074   1.00 14.92 ? 72  ILE A N   1 
ATOM   527  C CA  . ILE A 1 72  ? 4.056   2.827   5.332   1.00 14.47 ? 72  ILE A CA  1 
ATOM   528  C C   . ILE A 1 72  ? 2.830   2.895   4.415   1.00 14.10 ? 72  ILE A C   1 
ATOM   529  O O   . ILE A 1 72  ? 1.737   3.233   4.894   1.00 13.82 ? 72  ILE A O   1 
ATOM   530  C CB  . ILE A 1 72  ? 3.968   1.623   6.291   1.00 14.62 ? 72  ILE A CB  1 
ATOM   531  C CG1 . ILE A 1 72  ? 5.107   1.603   7.322   1.00 15.32 ? 72  ILE A CG1 1 
ATOM   532  C CG2 . ILE A 1 72  ? 3.912   0.329   5.500   1.00 14.57 ? 72  ILE A CG2 1 
ATOM   533  C CD1 . ILE A 1 72  ? 5.181   0.331   8.154   1.00 14.73 ? 72  ILE A CD1 1 
ATOM   534  N N   . LEU A 1 73  ? 3.001   2.592   3.133   1.00 13.35 ? 73  LEU A N   1 
ATOM   535  C CA  . LEU A 1 73  ? 1.857   2.246   2.252   1.00 12.95 ? 73  LEU A CA  1 
ATOM   536  C C   . LEU A 1 73  ? 2.010   0.776   1.861   1.00 12.05 ? 73  LEU A C   1 
ATOM   537  O O   . LEU A 1 73  ? 3.050   0.417   1.280   1.00 11.12 ? 73  LEU A O   1 
ATOM   538  C CB  . LEU A 1 73  ? 1.820   3.168   1.030   1.00 13.21 ? 73  LEU A CB  1 
ATOM   539  C CG  . LEU A 1 73  ? 0.670   2.954   0.043   1.00 13.60 ? 73  LEU A CG  1 
ATOM   540  C CD1 . LEU A 1 73  ? -0.676  3.100   0.713   1.00 13.75 ? 73  LEU A CD1 1 
ATOM   541  C CD2 . LEU A 1 73  ? 0.759   3.937   -1.121  1.00 13.99 ? 73  LEU A CD2 1 
ATOM   542  N N   . GLY A 1 74  ? 1.015   -0.023  2.214   1.00 11.74 ? 74  GLY A N   1 
ATOM   543  C CA  . GLY A 1 74  ? 0.871   -1.409  1.753   1.00 12.13 ? 74  GLY A CA  1 
ATOM   544  C C   . GLY A 1 74  ? 0.032   -1.483  0.488   1.00 11.75 ? 74  GLY A C   1 
ATOM   545  O O   . GLY A 1 74  ? -1.057  -0.844  0.431   1.00 10.27 ? 74  GLY A O   1 
ATOM   546  N N   . ILE A 1 75  ? 0.506   -2.253  -0.491  1.00 11.66 ? 75  ILE A N   1 
ATOM   547  C CA  . ILE A 1 75  ? -0.185  -2.408  -1.799  1.00 12.16 ? 75  ILE A CA  1 
ATOM   548  C C   . ILE A 1 75  ? -0.521  -3.890  -1.969  1.00 12.90 ? 75  ILE A C   1 
ATOM   549  O O   . ILE A 1 75  ? 0.423   -4.705  -2.070  1.00 13.53 ? 75  ILE A O   1 
ATOM   550  C CB  . ILE A 1 75  ? 0.681   -1.850  -2.948  1.00 11.80 ? 75  ILE A CB  1 
ATOM   551  C CG1 . ILE A 1 75  ? 0.823   -0.337  -2.854  1.00 11.89 ? 75  ILE A CG1 1 
ATOM   552  C CG2 . ILE A 1 75  ? 0.151   -2.260  -4.301  1.00 11.83 ? 75  ILE A CG2 1 
ATOM   553  C CD1 . ILE A 1 75  ? 1.745   0.252   -3.890  1.00 12.05 ? 75  ILE A CD1 1 
ATOM   554  N N   . CYS A 1 76  ? -1.811  -4.210  -2.030  1.00 13.15 ? 76  CYS A N   1 
ATOM   555  C CA  . CYS A 1 76  ? -2.334  -5.588  -2.226  1.00 13.50 ? 76  CYS A CA  1 
ATOM   556  C C   . CYS A 1 76  ? -1.695  -6.519  -1.193  1.00 13.36 ? 76  CYS A C   1 
ATOM   557  O O   . CYS A 1 76  ? -2.099  -6.429  -0.049  1.00 14.42 ? 76  CYS A O   1 
ATOM   558  C CB  . CYS A 1 76  ? -2.157  -6.095  -3.654  1.00 13.21 ? 76  CYS A CB  1 
ATOM   559  S SG  . CYS A 1 76  ? -3.251  -7.513  -3.922  1.00 13.74 ? 76  CYS A SG  1 
ATOM   560  N N   . LEU A 1 77  ? -0.712  -7.343  -1.530  1.00 13.45 ? 77  LEU A N   1 
ATOM   561  C CA  . LEU A 1 77  ? -0.108  -8.216  -0.500  1.00 13.65 ? 77  LEU A CA  1 
ATOM   562  C C   . LEU A 1 77  ? 0.271   -7.363  0.710   1.00 13.26 ? 77  LEU A C   1 
ATOM   563  O O   . LEU A 1 77  ? 0.071   -7.821  1.855   1.00 13.01 ? 77  LEU A O   1 
ATOM   564  C CB  . LEU A 1 77  ? 1.117   -8.952  -1.039  1.00 14.89 ? 77  LEU A CB  1 
ATOM   565  C CG  . LEU A 1 77  ? 1.642   -10.062 -0.118  1.00 15.21 ? 77  LEU A CG  1 
ATOM   566  C CD1 . LEU A 1 77  ? 0.618   -11.187 -0.002  1.00 15.77 ? 77  LEU A CD1 1 
ATOM   567  C CD2 . LEU A 1 77  ? 2.971   -10.610 -0.603  1.00 14.40 ? 77  LEU A CD2 1 
ATOM   568  N N   . GLY A 1 78  ? 0.823   -6.176  0.478   1.00 13.00 ? 78  GLY A N   1 
ATOM   569  C CA  . GLY A 1 78  ? 1.319   -5.323  1.575   1.00 13.59 ? 78  GLY A CA  1 
ATOM   570  C C   . GLY A 1 78  ? 0.181   -4.816  2.457   1.00 13.00 ? 78  GLY A C   1 
ATOM   571  O O   . GLY A 1 78  ? 0.384   -4.681  3.690   1.00 13.15 ? 78  GLY A O   1 
ATOM   572  N N   . HIS A 1 79  ? -0.965  -4.501  1.848   1.00 12.16 ? 79  HIS A N   1 
ATOM   573  C CA  . HIS A 1 79  ? -2.218  -4.094  2.543   1.00 11.51 ? 79  HIS A CA  1 
ATOM   574  C C   . HIS A 1 79  ? -2.637  -5.220  3.501   1.00 11.52 ? 79  HIS A C   1 
ATOM   575  O O   . HIS A 1 79  ? -2.820  -4.965  4.723   1.00 10.84 ? 79  HIS A O   1 
ATOM   576  C CB  . HIS A 1 79  ? -3.245  -3.747  1.465   1.00 11.24 ? 79  HIS A CB  1 
ATOM   577  C CG  . HIS A 1 79  ? -4.643  -3.587  1.936   1.00 10.97 ? 79  HIS A CG  1 
ATOM   578  N ND1 . HIS A 1 79  ? -4.993  -2.665  2.918   1.00 10.48 ? 79  HIS A ND1 1 
ATOM   579  C CD2 . HIS A 1 79  ? -5.775  -4.178  1.515   1.00 10.06 ? 79  HIS A CD2 1 
ATOM   580  C CE1 . HIS A 1 79  ? -6.282  -2.739  3.110   1.00 10.70 ? 79  HIS A CE1 1 
ATOM   581  N NE2 . HIS A 1 79  ? -6.783  -3.654  2.258   1.00 10.54 ? 79  HIS A NE2 1 
ATOM   582  N N   . GLN A 1 80  ? -2.703  -6.439  2.971   1.00 11.44 ? 80  GLN A N   1 
ATOM   583  C CA  . GLN A 1 80  ? -2.996  -7.688  3.728   1.00 12.24 ? 80  GLN A CA  1 
ATOM   584  C C   . GLN A 1 80  ? -1.959  -7.921  4.854   1.00 12.43 ? 80  GLN A C   1 
ATOM   585  O O   . GLN A 1 80  ? -2.358  -8.288  6.002   1.00 13.30 ? 80  GLN A O   1 
ATOM   586  C CB  . GLN A 1 80  ? -3.104  -8.824  2.711   1.00 12.44 ? 80  GLN A CB  1 
ATOM   587  C CG  . GLN A 1 80  ? -4.297  -8.641  1.770   1.00 12.55 ? 80  GLN A CG  1 
ATOM   588  C CD  . GLN A 1 80  ? -4.032  -9.181  0.392   1.00 13.05 ? 80  GLN A CD  1 
ATOM   589  O OE1 . GLN A 1 80  ? -3.052  -9.888  0.182   1.00 13.22 ? 80  GLN A OE1 1 
ATOM   590  N NE2 . GLN A 1 80  ? -4.884  -8.801  -0.555  1.00 13.28 ? 80  GLN A NE2 1 
ATOM   591  N N   . LEU A 1 81  ? -0.694  -7.638  4.589   1.00 11.78 ? 81  LEU A N   1 
ATOM   592  C CA  . LEU A 1 81  ? 0.391   -7.820  5.588   1.00 12.06 ? 81  LEU A CA  1 
ATOM   593  C C   . LEU A 1 81  ? 0.306   -6.806  6.746   1.00 11.54 ? 81  LEU A C   1 
ATOM   594  O O   . LEU A 1 81  ? 0.538   -7.208  7.912   1.00 11.67 ? 81  LEU A O   1 
ATOM   595  C CB  . LEU A 1 81  ? 1.722   -7.752  4.846   1.00 11.31 ? 81  LEU A CB  1 
ATOM   596  C CG  . LEU A 1 81  ? 2.081   -9.025  4.091   1.00 10.62 ? 81  LEU A CG  1 
ATOM   597  C CD1 . LEU A 1 81  ? 3.204   -8.742  3.120   1.00 10.53 ? 81  LEU A CD1 1 
ATOM   598  C CD2 . LEU A 1 81  ? 2.457   -10.148 5.044   1.00 10.78 ? 81  LEU A CD2 1 
ATOM   599  N N   . ILE A 1 82  ? -0.062  -5.563  6.467   1.00 10.54 ? 82  ILE A N   1 
ATOM   600  C CA  . ILE A 1 82  ? -0.314  -4.553  7.532   1.00 10.44 ? 82  ILE A CA  1 
ATOM   601  C C   . ILE A 1 82  ? -1.471  -5.044  8.418   1.00 10.82 ? 82  ILE A C   1 
ATOM   602  O O   . ILE A 1 82  ? -1.321  -5.023  9.629   1.00 10.05 ? 82  ILE A O   1 
ATOM   603  C CB  . ILE A 1 82  ? -0.566  -3.165  6.902   1.00 9.96  ? 82  ILE A CB  1 
ATOM   604  C CG1 . ILE A 1 82  ? 0.715   -2.637  6.251   1.00 9.80  ? 82  ILE A CG1 1 
ATOM   605  C CG2 . ILE A 1 82  ? -1.077  -2.180  7.933   1.00 9.88  ? 82  ILE A CG2 1 
ATOM   606  C CD1 . ILE A 1 82  ? 0.484   -1.598  5.233   1.00 9.91  ? 82  ILE A CD1 1 
ATOM   607  N N   . ALA A 1 83  ? -2.580  -5.460  7.812   1.00 11.97 ? 83  ALA A N   1 
ATOM   608  C CA  . ALA A 1 83  ? -3.780  -5.988  8.491   1.00 13.24 ? 83  ALA A CA  1 
ATOM   609  C C   . ALA A 1 83  ? -3.339  -7.113  9.430   1.00 14.36 ? 83  ALA A C   1 
ATOM   610  O O   . ALA A 1 83  ? -3.531  -6.973  10.629  1.00 15.23 ? 83  ALA A O   1 
ATOM   611  C CB  . ALA A 1 83  ? -4.791  -6.455  7.481   1.00 13.45 ? 83  ALA A CB  1 
ATOM   612  N N   . LEU A 1 84  ? -2.687  -8.141  8.899   1.00 15.72 ? 84  LEU A N   1 
ATOM   613  C CA  . LEU A 1 84  ? -2.168  -9.276  9.691   1.00 17.08 ? 84  LEU A CA  1 
ATOM   614  C C   . LEU A 1 84  ? -1.303  -8.761  10.847  1.00 16.60 ? 84  LEU A C   1 
ATOM   615  O O   . LEU A 1 84  ? -1.413  -9.296  11.944  1.00 15.95 ? 84  LEU A O   1 
ATOM   616  C CB  . LEU A 1 84  ? -1.349  -10.196 8.779   1.00 18.64 ? 84  LEU A CB  1 
ATOM   617  C CG  . LEU A 1 84  ? -2.155  -11.292 8.101   1.00 21.03 ? 84  LEU A CG  1 
ATOM   618  C CD1 . LEU A 1 84  ? -1.273  -12.081 7.133   1.00 22.10 ? 84  LEU A CD1 1 
ATOM   619  C CD2 . LEU A 1 84  ? -2.809  -12.206 9.148   1.00 21.03 ? 84  LEU A CD2 1 
ATOM   620  N N   . ALA A 1 85  ? -0.441  -7.783  10.600  1.00 16.67 ? 85  ALA A N   1 
ATOM   621  C CA  . ALA A 1 85  ? 0.630   -7.417  11.551  1.00 17.85 ? 85  ALA A CA  1 
ATOM   622  C C   . ALA A 1 85  ? 0.039   -6.842  12.852  1.00 18.38 ? 85  ALA A C   1 
ATOM   623  O O   . ALA A 1 85  ? 0.677   -7.059  13.938  1.00 19.75 ? 85  ALA A O   1 
ATOM   624  C CB  . ALA A 1 85  ? 1.606   -6.469  10.898  1.00 17.76 ? 85  ALA A CB  1 
ATOM   625  N N   . TYR A 1 86  ? -1.095  -6.126  12.768  1.00 18.82 ? 86  TYR A N   1 
ATOM   626  C CA  . TYR A 1 86  ? -1.785  -5.488  13.928  1.00 17.39 ? 86  TYR A CA  1 
ATOM   627  C C   . TYR A 1 86  ? -2.883  -6.417  14.482  1.00 17.36 ? 86  TYR A C   1 
ATOM   628  O O   . TYR A 1 86  ? -3.576  -6.028  15.444  1.00 17.27 ? 86  TYR A O   1 
ATOM   629  C CB  . TYR A 1 86  ? -2.252  -4.082  13.540  1.00 17.21 ? 86  TYR A CB  1 
ATOM   630  C CG  . TYR A 1 86  ? -1.104  -3.116  13.428  1.00 16.97 ? 86  TYR A CG  1 
ATOM   631  C CD1 . TYR A 1 86  ? -0.301  -3.105  12.311  1.00 17.13 ? 86  TYR A CD1 1 
ATOM   632  C CD2 . TYR A 1 86  ? -0.744  -2.288  14.479  1.00 17.54 ? 86  TYR A CD2 1 
ATOM   633  C CE1 . TYR A 1 86  ? 0.784   -2.246  12.202  1.00 17.84 ? 86  TYR A CE1 1 
ATOM   634  C CE2 . TYR A 1 86  ? 0.333   -1.415  14.385  1.00 17.05 ? 86  TYR A CE2 1 
ATOM   635  C CZ  . TYR A 1 86  ? 1.127   -1.412  13.253  1.00 17.07 ? 86  TYR A CZ  1 
ATOM   636  O OH  . TYR A 1 86  ? 2.216   -0.571  13.134  1.00 17.89 ? 86  TYR A OH  1 
ATOM   637  N N   . GLY A 1 87  ? -3.028  -7.625  13.933  1.00 17.09 ? 87  GLY A N   1 
ATOM   638  C CA  . GLY A 1 87  ? -3.939  -8.667  14.464  1.00 18.36 ? 87  GLY A CA  1 
ATOM   639  C C   . GLY A 1 87  ? -5.309  -8.652  13.796  1.00 18.54 ? 87  GLY A C   1 
ATOM   640  O O   . GLY A 1 87  ? -6.261  -9.203  14.364  1.00 18.51 ? 87  GLY A O   1 
ATOM   641  N N   . GLY A 1 88  ? -5.406  -8.025  12.624  1.00 19.12 ? 88  GLY A N   1 
ATOM   642  C CA  . GLY A 1 88  ? -6.543  -8.176  11.705  1.00 18.94 ? 88  GLY A CA  1 
ATOM   643  C C   . GLY A 1 88  ? -6.506  -9.548  11.059  1.00 18.43 ? 88  GLY A C   1 
ATOM   644  O O   . GLY A 1 88  ? -5.629  -10.351 11.418  1.00 16.48 ? 88  GLY A O   1 
ATOM   645  N N   . GLU A 1 89  ? -7.447  -9.820  10.155  1.00 19.30 ? 89  GLU A N   1 
ATOM   646  C CA  . GLU A 1 89  ? -7.632  -11.168 9.564   1.00 20.24 ? 89  GLU A CA  1 
ATOM   647  C C   . GLU A 1 89  ? -7.670  -11.038 8.039   1.00 19.43 ? 89  GLU A C   1 
ATOM   648  O O   . GLU A 1 89  ? -8.233  -10.052 7.505   1.00 16.56 ? 89  GLU A O   1 
ATOM   649  C CB  . GLU A 1 89  ? -8.868  -11.854 10.155  1.00 22.81 ? 89  GLU A CB  1 
ATOM   650  C CG  . GLU A 1 89  ? -8.728  -12.186 11.645  1.00 24.86 ? 89  GLU A CG  1 
ATOM   651  C CD  . GLU A 1 89  ? -7.570  -13.122 11.974  1.00 29.20 ? 89  GLU A CD  1 
ATOM   652  O OE1 . GLU A 1 89  ? -7.381  -13.486 13.165  1.00 34.34 ? 89  GLU A OE1 1 
ATOM   653  N N   . VAL A 1 90  ? -7.058  -12.007 7.372   1.00 19.65 ? 90  VAL A N   1 
ATOM   654  C CA  . VAL A 1 90  ? -6.979  -12.064 5.897   1.00 21.58 ? 90  VAL A CA  1 
ATOM   655  C C   . VAL A 1 90  ? -7.502  -13.430 5.446   1.00 21.38 ? 90  VAL A C   1 
ATOM   656  O O   . VAL A 1 90  ? -7.327  -14.413 6.168   1.00 20.17 ? 90  VAL A O   1 
ATOM   657  C CB  . VAL A 1 90  ? -5.540  -11.780 5.438   1.00 22.53 ? 90  VAL A CB  1 
ATOM   658  C CG1 . VAL A 1 90  ? -5.383  -11.989 3.944   1.00 22.90 ? 90  VAL A CG1 1 
ATOM   659  C CG2 . VAL A 1 90  ? -5.114  -10.371 5.850   1.00 23.25 ? 90  VAL A CG2 1 
ATOM   660  N N   . GLY A 1 91  ? -8.104  -13.469 4.266   1.00 22.19 ? 91  GLY A N   1 
ATOM   661  C CA  . GLY A 1 91  ? -8.701  -14.693 3.713   1.00 22.35 ? 91  GLY A CA  1 
ATOM   662  C C   . GLY A 1 91  ? -8.862  -14.603 2.210   1.00 23.19 ? 91  GLY A C   1 
ATOM   663  O O   . GLY A 1 91  ? -8.714  -13.499 1.613   1.00 23.03 ? 91  GLY A O   1 
ATOM   664  N N   . ARG A 1 92  ? -9.161  -15.745 1.619   1.00 23.67 ? 92  ARG A N   1 
ATOM   665  C CA  . ARG A 1 92  ? -9.474  -15.863 0.189   1.00 25.95 ? 92  ARG A CA  1 
ATOM   666  C C   . ARG A 1 92  ? -10.631 -14.910 -0.090  1.00 25.68 ? 92  ARG A C   1 
ATOM   667  O O   . ARG A 1 92  ? -11.608 -14.856 0.715   1.00 25.91 ? 92  ARG A O   1 
ATOM   668  C CB  . ARG A 1 92  ? -9.743  -17.333 -0.140  1.00 31.10 ? 92  ARG A CB  1 
ATOM   669  C CG  . ARG A 1 92  ? -8.475  -18.180 -0.173  1.00 33.13 ? 92  ARG A CG  1 
ATOM   670  C CD  . ARG A 1 92  ? -7.818  -18.094 -1.540  1.00 35.76 ? 92  ARG A CD  1 
ATOM   671  N NE  . ARG A 1 92  ? -8.340  -19.141 -2.423  1.00 37.98 ? 92  ARG A NE  1 
ATOM   672  C CZ  . ARG A 1 92  ? -8.376  -19.079 -3.750  1.00 38.23 ? 92  ARG A CZ  1 
ATOM   673  N NH2 . ARG A 1 92  ? -7.922  -18.023 -4.403  1.00 39.32 ? 92  ARG A NH2 1 
ATOM   674  N N   . ALA A 1 93  ? -10.497 -14.145 -1.167  1.00 23.47 ? 93  ALA A N   1 
ATOM   675  C CA  . ALA A 1 93  ? -11.475 -13.112 -1.552  1.00 21.39 ? 93  ALA A CA  1 
ATOM   676  C C   . ALA A 1 93  ? -12.147 -13.559 -2.852  1.00 19.67 ? 93  ALA A C   1 
ATOM   677  O O   . ALA A 1 93  ? -12.219 -14.736 -3.102  1.00 18.59 ? 93  ALA A O   1 
ATOM   678  C CB  . ALA A 1 93  ? -10.785 -11.769 -1.626  1.00 21.16 ? 93  ALA A CB  1 
ATOM   679  N N   . GLU A 1 94  ? -12.625 -12.641 -3.669  1.00 20.80 ? 94  GLU A N   1 
ATOM   680  C CA  . GLU A 1 94  ? -13.795 -12.907 -4.543  1.00 19.96 ? 94  GLU A CA  1 
ATOM   681  C C   . GLU A 1 94  ? -13.362 -13.361 -5.948  1.00 18.77 ? 94  GLU A C   1 
ATOM   682  O O   . GLU A 1 94  ? -14.131 -14.108 -6.560  1.00 18.49 ? 94  GLU A O   1 
ATOM   683  C CB  . GLU A 1 94  ? -14.636 -11.633 -4.492  1.00 19.09 ? 94  GLU A CB  1 
ATOM   684  C CG  . GLU A 1 94  ? -16.082 -11.825 -4.116  1.00 19.39 ? 94  GLU A CG  1 
ATOM   685  C CD  . GLU A 1 94  ? -16.533 -12.970 -3.231  1.00 19.87 ? 94  GLU A CD  1 
ATOM   686  O OE1 . GLU A 1 94  ? -16.204 -12.998 -2.005  1.00 18.79 ? 94  GLU A OE1 1 
ATOM   687  O OE2 . GLU A 1 94  ? -17.300 -13.797 -3.765  1.00 20.19 ? 94  GLU A OE2 1 
ATOM   688  N N   . ALA A 1 95  ? -12.206 -12.921 -6.457  1.00 18.25 ? 95  ALA A N   1 
ATOM   689  C CA  . ALA A 1 95  ? -11.756 -13.201 -7.842  1.00 20.16 ? 95  ALA A CA  1 
ATOM   690  C C   . ALA A 1 95  ? -10.281 -12.830 -8.019  1.00 20.31 ? 95  ALA A C   1 
ATOM   691  O O   . ALA A 1 95  ? -9.900  -11.691 -7.655  1.00 21.05 ? 95  ALA A O   1 
ATOM   692  C CB  . ALA A 1 95  ? -12.629 -12.456 -8.835  1.00 20.77 ? 95  ALA A CB  1 
ATOM   693  N N   . GLU A 1 96  ? -9.497  -13.774 -8.555  1.00 21.39 ? 96  GLU A N   1 
ATOM   694  C CA  . GLU A 1 96  ? -8.011  -13.758 -8.594  1.00 21.57 ? 96  GLU A CA  1 
ATOM   695  C C   . GLU A 1 96  ? -7.508  -12.740 -9.633  1.00 19.19 ? 96  GLU A C   1 
ATOM   696  O O   . GLU A 1 96  ? -6.467  -12.102 -9.361  1.00 16.93 ? 96  GLU A O   1 
ATOM   697  C CB  . GLU A 1 96  ? -7.459  -15.157 -8.900  1.00 24.60 ? 96  GLU A CB  1 
ATOM   698  C CG  . GLU A 1 96  ? -7.767  -16.196 -7.830  1.00 28.36 ? 96  GLU A CG  1 
ATOM   699  C CD  . GLU A 1 96  ? -7.192  -17.595 -8.059  1.00 30.33 ? 96  GLU A CD  1 
ATOM   700  O OE2 . GLU A 1 96  ? -6.026  -17.870 -7.635  1.00 32.05 ? 96  GLU A OE2 1 
ATOM   701  N N   . GLU A 1 97  ? -8.216  -12.561 -10.753 1.00 17.79 ? 97  GLU A N   1 
ATOM   702  C CA  . GLU A 1 97  ? -7.666  -11.882 -11.969 1.00 18.78 ? 97  GLU A CA  1 
ATOM   703  C C   . GLU A 1 97  ? -7.637  -10.357 -11.754 1.00 18.84 ? 97  GLU A C   1 
ATOM   704  O O   . GLU A 1 97  ? -8.614  -9.826  -11.186 1.00 18.28 ? 97  GLU A O   1 
ATOM   705  C CB  . GLU A 1 97  ? -8.482  -12.204 -13.233 1.00 18.81 ? 97  GLU A CB  1 
ATOM   706  C CG  . GLU A 1 97  ? -8.368  -13.658 -13.716 1.00 19.76 ? 97  GLU A CG  1 
ATOM   707  C CD  . GLU A 1 97  ? -9.189  -14.712 -12.965 1.00 20.13 ? 97  GLU A CD  1 
ATOM   708  O OE1 . GLU A 1 97  ? -10.167 -14.324 -12.252 1.00 19.43 ? 97  GLU A OE1 1 
ATOM   709  O OE2 . GLU A 1 97  ? -8.856  -15.928 -13.075 1.00 19.70 ? 97  GLU A OE2 1 
ATOM   710  N N   . TYR A 1 98  ? -6.574  -9.676  -12.211 1.00 18.60 ? 98  TYR A N   1 
ATOM   711  C CA  . TYR A 1 98  ? -6.499  -8.195  -12.211 1.00 17.28 ? 98  TYR A CA  1 
ATOM   712  C C   . TYR A 1 98  ? -7.595  -7.720  -13.146 1.00 16.88 ? 98  TYR A C   1 
ATOM   713  O O   . TYR A 1 98  ? -7.678  -8.248  -14.261 1.00 17.48 ? 98  TYR A O   1 
ATOM   714  C CB  . TYR A 1 98  ? -5.129  -7.649  -12.591 1.00 17.70 ? 98  TYR A CB  1 
ATOM   715  C CG  . TYR A 1 98  ? -4.064  -7.889  -11.549 1.00 19.97 ? 98  TYR A CG  1 
ATOM   716  C CD1 . TYR A 1 98  ? -3.383  -9.093  -11.493 1.00 20.95 ? 98  TYR A CD1 1 
ATOM   717  C CD2 . TYR A 1 98  ? -3.721  -6.928  -10.625 1.00 20.51 ? 98  TYR A CD2 1 
ATOM   718  C CE1 . TYR A 1 98  ? -2.410  -9.348  -10.551 1.00 21.85 ? 98  TYR A CE1 1 
ATOM   719  C CE2 . TYR A 1 98  ? -2.735  -7.162  -9.682  1.00 22.41 ? 98  TYR A CE2 1 
ATOM   720  C CZ  . TYR A 1 98  ? -2.076  -8.372  -9.642  1.00 22.49 ? 98  TYR A CZ  1 
ATOM   721  O OH  . TYR A 1 98  ? -1.114  -8.628  -8.708  1.00 25.24 ? 98  TYR A OH  1 
ATOM   722  N N   . ALA A 1 99  ? -8.436  -6.807  -12.662 1.00 15.68 ? 99  ALA A N   1 
ATOM   723  C CA  . ALA A 1 99  ? -9.551  -6.200  -13.413 1.00 15.47 ? 99  ALA A CA  1 
ATOM   724  C C   . ALA A 1 99  ? -9.746  -4.772  -12.915 1.00 16.38 ? 99  ALA A C   1 
ATOM   725  O O   . ALA A 1 99  ? -9.304  -4.496  -11.768 1.00 15.00 ? 99  ALA A O   1 
ATOM   726  C CB  . ALA A 1 99  ? -10.808 -7.020  -13.225 1.00 14.57 ? 99  ALA A CB  1 
ATOM   727  N N   . LEU A 1 100 ? -10.385 -3.926  -13.741 1.00 17.02 ? 100 LEU A N   1 
ATOM   728  C CA  . LEU A 1 100 ? -10.829 -2.564  -13.356 1.00 17.07 ? 100 LEU A CA  1 
ATOM   729  C C   . LEU A 1 100 ? -11.975 -2.720  -12.353 1.00 18.00 ? 100 LEU A C   1 
ATOM   730  O O   . LEU A 1 100 ? -12.954 -3.393  -12.659 1.00 18.79 ? 100 LEU A O   1 
ATOM   731  C CB  . LEU A 1 100 ? -11.277 -1.757  -14.577 1.00 16.60 ? 100 LEU A CB  1 
ATOM   732  C CG  . LEU A 1 100 ? -10.209 -0.956  -15.331 1.00 17.46 ? 100 LEU A CG  1 
ATOM   733  C CD1 . LEU A 1 100 ? -10.835 -0.189  -16.508 1.00 16.99 ? 100 LEU A CD1 1 
ATOM   734  C CD2 . LEU A 1 100 ? -9.462  0.009   -14.429 1.00 17.32 ? 100 LEU A CD2 1 
ATOM   735  N N   . THR A 1 101 ? -11.832 -2.089  -11.201 1.00 18.23 ? 101 THR A N   1 
ATOM   736  C CA  . THR A 1 101 ? -12.787 -2.122  -10.080 1.00 19.36 ? 101 THR A CA  1 
ATOM   737  C C   . THR A 1 101 ? -13.217 -0.688  -9.777  1.00 17.81 ? 101 THR A C   1 
ATOM   738  O O   . THR A 1 101 ? -12.342 0.203   -9.678  1.00 17.84 ? 101 THR A O   1 
ATOM   739  C CB  . THR A 1 101 ? -12.085 -2.768  -8.884  1.00 22.63 ? 101 THR A CB  1 
ATOM   740  O OG1 . THR A 1 101 ? -11.498 -3.983  -9.381  1.00 24.26 ? 101 THR A OG1 1 
ATOM   741  C CG2 . THR A 1 101 ? -13.015 -2.992  -7.715  1.00 23.56 ? 101 THR A CG2 1 
ATOM   742  N N   . LYS A 1 102 ? -14.508 -0.451  -9.657  1.00 17.13 ? 102 LYS A N   1 
ATOM   743  C CA  . LYS A 1 102 ? -15.018 0.847   -9.156  1.00 17.74 ? 102 LYS A CA  1 
ATOM   744  C C   . LYS A 1 102 ? -14.839 0.862   -7.641  1.00 16.88 ? 102 LYS A C   1 
ATOM   745  O O   . LYS A 1 102 ? -15.370 -0.053  -6.974  1.00 16.41 ? 102 LYS A O   1 
ATOM   746  C CB  . LYS A 1 102 ? -16.485 1.086   -9.509  1.00 19.22 ? 102 LYS A CB  1 
ATOM   747  C CG  . LYS A 1 102 ? -16.839 2.561   -9.614  1.00 21.98 ? 102 LYS A CG  1 
ATOM   748  C CD  . LYS A 1 102 ? -18.199 2.905   -9.098  1.00 23.13 ? 102 LYS A CD  1 
ATOM   749  C CE  . LYS A 1 102 ? -19.027 3.567   -10.172 1.00 25.38 ? 102 LYS A CE  1 
ATOM   750  N NZ  . LYS A 1 102 ? -19.592 2.549   -11.082 1.00 27.68 ? 102 LYS A NZ  1 
ATOM   751  N N   . VAL A 1 103 ? -14.079 1.840   -7.146  1.00 16.33 ? 103 VAL A N   1 
ATOM   752  C CA  . VAL A 1 103 ? -13.787 2.065   -5.703  1.00 15.81 ? 103 VAL A CA  1 
ATOM   753  C C   . VAL A 1 103 ? -14.626 3.249   -5.238  1.00 15.13 ? 103 VAL A C   1 
ATOM   754  O O   . VAL A 1 103 ? -14.586 4.276   -5.935  1.00 14.17 ? 103 VAL A O   1 
ATOM   755  C CB  . VAL A 1 103 ? -12.288 2.341   -5.472  1.00 15.48 ? 103 VAL A CB  1 
ATOM   756  C CG1 . VAL A 1 103 ? -11.971 2.572   -3.997  1.00 15.00 ? 103 VAL A CG1 1 
ATOM   757  C CG2 . VAL A 1 103 ? -11.420 1.223   -6.037  1.00 15.07 ? 103 VAL A CG2 1 
ATOM   758  N N   . TYR A 1 104 ? -15.347 3.078   -4.123  1.00 16.12 ? 104 TYR A N   1 
ATOM   759  C CA  . TYR A 1 104 ? -16.052 4.164   -3.398  1.00 17.93 ? 104 TYR A CA  1 
ATOM   760  C C   . TYR A 1 104 ? -15.153 4.612   -2.250  1.00 17.80 ? 104 TYR A C   1 
ATOM   761  O O   . TYR A 1 104 ? -14.776 3.791   -1.401  1.00 16.82 ? 104 TYR A O   1 
ATOM   762  C CB  . TYR A 1 104 ? -17.426 3.749   -2.880  1.00 18.97 ? 104 TYR A CB  1 
ATOM   763  C CG  . TYR A 1 104 ? -18.283 3.059   -3.904  1.00 21.56 ? 104 TYR A CG  1 
ATOM   764  C CD1 . TYR A 1 104 ? -18.171 1.695   -4.118  1.00 23.34 ? 104 TYR A CD1 1 
ATOM   765  C CD2 . TYR A 1 104 ? -19.210 3.769   -4.660  1.00 22.57 ? 104 TYR A CD2 1 
ATOM   766  C CE1 . TYR A 1 104 ? -18.953 1.055   -5.069  1.00 25.22 ? 104 TYR A CE1 1 
ATOM   767  C CE2 . TYR A 1 104 ? -20.004 3.139   -5.606  1.00 22.33 ? 104 TYR A CE2 1 
ATOM   768  C CZ  . TYR A 1 104 ? -19.872 1.781   -5.814  1.00 22.46 ? 104 TYR A CZ  1 
ATOM   769  O OH  . TYR A 1 104 ? -20.646 1.148   -6.741  1.00 24.31 ? 104 TYR A OH  1 
ATOM   770  N N   . VAL A 1 105 ? -14.802 5.890   -2.267  1.00 17.26 ? 105 VAL A N   1 
ATOM   771  C CA  . VAL A 1 105 ? -14.072 6.545   -1.156  1.00 18.88 ? 105 VAL A CA  1 
ATOM   772  C C   . VAL A 1 105 ? -15.086 6.776   -0.031  1.00 18.67 ? 105 VAL A C   1 
ATOM   773  O O   . VAL A 1 105 ? -16.065 7.501   -0.270  1.00 18.93 ? 105 VAL A O   1 
ATOM   774  C CB  . VAL A 1 105 ? -13.409 7.832   -1.652  1.00 17.94 ? 105 VAL A CB  1 
ATOM   775  C CG1 . VAL A 1 105 ? -12.534 8.444   -0.582  1.00 18.36 ? 105 VAL A CG1 1 
ATOM   776  C CG2 . VAL A 1 105 ? -12.603 7.549   -2.907  1.00 19.78 ? 105 VAL A CG2 1 
ATOM   777  N N   . ASP A 1 106 ? -14.867 6.153   1.123   1.00 17.25 ? 106 ASP A N   1 
ATOM   778  C CA  . ASP A 1 106 ? -15.795 6.216   2.275   1.00 17.97 ? 106 ASP A CA  1 
ATOM   779  C C   . ASP A 1 106 ? -15.389 7.355   3.217   1.00 18.67 ? 106 ASP A C   1 
ATOM   780  O O   . ASP A 1 106 ? -16.284 7.846   3.934   1.00 22.23 ? 106 ASP A O   1 
ATOM   781  C CB  . ASP A 1 106 ? -15.882 4.862   2.979   1.00 17.63 ? 106 ASP A CB  1 
ATOM   782  C CG  . ASP A 1 106 ? -16.433 3.781   2.079   1.00 17.87 ? 106 ASP A CG  1 
ATOM   783  O OD1 . ASP A 1 106 ? -17.518 4.009   1.478   1.00 18.24 ? 106 ASP A OD1 1 
ATOM   784  O OD2 . ASP A 1 106 ? -15.767 2.731   1.963   1.00 17.79 ? 106 ASP A OD2 1 
ATOM   785  N N   . LYS A 1 107 ? -14.124 7.775   3.216   1.00 19.13 ? 107 LYS A N   1 
ATOM   786  C CA  . LYS A 1 107 ? -13.667 8.999   3.925   1.00 21.37 ? 107 LYS A CA  1 
ATOM   787  C C   . LYS A 1 107 ? -13.010 9.995   2.954   1.00 21.76 ? 107 LYS A C   1 
ATOM   788  O O   . LYS A 1 107 ? -11.890 9.695   2.543   1.00 21.66 ? 107 LYS A O   1 
ATOM   789  C CB  . LYS A 1 107 ? -12.719 8.596   5.051   1.00 23.56 ? 107 LYS A CB  1 
ATOM   790  C CG  . LYS A 1 107 ? -12.179 9.759   5.880   1.00 25.63 ? 107 LYS A CG  1 
ATOM   791  C CD  . LYS A 1 107 ? -12.099 9.451   7.375   1.00 27.22 ? 107 LYS A CD  1 
ATOM   792  C CE  . LYS A 1 107 ? -10.802 9.882   8.021   1.00 26.45 ? 107 LYS A CE  1 
ATOM   793  N NZ  . LYS A 1 107 ? -10.750 9.397   9.428   1.00 27.57 ? 107 LYS A NZ  1 
ATOM   794  N N   . LEU A 1 111 ? -5.297  10.270  1.814   1.00 12.71 ? 111 LEU A N   1 
ATOM   795  C CA  . LEU A 1 111 ? -4.948  9.372   0.668   1.00 12.33 ? 111 LEU A CA  1 
ATOM   796  C C   . LEU A 1 111 ? -5.745  9.808   -0.560  1.00 11.61 ? 111 LEU A C   1 
ATOM   797  O O   . LEU A 1 111 ? -5.215  9.721   -1.635  1.00 10.54 ? 111 LEU A O   1 
ATOM   798  C CB  . LEU A 1 111 ? -5.295  7.911   0.948   1.00 13.28 ? 111 LEU A CB  1 
ATOM   799  C CG  . LEU A 1 111 ? -4.174  6.882   1.058   1.00 13.36 ? 111 LEU A CG  1 
ATOM   800  C CD1 . LEU A 1 111 ? -4.683  5.537   0.582   1.00 13.39 ? 111 LEU A CD1 1 
ATOM   801  C CD2 . LEU A 1 111 ? -2.895  7.260   0.330   1.00 13.41 ? 111 LEU A CD2 1 
ATOM   802  N N   . PHE A 1 112 ? -6.970  10.290  -0.372  1.00 12.52 ? 112 PHE A N   1 
ATOM   803  C CA  . PHE A 1 112 ? -7.947  10.536  -1.464  1.00 13.88 ? 112 PHE A CA  1 
ATOM   804  C C   . PHE A 1 112 ? -8.217  12.040  -1.650  1.00 14.87 ? 112 PHE A C   1 
ATOM   805  O O   . PHE A 1 112 ? -9.261  12.433  -2.281  1.00 14.52 ? 112 PHE A O   1 
ATOM   806  C CB  . PHE A 1 112 ? -9.203  9.734   -1.148  1.00 13.81 ? 112 PHE A CB  1 
ATOM   807  C CG  . PHE A 1 112 ? -8.956  8.252   -1.201  1.00 14.09 ? 112 PHE A CG  1 
ATOM   808  C CD1 . PHE A 1 112 ? -8.533  7.662   -2.376  1.00 13.33 ? 112 PHE A CD1 1 
ATOM   809  C CD2 . PHE A 1 112 ? -9.123  7.453   -0.082  1.00 14.23 ? 112 PHE A CD2 1 
ATOM   810  C CE1 . PHE A 1 112 ? -8.311  6.301   -2.445  1.00 13.55 ? 112 PHE A CE1 1 
ATOM   811  C CE2 . PHE A 1 112 ? -8.907  6.084   -0.162  1.00 14.62 ? 112 PHE A CE2 1 
ATOM   812  C CZ  . PHE A 1 112 ? -8.506  5.509   -1.343  1.00 13.33 ? 112 PHE A CZ  1 
ATOM   813  N N   . LYS A 1 113 ? -7.316  12.884  -1.138  1.00 14.55 ? 113 LYS A N   1 
ATOM   814  C CA  . LYS A 1 113 ? -7.339  14.341  -1.452  1.00 15.23 ? 113 LYS A CA  1 
ATOM   815  C C   . LYS A 1 113 ? -7.265  14.485  -2.989  1.00 14.09 ? 113 LYS A C   1 
ATOM   816  O O   . LYS A 1 113 ? -6.405  13.835  -3.617  1.00 14.61 ? 113 LYS A O   1 
ATOM   817  C CB  . LYS A 1 113 ? -6.205  15.092  -0.727  1.00 15.43 ? 113 LYS A CB  1 
ATOM   818  N N   . ASN A 1 114 ? -8.156  15.279  -3.575  1.00 13.00 ? 114 ASN A N   1 
ATOM   819  C CA  . ASN A 1 114 ? -8.154  15.636  -5.017  1.00 13.34 ? 114 ASN A CA  1 
ATOM   820  C C   . ASN A 1 114 ? -8.577  14.427  -5.857  1.00 13.41 ? 114 ASN A C   1 
ATOM   821  O O   . ASN A 1 114 ? -8.318  14.462  -7.049  1.00 13.18 ? 114 ASN A O   1 
ATOM   822  C CB  . ASN A 1 114 ? -6.805  16.232  -5.435  1.00 13.23 ? 114 ASN A CB  1 
ATOM   823  C CG  . ASN A 1 114 ? -6.300  17.262  -4.439  1.00 13.19 ? 114 ASN A CG  1 
ATOM   824  O OD1 . ASN A 1 114 ? -5.125  17.269  -4.075  1.00 12.27 ? 114 ASN A OD1 1 
ATOM   825  N ND2 . ASN A 1 114 ? -7.192  18.111  -3.964  1.00 13.17 ? 114 ASN A ND2 1 
ATOM   826  N N   . VAL A 1 115 ? -9.294  13.459  -5.258  1.00 15.06 ? 115 VAL A N   1 
ATOM   827  C CA  . VAL A 1 115 ? -9.809  12.220  -5.917  1.00 14.99 ? 115 VAL A CA  1 
ATOM   828  C C   . VAL A 1 115 ? -11.337 12.153  -5.774  1.00 15.34 ? 115 VAL A C   1 
ATOM   829  O O   . VAL A 1 115 ? -11.875 12.264  -4.674  1.00 15.77 ? 115 VAL A O   1 
ATOM   830  C CB  . VAL A 1 115 ? -9.145  10.958  -5.329  1.00 14.78 ? 115 VAL A CB  1 
ATOM   831  C CG1 . VAL A 1 115 ? -9.561  9.715   -6.092  1.00 14.99 ? 115 VAL A CG1 1 
ATOM   832  C CG2 . VAL A 1 115 ? -7.634  11.075  -5.298  1.00 14.70 ? 115 VAL A CG2 1 
ATOM   833  N N   . PRO A 1 116 ? -12.095 11.930  -6.870  1.00 14.21 ? 116 PRO A N   1 
ATOM   834  C CA  . PRO A 1 116 ? -13.537 11.761  -6.765  1.00 14.99 ? 116 PRO A CA  1 
ATOM   835  C C   . PRO A 1 116 ? -13.932 10.599  -5.837  1.00 15.98 ? 116 PRO A C   1 
ATOM   836  O O   . PRO A 1 116 ? -13.084 9.737   -5.582  1.00 14.27 ? 116 PRO A O   1 
ATOM   837  C CB  . PRO A 1 116 ? -14.021 11.433  -8.195  1.00 14.61 ? 116 PRO A CB  1 
ATOM   838  C CG  . PRO A 1 116 ? -12.853 11.754  -9.104  1.00 14.20 ? 116 PRO A CG  1 
ATOM   839  C CD  . PRO A 1 116 ? -11.608 11.799  -8.246  1.00 13.77 ? 116 PRO A CD  1 
ATOM   840  N N   . ARG A 1 117 ? -15.203 10.619  -5.384  1.00 18.31 ? 117 ARG A N   1 
ATOM   841  C CA  . ARG A 1 117 ? -15.865 9.636   -4.469  1.00 21.11 ? 117 ARG A CA  1 
ATOM   842  C C   . ARG A 1 117 ? -15.900 8.249   -5.107  1.00 19.29 ? 117 ARG A C   1 
ATOM   843  O O   . ARG A 1 117 ? -15.869 7.287   -4.353  1.00 17.47 ? 117 ARG A O   1 
ATOM   844  C CB  . ARG A 1 117 ? -17.322 10.017  -4.154  1.00 24.45 ? 117 ARG A CB  1 
ATOM   845  C CG  . ARG A 1 117 ? -17.512 10.679  -2.797  1.00 26.87 ? 117 ARG A CG  1 
ATOM   846  C CD  . ARG A 1 117 ? -18.974 10.781  -2.367  1.00 29.48 ? 117 ARG A CD  1 
ATOM   847  N NE  . ARG A 1 117 ? -19.848 11.563  -3.254  1.00 29.22 ? 117 ARG A NE  1 
ATOM   848  C CZ  . ARG A 1 117 ? -19.796 12.884  -3.386  1.00 30.18 ? 117 ARG A CZ  1 
ATOM   849  N NH1 . ARG A 1 117 ? -18.871 13.563  -2.722  1.00 30.69 ? 117 ARG A NH1 1 
ATOM   850  N NH2 . ARG A 1 117 ? -20.625 13.519  -4.212  1.00 29.94 ? 117 ARG A NH2 1 
ATOM   851  N N   . GLU A 1 118 ? -16.055 8.184   -6.435  1.00 18.44 ? 118 GLU A N   1 
ATOM   852  C CA  . GLU A 1 118 ? -15.975 6.941   -7.243  1.00 18.28 ? 118 GLU A CA  1 
ATOM   853  C C   . GLU A 1 118 ? -14.866 7.082   -8.291  1.00 16.81 ? 118 GLU A C   1 
ATOM   854  O O   . GLU A 1 118 ? -14.796 8.117   -8.964  1.00 17.23 ? 118 GLU A O   1 
ATOM   855  C CB  . GLU A 1 118 ? -17.287 6.665   -7.983  1.00 19.65 ? 118 GLU A CB  1 
ATOM   856  C CG  . GLU A 1 118 ? -18.527 6.893   -7.148  1.00 20.90 ? 118 GLU A CG  1 
ATOM   857  C CD  . GLU A 1 118 ? -19.821 6.561   -7.872  1.00 21.56 ? 118 GLU A CD  1 
ATOM   858  O OE1 . GLU A 1 118 ? -19.825 6.421   -9.112  1.00 22.80 ? 118 GLU A OE1 1 
ATOM   859  O OE2 . GLU A 1 118 ? -20.820 6.416   -7.184  1.00 25.04 ? 118 GLU A OE2 1 
ATOM   860  N N   . PHE A 1 119 ? -14.082 6.038   -8.494  1.00 15.08 ? 119 PHE A N   1 
ATOM   861  C CA  . PHE A 1 119 ? -13.026 6.037   -9.529  1.00 13.97 ? 119 PHE A CA  1 
ATOM   862  C C   . PHE A 1 119 ? -12.633 4.593   -9.793  1.00 13.80 ? 119 PHE A C   1 
ATOM   863  O O   . PHE A 1 119 ? -12.775 3.785   -8.882  1.00 14.13 ? 119 PHE A O   1 
ATOM   864  C CB  . PHE A 1 119 ? -11.833 6.863   -9.058  1.00 12.97 ? 119 PHE A CB  1 
ATOM   865  C CG  . PHE A 1 119 ? -11.033 6.202   -7.971  1.00 12.77 ? 119 PHE A CG  1 
ATOM   866  C CD1 . PHE A 1 119 ? -11.325 6.425   -6.640  1.00 12.51 ? 119 PHE A CD1 1 
ATOM   867  C CD2 . PHE A 1 119 ? -9.988  5.349   -8.283  1.00 12.63 ? 119 PHE A CD2 1 
ATOM   868  C CE1 . PHE A 1 119 ? -10.560 5.838   -5.644  1.00 12.82 ? 119 PHE A CE1 1 
ATOM   869  C CE2 . PHE A 1 119 ? -9.249  4.744   -7.284  1.00 12.59 ? 119 PHE A CE2 1 
ATOM   870  C CZ  . PHE A 1 119 ? -9.545  4.970   -5.966  1.00 12.92 ? 119 PHE A CZ  1 
ATOM   871  N N   . ASN A 1 120 ? -12.117 4.325   -10.981 1.00 14.52 ? 120 ASN A N   1 
ATOM   872  C CA  . ASN A 1 120 ? -11.772 2.968   -11.468 1.00 14.89 ? 120 ASN A CA  1 
ATOM   873  C C   . ASN A 1 120 ? -10.335 2.649   -11.073 1.00 15.28 ? 120 ASN A C   1 
ATOM   874  O O   . ASN A 1 120 ? -9.410  3.462   -11.379 1.00 15.33 ? 120 ASN A O   1 
ATOM   875  C CB  . ASN A 1 120 ? -12.010 2.856   -12.964 1.00 15.47 ? 120 ASN A CB  1 
ATOM   876  C CG  . ASN A 1 120 ? -13.473 3.018   -13.335 1.00 15.87 ? 120 ASN A CG  1 
ATOM   877  O OD1 . ASN A 1 120 ? -14.363 2.744   -12.520 1.00 16.19 ? 120 ASN A OD1 1 
ATOM   878  N ND2 . ASN A 1 120 ? -13.720 3.365   -14.591 1.00 14.87 ? 120 ASN A ND2 1 
ATOM   879  N N   . ALA A 1 121 ? -10.162 1.525   -10.369 1.00 14.26 ? 121 ALA A N   1 
ATOM   880  C CA  . ALA A 1 121 ? -8.866  1.084   -9.836  1.00 13.20 ? 121 ALA A CA  1 
ATOM   881  C C   . ALA A 1 121 ? -8.514  -0.315  -10.356 1.00 12.91 ? 121 ALA A C   1 
ATOM   882  O O   . ALA A 1 121 ? -9.416  -1.181  -10.501 1.00 12.52 ? 121 ALA A O   1 
ATOM   883  C CB  . ALA A 1 121 ? -8.946  1.141   -8.342  1.00 13.90 ? 121 ALA A CB  1 
ATOM   884  N N   . TRP A 1 122 ? -7.229  -0.529  -10.620 1.00 12.28 ? 122 TRP A N   1 
ATOM   885  C CA  . TRP A 1 122 ? -6.674  -1.815  -11.095 1.00 12.12 ? 122 TRP A CA  1 
ATOM   886  C C   . TRP A 1 122 ? -6.380  -2.685  -9.878  1.00 11.63 ? 122 TRP A C   1 
ATOM   887  O O   . TRP A 1 122 ? -5.493  -2.300  -9.063  1.00 10.60 ? 122 TRP A O   1 
ATOM   888  C CB  . TRP A 1 122 ? -5.429  -1.572  -11.953 1.00 12.50 ? 122 TRP A CB  1 
ATOM   889  C CG  . TRP A 1 122 ? -4.962  -2.766  -12.727 1.00 13.02 ? 122 TRP A CG  1 
ATOM   890  C CD1 . TRP A 1 122 ? -3.839  -3.488  -12.459 1.00 13.67 ? 122 TRP A CD1 1 
ATOM   891  C CD2 . TRP A 1 122 ? -5.550  -3.352  -13.910 1.00 13.89 ? 122 TRP A CD2 1 
ATOM   892  N NE1 . TRP A 1 122 ? -3.700  -4.488  -13.383 1.00 14.60 ? 122 TRP A NE1 1 
ATOM   893  C CE2 . TRP A 1 122 ? -4.726  -4.425  -14.290 1.00 14.21 ? 122 TRP A CE2 1 
ATOM   894  C CE3 . TRP A 1 122 ? -6.686  -3.088  -14.696 1.00 15.26 ? 122 TRP A CE3 1 
ATOM   895  C CZ2 . TRP A 1 122 ? -4.996  -5.223  -15.406 1.00 14.63 ? 122 TRP A CZ2 1 
ATOM   896  C CZ3 . TRP A 1 122 ? -6.967  -3.880  -15.795 1.00 14.82 ? 122 TRP A CZ3 1 
ATOM   897  C CH2 . TRP A 1 122 ? -6.142  -4.953  -16.131 1.00 14.61 ? 122 TRP A CH2 1 
ATOM   898  N N   . ALA A 1 123 ? -7.101  -3.808  -9.756  1.00 11.48 ? 123 ALA A N   1 
ATOM   899  C CA  . ALA A 1 123 ? -7.169  -4.597  -8.506  1.00 11.86 ? 123 ALA A CA  1 
ATOM   900  C C   . ALA A 1 123 ? -7.295  -6.095  -8.774  1.00 12.15 ? 123 ALA A C   1 
ATOM   901  O O   . ALA A 1 123 ? -8.070  -6.494  -9.656  1.00 13.30 ? 123 ALA A O   1 
ATOM   902  C CB  . ALA A 1 123 ? -8.326  -4.100  -7.675  1.00 11.83 ? 123 ALA A CB  1 
ATOM   903  N N   . SER A 1 124 ? -6.578  -6.905  -8.011  1.00 11.99 ? 124 SER A N   1 
ATOM   904  C CA  . SER A 1 124 ? -6.860  -8.353  -7.876  1.00 12.39 ? 124 SER A CA  1 
ATOM   905  C C   . SER A 1 124 ? -7.602  -8.574  -6.552  1.00 12.82 ? 124 SER A C   1 
ATOM   906  O O   . SER A 1 124 ? -7.396  -7.790  -5.613  1.00 12.15 ? 124 SER A O   1 
ATOM   907  C CB  . SER A 1 124 ? -5.597  -9.162  -7.950  1.00 12.24 ? 124 SER A CB  1 
ATOM   908  O OG  . SER A 1 124 ? -4.746  -8.821  -6.868  1.00 13.23 ? 124 SER A OG  1 
ATOM   909  N N   . HIS A 1 125 ? -8.404  -9.635  -6.461  1.00 13.34 ? 125 HIS A N   1 
ATOM   910  C CA  . HIS A 1 125 ? -9.108  -10.012 -5.213  1.00 12.91 ? 125 HIS A CA  1 
ATOM   911  C C   . HIS A 1 125 ? -8.873  -11.504 -4.932  1.00 13.99 ? 125 HIS A C   1 
ATOM   912  O O   . HIS A 1 125 ? -9.831  -12.201 -4.580  1.00 12.80 ? 125 HIS A O   1 
ATOM   913  C CB  . HIS A 1 125 ? -10.559 -9.555  -5.332  1.00 12.30 ? 125 HIS A CB  1 
ATOM   914  C CG  . HIS A 1 125 ? -10.703 -8.078  -5.452  1.00 11.95 ? 125 HIS A CG  1 
ATOM   915  N ND1 . HIS A 1 125 ? -10.791 -7.451  -6.664  1.00 12.11 ? 125 HIS A ND1 1 
ATOM   916  C CD2 . HIS A 1 125 ? -10.766 -7.099  -4.512  1.00 11.97 ? 125 HIS A CD2 1 
ATOM   917  C CE1 . HIS A 1 125 ? -10.923 -6.140  -6.462  1.00 12.71 ? 125 HIS A CE1 1 
ATOM   918  N NE2 . HIS A 1 125 ? -10.889 -5.901  -5.146  1.00 11.61 ? 125 HIS A NE2 1 
ATOM   919  N N   . LYS A 1 126 ? -7.633  -11.980 -5.098  1.00 16.13 ? 126 LYS A N   1 
ATOM   920  C CA  . LYS A 1 126 ? -7.214  -13.327 -4.614  1.00 17.67 ? 126 LYS A CA  1 
ATOM   921  C C   . LYS A 1 126 ? -7.477  -13.389 -3.110  1.00 16.33 ? 126 LYS A C   1 
ATOM   922  O O   . LYS A 1 126 ? -8.142  -14.327 -2.627  1.00 15.12 ? 126 LYS A O   1 
ATOM   923  C CB  . LYS A 1 126 ? -5.728  -13.579 -4.875  1.00 20.47 ? 126 LYS A CB  1 
ATOM   924  C CG  . LYS A 1 126 ? -5.269  -14.993 -4.517  1.00 23.66 ? 126 LYS A CG  1 
ATOM   925  C CD  . LYS A 1 126 ? -4.177  -15.553 -5.425  1.00 26.30 ? 126 LYS A CD  1 
ATOM   926  C CE  . LYS A 1 126 ? -2.864  -14.816 -5.317  1.00 28.74 ? 126 LYS A CE  1 
ATOM   927  N NZ  . LYS A 1 126 ? -2.481  -14.606 -3.901  1.00 30.93 ? 126 LYS A NZ  1 
ATOM   928  N N   . ASP A 1 127 ? -7.011  -12.353 -2.420  1.00 15.66 ? 127 ASP A N   1 
ATOM   929  C CA  . ASP A 1 127 ? -7.077  -12.213 -0.948  1.00 16.50 ? 127 ASP A CA  1 
ATOM   930  C C   . ASP A 1 127 ? -7.606  -10.822 -0.611  1.00 15.91 ? 127 ASP A C   1 
ATOM   931  O O   . ASP A 1 127 ? -7.509  -9.945  -1.471  1.00 16.14 ? 127 ASP A O   1 
ATOM   932  C CB  . ASP A 1 127 ? -5.696  -12.427 -0.325  1.00 16.56 ? 127 ASP A CB  1 
ATOM   933  C CG  . ASP A 1 127 ? -5.103  -13.758 -0.707  1.00 16.39 ? 127 ASP A CG  1 
ATOM   934  O OD1 . ASP A 1 127 ? -5.507  -14.753 -0.115  1.00 17.41 ? 127 ASP A OD1 1 
ATOM   935  O OD2 . ASP A 1 127 ? -4.267  -13.776 -1.606  1.00 17.11 ? 127 ASP A OD2 1 
ATOM   936  N N   . GLU A 1 128 ? -8.123  -10.665 0.604   1.00 15.67 ? 128 GLU A N   1 
ATOM   937  C CA  . GLU A 1 128 ? -8.631  -9.380  1.137   1.00 15.96 ? 128 GLU A CA  1 
ATOM   938  C C   . GLU A 1 128 ? -8.559  -9.402  2.657   1.00 15.53 ? 128 GLU A C   1 
ATOM   939  O O   . GLU A 1 128 ? -8.629  -10.502 3.273   1.00 15.73 ? 128 GLU A O   1 
ATOM   940  C CB  . GLU A 1 128 ? -10.062 -9.104  0.675   1.00 16.22 ? 128 GLU A CB  1 
ATOM   941  C CG  . GLU A 1 128 ? -11.115 -9.913  1.421   1.00 17.08 ? 128 GLU A CG  1 
ATOM   942  C CD  . GLU A 1 128 ? -12.521 -9.838  0.835   1.00 17.45 ? 128 GLU A CD  1 
ATOM   943  O OE1 . GLU A 1 128 ? -12.888 -8.778  0.278   1.00 16.48 ? 128 GLU A OE1 1 
ATOM   944  O OE2 . GLU A 1 128 ? -13.274 -10.815 1.000   1.00 17.72 ? 128 GLU A OE2 1 
ATOM   945  N N   . VAL A 1 129 ? -8.483  -8.210  3.243   1.00 15.81 ? 129 VAL A N   1 
ATOM   946  C CA  . VAL A 1 129 ? -8.683  -8.012  4.712   1.00 15.31 ? 129 VAL A CA  1 
ATOM   947  C C   . VAL A 1 129 ? -10.143 -8.361  5.047   1.00 16.49 ? 129 VAL A C   1 
ATOM   948  O O   . VAL A 1 129 ? -11.044 -7.611  4.626   1.00 16.27 ? 129 VAL A O   1 
ATOM   949  C CB  . VAL A 1 129 ? -8.287  -6.578  5.108   1.00 14.27 ? 129 VAL A CB  1 
ATOM   950  C CG1 . VAL A 1 129 ? -8.475  -6.320  6.589   1.00 13.47 ? 129 VAL A CG1 1 
ATOM   951  C CG2 . VAL A 1 129 ? -6.858  -6.242  4.674   1.00 13.92 ? 129 VAL A CG2 1 
ATOM   952  N N   . LYS A 1 130 ? -10.361 -9.491  5.721   1.00 19.81 ? 130 LYS A N   1 
ATOM   953  C CA  . LYS A 1 130 ? -11.656 -9.964  6.303   1.00 21.45 ? 130 LYS A CA  1 
ATOM   954  C C   . LYS A 1 130 ? -11.988 -9.195  7.585   1.00 22.67 ? 130 LYS A C   1 
ATOM   955  O O   . LYS A 1 130 ? -13.170 -8.815  7.767   1.00 25.23 ? 130 LYS A O   1 
ATOM   956  C CB  . LYS A 1 130 ? -11.583 -11.421 6.775   1.00 22.74 ? 130 LYS A CB  1 
ATOM   957  C CG  . LYS A 1 130 ? -11.535 -12.488 5.690   1.00 25.42 ? 130 LYS A CG  1 
ATOM   958  C CD  . LYS A 1 130 ? -12.613 -12.372 4.631   1.00 24.24 ? 130 LYS A CD  1 
ATOM   959  C CE  . LYS A 1 130 ? -12.570 -13.529 3.662   1.00 24.06 ? 130 LYS A CE  1 
ATOM   960  N NZ  . LYS A 1 130 ? -13.062 -13.135 2.326   1.00 23.54 ? 130 LYS A NZ  1 
ATOM   961  N N   . LYS A 1 131 ? -11.030 -9.087  8.509   1.00 21.51 ? 131 LYS A N   1 
ATOM   962  C CA  . LYS A 1 131 ? -11.202 -8.275  9.744   1.00 22.21 ? 131 LYS A CA  1 
ATOM   963  C C   . LYS A 1 131 ? -10.097 -7.209  9.776   1.00 21.05 ? 131 LYS A C   1 
ATOM   964  O O   . LYS A 1 131 ? -8.906  -7.560  9.802   1.00 21.37 ? 131 LYS A O   1 
ATOM   965  C CB  . LYS A 1 131 ? -11.262 -9.151  11.008  1.00 22.15 ? 131 LYS A CB  1 
ATOM   966  N N   . VAL A 1 132 ? -10.509 -5.951  9.729   1.00 20.76 ? 132 VAL A N   1 
ATOM   967  C CA  . VAL A 1 132 ? -9.683  -4.744  9.997   1.00 20.66 ? 132 VAL A CA  1 
ATOM   968  C C   . VAL A 1 132 ? -9.160  -4.778  11.434  1.00 21.47 ? 132 VAL A C   1 
ATOM   969  O O   . VAL A 1 132 ? -9.950  -4.851  12.361  1.00 20.36 ? 132 VAL A O   1 
ATOM   970  C CB  . VAL A 1 132 ? -10.558 -3.510  9.750   1.00 21.03 ? 132 VAL A CB  1 
ATOM   971  C CG1 . VAL A 1 132 ? -9.944  -2.236  10.297  1.00 20.98 ? 132 VAL A CG1 1 
ATOM   972  C CG2 . VAL A 1 132 ? -10.858 -3.382  8.272   1.00 22.08 ? 132 VAL A CG2 1 
ATOM   973  N N   . PRO A 1 133 ? -7.841  -4.598  11.696  1.00 21.71 ? 133 PRO A N   1 
ATOM   974  C CA  . PRO A 1 133 ? -7.337  -4.601  13.071  1.00 22.70 ? 133 PRO A CA  1 
ATOM   975  C C   . PRO A 1 133 ? -7.808  -3.399  13.915  1.00 24.46 ? 133 PRO A C   1 
ATOM   976  O O   . PRO A 1 133 ? -8.335  -2.412  13.358  1.00 23.02 ? 133 PRO A O   1 
ATOM   977  C CB  . PRO A 1 133 ? -5.804  -4.547  12.934  1.00 23.69 ? 133 PRO A CB  1 
ATOM   978  C CG  . PRO A 1 133 ? -5.506  -4.197  11.475  1.00 22.82 ? 133 PRO A CG  1 
ATOM   979  C CD  . PRO A 1 133 ? -6.813  -4.253  10.710  1.00 21.61 ? 133 PRO A CD  1 
ATOM   980  N N   . GLU A 1 134 ? -7.606  -3.492  15.238  1.00 25.90 ? 134 GLU A N   1 
ATOM   981  C CA  . GLU A 1 134 ? -7.725  -2.368  16.211  1.00 25.59 ? 134 GLU A CA  1 
ATOM   982  C C   . GLU A 1 134 ? -6.866  -1.186  15.736  1.00 25.71 ? 134 GLU A C   1 
ATOM   983  O O   . GLU A 1 134 ? -5.753  -1.416  15.255  1.00 25.86 ? 134 GLU A O   1 
ATOM   984  C CB  . GLU A 1 134 ? -7.262  -2.810  17.607  1.00 26.42 ? 134 GLU A CB  1 
ATOM   985  C CG  . GLU A 1 134 ? -7.507  -1.775  18.706  1.00 27.65 ? 134 GLU A CG  1 
ATOM   986  C CD  . GLU A 1 134 ? -8.967  -1.504  19.066  1.00 29.04 ? 134 GLU A CD  1 
ATOM   987  O OE1 . GLU A 1 134 ? -9.856  -2.310  18.649  1.00 29.33 ? 134 GLU A OE1 1 
ATOM   988  O OE2 . GLU A 1 134 ? -9.226  -0.477  19.744  1.00 27.25 ? 134 GLU A OE2 1 
ATOM   989  N N   . GLY A 1 135 ? -7.361  0.041   15.892  1.00 25.01 ? 135 GLY A N   1 
ATOM   990  C CA  . GLY A 1 135 ? -6.622  1.276   15.580  1.00 21.50 ? 135 GLY A CA  1 
ATOM   991  C C   . GLY A 1 135 ? -6.687  1.627   14.109  1.00 19.74 ? 135 GLY A C   1 
ATOM   992  O O   . GLY A 1 135 ? -6.107  2.663   13.741  1.00 20.25 ? 135 GLY A O   1 
ATOM   993  N N   . PHE A 1 136 ? -7.349  0.816   13.284  1.00 17.29 ? 136 PHE A N   1 
ATOM   994  C CA  . PHE A 1 136 ? -7.490  1.079   11.830  1.00 17.18 ? 136 PHE A CA  1 
ATOM   995  C C   . PHE A 1 136 ? -8.926  1.465   11.498  1.00 16.58 ? 136 PHE A C   1 
ATOM   996  O O   . PHE A 1 136 ? -9.805  1.230   12.328  1.00 17.14 ? 136 PHE A O   1 
ATOM   997  C CB  . PHE A 1 136 ? -7.099  -0.138  10.995  1.00 16.85 ? 136 PHE A CB  1 
ATOM   998  C CG  . PHE A 1 136 ? -5.614  -0.354  10.878  1.00 17.29 ? 136 PHE A CG  1 
ATOM   999  C CD1 . PHE A 1 136 ? -4.894  -0.872  11.940  1.00 17.14 ? 136 PHE A CD1 1 
ATOM   1000 C CD2 . PHE A 1 136 ? -4.927  -0.014  9.722   1.00 17.17 ? 136 PHE A CD2 1 
ATOM   1001 C CE1 . PHE A 1 136 ? -3.529  -1.077  11.836  1.00 17.26 ? 136 PHE A CE1 1 
ATOM   1002 C CE2 . PHE A 1 136 ? -3.561  -0.232  9.624   1.00 16.32 ? 136 PHE A CE2 1 
ATOM   1003 C CZ  . PHE A 1 136 ? -2.873  -0.786  10.671  1.00 16.24 ? 136 PHE A CZ  1 
ATOM   1004 N N   . GLU A 1 137 ? -9.131  2.059   10.319  1.00 16.30 ? 137 GLU A N   1 
ATOM   1005 C CA  . GLU A 1 137 ? -10.474 2.410   9.781   1.00 16.27 ? 137 GLU A CA  1 
ATOM   1006 C C   . GLU A 1 137 ? -10.502 2.269   8.250   1.00 14.92 ? 137 GLU A C   1 
ATOM   1007 O O   . GLU A 1 137 ? -9.517  2.574   7.584   1.00 13.91 ? 137 GLU A O   1 
ATOM   1008 C CB  . GLU A 1 137 ? -10.825 3.836   10.168  1.00 16.70 ? 137 GLU A CB  1 
ATOM   1009 C CG  . GLU A 1 137 ? -9.723  4.808   9.742   1.00 17.67 ? 137 GLU A CG  1 
ATOM   1010 C CD  . GLU A 1 137 ? -10.063 6.241   10.076  1.00 17.73 ? 137 GLU A CD  1 
ATOM   1011 O OE1 . GLU A 1 137 ? -11.165 6.411   10.637  1.00 22.23 ? 137 GLU A OE1 1 
ATOM   1012 O OE2 . GLU A 1 137 ? -9.252  7.165   9.780   1.00 16.94 ? 137 GLU A OE2 1 
ATOM   1013 N N   . ILE A 1 138 ? -11.623 1.834   7.711   1.00 15.08 ? 138 ILE A N   1 
ATOM   1014 C CA  . ILE A 1 138 ? -11.786 1.609   6.246   1.00 15.74 ? 138 ILE A CA  1 
ATOM   1015 C C   . ILE A 1 138 ? -11.863 2.983   5.573   1.00 15.47 ? 138 ILE A C   1 
ATOM   1016 O O   . ILE A 1 138 ? -12.618 3.849   6.111   1.00 15.17 ? 138 ILE A O   1 
ATOM   1017 C CB  . ILE A 1 138 ? -13.023 0.742   5.993   1.00 15.67 ? 138 ILE A CB  1 
ATOM   1018 C CG1 . ILE A 1 138 ? -12.834 -0.652  6.606   1.00 16.38 ? 138 ILE A CG1 1 
ATOM   1019 C CG2 . ILE A 1 138 ? -13.346 0.686   4.516   1.00 16.08 ? 138 ILE A CG2 1 
ATOM   1020 C CD1 . ILE A 1 138 ? -14.131 -1.458  6.754   1.00 16.56 ? 138 ILE A CD1 1 
ATOM   1021 N N   . LEU A 1 139 ? -11.105 3.197   4.486   1.00 13.60 ? 139 LEU A N   1 
ATOM   1022 C CA  . LEU A 1 139 ? -11.169 4.479   3.726   1.00 14.10 ? 139 LEU A CA  1 
ATOM   1023 C C   . LEU A 1 139 ? -12.003 4.299   2.459   1.00 13.78 ? 139 LEU A C   1 
ATOM   1024 O O   . LEU A 1 139 ? -12.517 5.327   1.962   1.00 12.51 ? 139 LEU A O   1 
ATOM   1025 C CB  . LEU A 1 139 ? -9.782  4.997   3.353   1.00 13.75 ? 139 LEU A CB  1 
ATOM   1026 C CG  . LEU A 1 139 ? -8.826  5.252   4.511   1.00 13.67 ? 139 LEU A CG  1 
ATOM   1027 C CD1 . LEU A 1 139 ? -7.448  5.613   3.987   1.00 13.13 ? 139 LEU A CD1 1 
ATOM   1028 C CD2 . LEU A 1 139 ? -9.375  6.328   5.426   1.00 13.88 ? 139 LEU A CD2 1 
ATOM   1029 N N   . ALA A 1 140 ? -12.147 3.063   1.968   1.00 13.23 ? 140 ALA A N   1 
ATOM   1030 C CA  . ALA A 1 140 ? -12.799 2.808   0.660   1.00 13.75 ? 140 ALA A CA  1 
ATOM   1031 C C   . ALA A 1 140 ? -13.223 1.347   0.553   1.00 13.69 ? 140 ALA A C   1 
ATOM   1032 O O   . ALA A 1 140 ? -12.744 0.516   1.338   1.00 13.81 ? 140 ALA A O   1 
ATOM   1033 C CB  . ALA A 1 140 ? -11.869 3.185   -0.476  1.00 13.22 ? 140 ALA A CB  1 
ATOM   1034 N N   . HIS A 1 141 ? -14.093 1.061   -0.410  1.00 13.41 ? 141 HIS A N   1 
ATOM   1035 C CA  . HIS A 1 141 ? -14.692 -0.278  -0.617  1.00 14.00 ? 141 HIS A CA  1 
ATOM   1036 C C   . HIS A 1 141 ? -15.071 -0.377  -2.088  1.00 14.84 ? 141 HIS A C   1 
ATOM   1037 O O   . HIS A 1 141 ? -15.163 0.680   -2.741  1.00 15.90 ? 141 HIS A O   1 
ATOM   1038 C CB  . HIS A 1 141 ? -15.870 -0.506  0.357   1.00 14.03 ? 141 HIS A CB  1 
ATOM   1039 C CG  . HIS A 1 141 ? -17.142 0.142   -0.080  1.00 13.90 ? 141 HIS A CG  1 
ATOM   1040 N ND1 . HIS A 1 141 ? -17.396 1.482   0.122   1.00 14.21 ? 141 HIS A ND1 1 
ATOM   1041 C CD2 . HIS A 1 141 ? -18.204 -0.343  -0.776  1.00 14.51 ? 141 HIS A CD2 1 
ATOM   1042 C CE1 . HIS A 1 141 ? -18.565 1.799   -0.422  1.00 14.47 ? 141 HIS A CE1 1 
ATOM   1043 N NE2 . HIS A 1 141 ? -19.096 0.690   -0.961  1.00 13.87 ? 141 HIS A NE2 1 
ATOM   1044 N N   . SER A 1 142 ? -15.208 -1.600  -2.605  1.00 16.22 ? 142 SER A N   1 
ATOM   1045 C CA  . SER A 1 142 ? -15.816 -1.890  -3.930  1.00 16.42 ? 142 SER A CA  1 
ATOM   1046 C C   . SER A 1 142 ? -17.049 -2.772  -3.695  1.00 17.48 ? 142 SER A C   1 
ATOM   1047 O O   . SER A 1 142 ? -17.265 -3.230  -2.556  1.00 17.72 ? 142 SER A O   1 
ATOM   1048 C CB  . SER A 1 142 ? -14.828 -2.527  -4.886  1.00 16.43 ? 142 SER A CB  1 
ATOM   1049 O OG  . SER A 1 142 ? -14.397 -3.816  -4.424  1.00 15.93 ? 142 SER A OG  1 
ATOM   1050 N N   . ASP A 1 143 ? -17.849 -2.960  -4.732  1.00 17.63 ? 143 ASP A N   1 
ATOM   1051 C CA  . ASP A 1 143 ? -18.991 -3.894  -4.715  1.00 18.74 ? 143 ASP A CA  1 
ATOM   1052 C C   . ASP A 1 143 ? -18.519 -5.253  -4.166  1.00 17.78 ? 143 ASP A C   1 
ATOM   1053 O O   . ASP A 1 143 ? -19.260 -5.807  -3.332  1.00 16.95 ? 143 ASP A O   1 
ATOM   1054 C CB  . ASP A 1 143 ? -19.608 -3.978  -6.113  1.00 21.48 ? 143 ASP A CB  1 
ATOM   1055 C CG  . ASP A 1 143 ? -20.218 -2.672  -6.593  1.00 24.57 ? 143 ASP A CG  1 
ATOM   1056 O OD1 . ASP A 1 143 ? -20.422 -1.755  -5.738  1.00 25.02 ? 143 ASP A OD1 1 
ATOM   1057 O OD2 . ASP A 1 143 ? -20.490 -2.568  -7.826  1.00 27.41 ? 143 ASP A OD2 1 
ATOM   1058 N N   . ILE A 1 144 ? -17.350 -5.774  -4.587  1.00 17.36 ? 144 ILE A N   1 
ATOM   1059 C CA  . ILE A 1 144 ? -16.909 -7.177  -4.271  1.00 18.67 ? 144 ILE A CA  1 
ATOM   1060 C C   . ILE A 1 144 ? -15.916 -7.237  -3.104  1.00 16.91 ? 144 ILE A C   1 
ATOM   1061 O O   . ILE A 1 144 ? -15.477 -8.330  -2.816  1.00 18.24 ? 144 ILE A O   1 
ATOM   1062 C CB  . ILE A 1 144 ? -16.321 -7.946  -5.473  1.00 21.48 ? 144 ILE A CB  1 
ATOM   1063 C CG1 . ILE A 1 144 ? -14.878 -7.544  -5.806  1.00 23.74 ? 144 ILE A CG1 1 
ATOM   1064 C CG2 . ILE A 1 144 ? -17.230 -7.889  -6.695  1.00 24.17 ? 144 ILE A CG2 1 
ATOM   1065 C CD1 . ILE A 1 144 ? -14.711 -6.206  -6.445  1.00 24.17 ? 144 ILE A CD1 1 
ATOM   1066 N N   . CYS A 1 145 ? -15.581 -6.126  -2.451  1.00 16.64 ? 145 CYS A N   1 
ATOM   1067 C CA  . CYS A 1 145 ? -14.487 -6.036  -1.447  1.00 15.14 ? 145 CYS A CA  1 
ATOM   1068 C C   . CYS A 1 145 ? -14.831 -4.945  -0.441  1.00 15.11 ? 145 CYS A C   1 
ATOM   1069 O O   . CYS A 1 145 ? -14.939 -3.761  -0.878  1.00 14.17 ? 145 CYS A O   1 
ATOM   1070 C CB  . CYS A 1 145 ? -13.148 -5.724  -2.109  1.00 14.84 ? 145 CYS A CB  1 
ATOM   1071 S SG  . CYS A 1 145 ? -11.734 -5.971  -1.010  1.00 13.56 ? 145 CYS A SG  1 
ATOM   1072 N N   . GLN A 1 146 ? -15.002 -5.327  0.838   1.00 15.57 ? 146 GLN A N   1 
ATOM   1073 C CA  . GLN A 1 146 ? -15.367 -4.394  1.943   1.00 15.64 ? 146 GLN A CA  1 
ATOM   1074 C C   . GLN A 1 146 ? -14.197 -3.443  2.208   1.00 13.77 ? 146 GLN A C   1 
ATOM   1075 O O   . GLN A 1 146 ? -14.454 -2.293  2.569   1.00 14.09 ? 146 GLN A O   1 
ATOM   1076 C CB  . GLN A 1 146 ? -15.749 -5.144  3.214   1.00 17.86 ? 146 GLN A CB  1 
ATOM   1077 C CG  . GLN A 1 146 ? -17.125 -5.780  3.148   1.00 21.40 ? 146 GLN A CG  1 
ATOM   1078 C CD  . GLN A 1 146 ? -17.408 -6.742  4.281   1.00 25.61 ? 146 GLN A CD  1 
ATOM   1079 O OE1 . GLN A 1 146 ? -16.742 -6.751  5.321   1.00 28.58 ? 146 GLN A OE1 1 
ATOM   1080 N NE2 . GLN A 1 146 ? -18.413 -7.579  4.080   1.00 28.25 ? 146 GLN A NE2 1 
ATOM   1081 N N   . VAL A 1 147 ? -12.954 -3.899  2.045   1.00 12.35 ? 147 VAL A N   1 
ATOM   1082 C CA  . VAL A 1 147 ? -11.753 -3.108  2.452   1.00 11.59 ? 147 VAL A CA  1 
ATOM   1083 C C   . VAL A 1 147 ? -10.843 -2.890  1.237   1.00 11.24 ? 147 VAL A C   1 
ATOM   1084 O O   . VAL A 1 147 ? -9.858  -3.645  1.059   1.00 11.24 ? 147 VAL A O   1 
ATOM   1085 C CB  . VAL A 1 147 ? -11.046 -3.765  3.653   1.00 11.40 ? 147 VAL A CB  1 
ATOM   1086 C CG1 . VAL A 1 147 ? -9.908  -2.883  4.146   1.00 11.63 ? 147 VAL A CG1 1 
ATOM   1087 C CG2 . VAL A 1 147 ? -12.033 -4.056  4.788   1.00 11.16 ? 147 VAL A CG2 1 
ATOM   1088 N N   . GLU A 1 148 ? -11.163 -1.876  0.424   1.00 11.40 ? 148 GLU A N   1 
ATOM   1089 C CA  . GLU A 1 148 ? -10.340 -1.481  -0.752  1.00 11.46 ? 148 GLU A CA  1 
ATOM   1090 C C   . GLU A 1 148 ? -9.197  -0.590  -0.267  1.00 11.08 ? 148 GLU A C   1 
ATOM   1091 O O   . GLU A 1 148 ? -8.144  -0.570  -0.940  1.00 11.71 ? 148 GLU A O   1 
ATOM   1092 C CB  . GLU A 1 148 ? -11.166 -0.769  -1.839  1.00 11.90 ? 148 GLU A CB  1 
ATOM   1093 C CG  . GLU A 1 148 ? -11.920 -1.699  -2.775  1.00 12.18 ? 148 GLU A CG  1 
ATOM   1094 C CD  . GLU A 1 148 ? -11.037 -2.590  -3.646  1.00 12.96 ? 148 GLU A CD  1 
ATOM   1095 O OE1 . GLU A 1 148 ? -9.814  -2.376  -3.672  1.00 13.80 ? 148 GLU A OE1 1 
ATOM   1096 O OE2 . GLU A 1 148 ? -11.563 -3.508  -4.281  1.00 12.77 ? 148 GLU A OE2 1 
ATOM   1097 N N   . ALA A 1 149 ? -9.395  0.180   0.803   1.00 10.61 ? 149 ALA A N   1 
ATOM   1098 C CA  . ALA A 1 149 ? -8.299  0.946   1.451   1.00 10.93 ? 149 ALA A CA  1 
ATOM   1099 C C   . ALA A 1 149 ? -8.573  1.109   2.951   1.00 11.42 ? 149 ALA A C   1 
ATOM   1100 O O   . ALA A 1 149 ? -9.737  1.024   3.359   1.00 11.56 ? 149 ALA A O   1 
ATOM   1101 C CB  . ALA A 1 149 ? -8.089  2.280   0.797   1.00 10.78 ? 149 ALA A CB  1 
ATOM   1102 N N   . MET A 1 150 ? -7.512  1.285   3.742   1.00 11.27 ? 150 MET A N   1 
ATOM   1103 C CA  . MET A 1 150 ? -7.602  1.519   5.192   1.00 11.04 ? 150 MET A CA  1 
ATOM   1104 C C   . MET A 1 150 ? -6.360  2.298   5.623   1.00 11.92 ? 150 MET A C   1 
ATOM   1105 O O   . MET A 1 150 ? -5.428  2.411   4.827   1.00 10.89 ? 150 MET A O   1 
ATOM   1106 C CB  . MET A 1 150 ? -7.694  0.190   5.944   1.00 10.94 ? 150 MET A CB  1 
ATOM   1107 C CG  . MET A 1 150 ? -6.347  -0.486  6.122   1.00 10.96 ? 150 MET A CG  1 
ATOM   1108 S SD  . MET A 1 150 ? -6.479  -2.158  6.747   1.00 10.89 ? 150 MET A SD  1 
ATOM   1109 C CE  . MET A 1 150 ? -4.748  -2.622  6.735   1.00 10.33 ? 150 MET A CE  1 
ATOM   1110 N N   . LYS A 1 151 ? -6.400  2.866   6.832   1.00 13.33 ? 151 LYS A N   1 
ATOM   1111 C CA  . LYS A 1 151 ? -5.265  3.573   7.464   1.00 14.30 ? 151 LYS A CA  1 
ATOM   1112 C C   . LYS A 1 151 ? -5.391  3.404   8.974   1.00 14.37 ? 151 LYS A C   1 
ATOM   1113 O O   . LYS A 1 151 ? -6.504  3.194   9.453   1.00 13.52 ? 151 LYS A O   1 
ATOM   1114 C CB  . LYS A 1 151 ? -5.229  5.056   7.100   1.00 14.56 ? 151 LYS A CB  1 
ATOM   1115 C CG  . LYS A 1 151 ? -6.249  5.921   7.813   1.00 15.73 ? 151 LYS A CG  1 
ATOM   1116 C CD  . LYS A 1 151 ? -6.137  7.388   7.455   1.00 16.08 ? 151 LYS A CD  1 
ATOM   1117 C CE  . LYS A 1 151 ? -5.011  8.113   8.152   1.00 16.91 ? 151 LYS A CE  1 
ATOM   1118 N NZ  . LYS A 1 151 ? -5.277  8.257   9.605   1.00 18.47 ? 151 LYS A NZ  1 
ATOM   1119 N N   . HIS A 1 152 ? -4.261  3.437   9.655   1.00 15.05 ? 152 HIS A N   1 
ATOM   1120 C CA  . HIS A 1 152 ? -4.186  3.480   11.132  1.00 17.32 ? 152 HIS A CA  1 
ATOM   1121 C C   . HIS A 1 152 ? -4.667  4.874   11.527  1.00 17.95 ? 152 HIS A C   1 
ATOM   1122 O O   . HIS A 1 152 ? -4.266  5.835   10.819  1.00 16.89 ? 152 HIS A O   1 
ATOM   1123 C CB  . HIS A 1 152 ? -2.766  3.111   11.610  1.00 17.40 ? 152 HIS A CB  1 
ATOM   1124 C CG  . HIS A 1 152 ? -2.681  2.817   13.068  1.00 18.12 ? 152 HIS A CG  1 
ATOM   1125 N ND1 . HIS A 1 152 ? -2.862  3.786   14.032  1.00 18.82 ? 152 HIS A ND1 1 
ATOM   1126 C CD2 . HIS A 1 152 ? -2.426  1.668   13.734  1.00 19.55 ? 152 HIS A CD2 1 
ATOM   1127 C CE1 . HIS A 1 152 ? -2.752  3.240   15.231  1.00 19.15 ? 152 HIS A CE1 1 
ATOM   1128 N NE2 . HIS A 1 152 ? -2.475  1.950   15.075  1.00 19.43 ? 152 HIS A NE2 1 
ATOM   1129 N N   . LYS A 1 153 ? -5.438  4.979   12.623  1.00 19.52 ? 153 LYS A N   1 
ATOM   1130 C CA  . LYS A 1 153 ? -6.127  6.231   13.062  1.00 20.33 ? 153 LYS A CA  1 
ATOM   1131 C C   . LYS A 1 153 ? -5.121  7.286   13.543  1.00 21.27 ? 153 LYS A C   1 
ATOM   1132 O O   . LYS A 1 153 ? -5.431  8.481   13.311  1.00 22.93 ? 153 LYS A O   1 
ATOM   1133 C CB  . LYS A 1 153 ? -7.214  5.944   14.106  1.00 21.29 ? 153 LYS A CB  1 
ATOM   1134 C CG  . LYS A 1 153 ? -8.622  5.941   13.515  1.00 24.35 ? 153 LYS A CG  1 
ATOM   1135 C CD  . LYS A 1 153 ? -9.726  5.356   14.404  1.00 25.33 ? 153 LYS A CD  1 
ATOM   1136 C CE  . LYS A 1 153 ? -9.608  3.858   14.604  1.00 24.96 ? 153 LYS A CE  1 
ATOM   1137 N NZ  . LYS A 1 153 ? -10.702 3.345   15.457  1.00 24.59 ? 153 LYS A NZ  1 
ATOM   1138 N N   . THR A 1 154 ? -3.978  6.884   14.129  1.00 21.03 ? 154 THR A N   1 
ATOM   1139 C CA  . THR A 1 154 ? -2.975  7.782   14.794  1.00 22.24 ? 154 THR A CA  1 
ATOM   1140 C C   . THR A 1 154 ? -1.543  7.607   14.241  1.00 23.17 ? 154 THR A C   1 
ATOM   1141 O O   . THR A 1 154 ? -0.745  8.581   14.387  1.00 23.05 ? 154 THR A O   1 
ATOM   1142 C CB  . THR A 1 154 ? -2.981  7.567   16.315  1.00 22.08 ? 154 THR A CB  1 
ATOM   1143 O OG1 . THR A 1 154 ? -2.927  6.160   16.533  1.00 20.77 ? 154 THR A OG1 1 
ATOM   1144 C CG2 . THR A 1 154 ? -4.218  8.137   16.982  1.00 21.78 ? 154 THR A CG2 1 
ATOM   1145 N N   . LYS A 1 155 ? -1.244  6.460   13.605  1.00 20.38 ? 155 LYS A N   1 
ATOM   1146 C CA  . LYS A 1 155 ? 0.061   6.145   12.969  1.00 18.79 ? 155 LYS A CA  1 
ATOM   1147 C C   . LYS A 1 155 ? -0.056  6.393   11.473  1.00 17.12 ? 155 LYS A C   1 
ATOM   1148 O O   . LYS A 1 155 ? -1.090  6.120   10.887  1.00 17.21 ? 155 LYS A O   1 
ATOM   1149 C CB  . LYS A 1 155 ? 0.486   4.699   13.277  1.00 18.30 ? 155 LYS A CB  1 
ATOM   1150 C CG  . LYS A 1 155 ? 0.884   4.427   14.730  1.00 17.57 ? 155 LYS A CG  1 
ATOM   1151 C CD  . LYS A 1 155 ? 1.404   3.008   15.001  1.00 17.51 ? 155 LYS A CD  1 
ATOM   1152 C CE  . LYS A 1 155 ? 2.879   2.846   14.717  1.00 17.49 ? 155 LYS A CE  1 
ATOM   1153 N NZ  . LYS A 1 155 ? 3.394   1.523   15.157  1.00 18.73 ? 155 LYS A NZ  1 
ATOM   1154 N N   . PRO A 1 156 ? 0.996   6.919   10.812  1.00 16.51 ? 156 PRO A N   1 
ATOM   1155 C CA  . PRO A 1 156 ? 0.957   7.181   9.368   1.00 16.50 ? 156 PRO A CA  1 
ATOM   1156 C C   . PRO A 1 156 ? 1.103   5.895   8.524   1.00 16.47 ? 156 PRO A C   1 
ATOM   1157 O O   . PRO A 1 156 ? 2.062   5.750   7.769   1.00 17.03 ? 156 PRO A O   1 
ATOM   1158 C CB  . PRO A 1 156 ? 2.168   8.108   9.201   1.00 16.06 ? 156 PRO A CB  1 
ATOM   1159 C CG  . PRO A 1 156 ? 3.167   7.542   10.202  1.00 15.82 ? 156 PRO A CG  1 
ATOM   1160 C CD  . PRO A 1 156 ? 2.312   7.220   11.407  1.00 16.12 ? 156 PRO A CD  1 
ATOM   1161 N N   . ILE A 1 157 ? 0.154   4.968   8.676   1.00 15.46 ? 157 ILE A N   1 
ATOM   1162 C CA  . ILE A 1 157 ? 0.162   3.627   8.032   1.00 14.23 ? 157 ILE A CA  1 
ATOM   1163 C C   . ILE A 1 157 ? -1.122  3.482   7.224   1.00 13.76 ? 157 ILE A C   1 
ATOM   1164 O O   . ILE A 1 157 ? -2.223  3.656   7.807   1.00 11.76 ? 157 ILE A O   1 
ATOM   1165 C CB  . ILE A 1 157 ? 0.272   2.500   9.071   1.00 13.92 ? 157 ILE A CB  1 
ATOM   1166 C CG1 . ILE A 1 157 ? 1.582   2.604   9.845   1.00 13.54 ? 157 ILE A CG1 1 
ATOM   1167 C CG2 . ILE A 1 157 ? 0.085   1.144   8.384   1.00 13.62 ? 157 ILE A CG2 1 
ATOM   1168 C CD1 . ILE A 1 157 ? 1.722   1.572   10.921  1.00 14.03 ? 157 ILE A CD1 1 
ATOM   1169 N N   . TYR A 1 158 ? -0.947  3.146   5.943   1.00 13.29 ? 158 TYR A N   1 
ATOM   1170 C CA  . TYR A 1 158 ? -1.989  3.093   4.895   1.00 12.98 ? 158 TYR A CA  1 
ATOM   1171 C C   . TYR A 1 158 ? -1.848  1.769   4.130   1.00 13.01 ? 158 TYR A C   1 
ATOM   1172 O O   . TYR A 1 158 ? -0.682  1.259   3.914   1.00 11.62 ? 158 TYR A O   1 
ATOM   1173 C CB  . TYR A 1 158 ? -1.844  4.280   3.945   1.00 14.08 ? 158 TYR A CB  1 
ATOM   1174 C CG  . TYR A 1 158 ? -1.902  5.638   4.585   1.00 15.68 ? 158 TYR A CG  1 
ATOM   1175 C CD1 . TYR A 1 158 ? -0.793  6.175   5.225   1.00 16.40 ? 158 TYR A CD1 1 
ATOM   1176 C CD2 . TYR A 1 158 ? -3.048  6.423   4.502   1.00 17.39 ? 158 TYR A CD2 1 
ATOM   1177 C CE1 . TYR A 1 158 ? -0.825  7.436   5.797   1.00 17.57 ? 158 TYR A CE1 1 
ATOM   1178 C CE2 . TYR A 1 158 ? -3.094  7.688   5.066   1.00 17.85 ? 158 TYR A CE2 1 
ATOM   1179 C CZ  . TYR A 1 158 ? -1.978  8.199   5.716   1.00 19.68 ? 158 TYR A CZ  1 
ATOM   1180 O OH  . TYR A 1 158 ? -2.015  9.446   6.304   1.00 23.36 ? 158 TYR A OH  1 
ATOM   1181 N N   . GLY A 1 159 ? -3.005  1.193   3.776   1.00 11.78 ? 159 GLY A N   1 
ATOM   1182 C CA  . GLY A 1 159 ? -3.115  0.041   2.884   1.00 11.54 ? 159 GLY A CA  1 
ATOM   1183 C C   . GLY A 1 159 ? -4.156  0.267   1.801   1.00 11.90 ? 159 GLY A C   1 
ATOM   1184 O O   . GLY A 1 159 ? -5.186  0.914   2.074   1.00 11.23 ? 159 GLY A O   1 
ATOM   1185 N N   . VAL A 1 160 ? -3.871  -0.254  0.612   1.00 12.30 ? 160 VAL A N   1 
ATOM   1186 C CA  . VAL A 1 160 ? -4.774  -0.268  -0.561  1.00 13.07 ? 160 VAL A CA  1 
ATOM   1187 C C   . VAL A 1 160 ? -4.715  -1.669  -1.204  1.00 13.20 ? 160 VAL A C   1 
ATOM   1188 O O   . VAL A 1 160 ? -3.619  -2.166  -1.482  1.00 13.19 ? 160 VAL A O   1 
ATOM   1189 C CB  . VAL A 1 160 ? -4.386  0.856   -1.537  1.00 14.45 ? 160 VAL A CB  1 
ATOM   1190 C CG1 . VAL A 1 160 ? -4.640  2.219   -0.918  1.00 14.71 ? 160 VAL A CG1 1 
ATOM   1191 C CG2 . VAL A 1 160 ? -2.937  0.745   -2.021  1.00 14.42 ? 160 VAL A CG2 1 
ATOM   1192 N N   . GLN A 1 161 ? -5.878  -2.272  -1.410  1.00 12.35 ? 161 GLN A N   1 
ATOM   1193 C CA  . GLN A 1 161 ? -6.057  -3.593  -2.053  1.00 12.84 ? 161 GLN A CA  1 
ATOM   1194 C C   . GLN A 1 161 ? -5.646  -3.502  -3.520  1.00 12.64 ? 161 GLN A C   1 
ATOM   1195 O O   . GLN A 1 161 ? -5.182  -4.528  -4.069  1.00 12.98 ? 161 GLN A O   1 
ATOM   1196 C CB  . GLN A 1 161 ? -7.526  -3.988  -1.918  1.00 12.72 ? 161 GLN A CB  1 
ATOM   1197 C CG  . GLN A 1 161 ? -7.863  -5.272  -2.615  1.00 13.09 ? 161 GLN A CG  1 
ATOM   1198 C CD  . GLN A 1 161 ? -7.232  -6.484  -1.983  1.00 12.96 ? 161 GLN A CD  1 
ATOM   1199 O OE1 . GLN A 1 161 ? -6.909  -6.517  -0.801  1.00 13.29 ? 161 GLN A OE1 1 
ATOM   1200 N NE2 . GLN A 1 161 ? -7.083  -7.512  -2.785  1.00 13.02 ? 161 GLN A NE2 1 
ATOM   1201 N N   . PHE A 1 162 ? -5.830  -2.316  -4.108  1.00 11.48 ? 162 PHE A N   1 
ATOM   1202 C CA  . PHE A 1 162 ? -5.620  -2.022  -5.547  1.00 11.60 ? 162 PHE A CA  1 
ATOM   1203 C C   . PHE A 1 162 ? -4.188  -1.470  -5.721  1.00 11.49 ? 162 PHE A C   1 
ATOM   1204 O O   . PHE A 1 162 ? -3.532  -1.214  -4.714  1.00 11.65 ? 162 PHE A O   1 
ATOM   1205 C CB  . PHE A 1 162 ? -6.717  -1.071  -6.053  1.00 10.69 ? 162 PHE A CB  1 
ATOM   1206 C CG  . PHE A 1 162 ? -6.754  0.246   -5.319  1.00 10.57 ? 162 PHE A CG  1 
ATOM   1207 C CD1 . PHE A 1 162 ? -5.867  1.265   -5.631  1.00 10.32 ? 162 PHE A CD1 1 
ATOM   1208 C CD2 . PHE A 1 162 ? -7.659  0.468   -4.288  1.00 10.28 ? 162 PHE A CD2 1 
ATOM   1209 C CE1 . PHE A 1 162 ? -5.895  2.470   -4.942  1.00 10.30 ? 162 PHE A CE1 1 
ATOM   1210 C CE2 . PHE A 1 162 ? -7.684  1.664   -3.594  1.00 9.88  ? 162 PHE A CE2 1 
ATOM   1211 C CZ  . PHE A 1 162 ? -6.794  2.664   -3.916  1.00 10.19 ? 162 PHE A CZ  1 
ATOM   1212 N N   . HIS A 1 163 ? -3.748  -1.303  -6.974  1.00 11.69 ? 163 HIS A N   1 
ATOM   1213 C CA  . HIS A 1 163 ? -2.397  -0.837  -7.400  1.00 11.70 ? 163 HIS A CA  1 
ATOM   1214 C C   . HIS A 1 163 ? -2.440  0.598   -7.906  1.00 12.10 ? 163 HIS A C   1 
ATOM   1215 O O   . HIS A 1 163 ? -2.664  0.822   -9.103  1.00 12.88 ? 163 HIS A O   1 
ATOM   1216 C CB  . HIS A 1 163 ? -1.835  -1.737  -8.508  1.00 11.42 ? 163 HIS A CB  1 
ATOM   1217 C CG  . HIS A 1 163 ? -1.372  -3.044  -7.978  1.00 11.81 ? 163 HIS A CG  1 
ATOM   1218 N ND1 . HIS A 1 163 ? -0.044  -3.272  -7.633  1.00 11.35 ? 163 HIS A ND1 1 
ATOM   1219 C CD2 . HIS A 1 163 ? -2.064  -4.164  -7.674  1.00 11.60 ? 163 HIS A CD2 1 
ATOM   1220 C CE1 . HIS A 1 163 ? 0.047   -4.496  -7.152  1.00 11.90 ? 163 HIS A CE1 1 
ATOM   1221 N NE2 . HIS A 1 163 ? -1.174  -5.061  -7.162  1.00 11.57 ? 163 HIS A NE2 1 
ATOM   1222 N N   . PRO A 1 164 ? -2.163  1.598   -7.044  1.00 11.74 ? 164 PRO A N   1 
ATOM   1223 C CA  . PRO A 1 164 ? -2.083  2.981   -7.493  1.00 12.26 ? 164 PRO A CA  1 
ATOM   1224 C C   . PRO A 1 164 ? -0.936  3.278   -8.464  1.00 11.85 ? 164 PRO A C   1 
ATOM   1225 O O   . PRO A 1 164 ? -1.017  4.291   -9.069  1.00 11.54 ? 164 PRO A O   1 
ATOM   1226 C CB  . PRO A 1 164 ? -1.908  3.804   -6.206  1.00 12.12 ? 164 PRO A CB  1 
ATOM   1227 C CG  . PRO A 1 164 ? -1.437  2.833   -5.161  1.00 12.10 ? 164 PRO A CG  1 
ATOM   1228 C CD  . PRO A 1 164 ? -1.892  1.462   -5.609  1.00 12.24 ? 164 PRO A CD  1 
ATOM   1229 N N   . GLU A 1 165 ? 0.080   2.406   -8.559  1.00 13.01 ? 165 GLU A N   1 
ATOM   1230 C CA  . GLU A 1 165 ? 1.279   2.595   -9.421  1.00 13.86 ? 165 GLU A CA  1 
ATOM   1231 C C   . GLU A 1 165 ? 0.933   2.292   -10.887 1.00 14.63 ? 165 GLU A C   1 
ATOM   1232 O O   . GLU A 1 165 ? 1.699   2.742   -11.757 1.00 15.40 ? 165 GLU A O   1 
ATOM   1233 C CB  . GLU A 1 165 ? 2.470   1.751   -8.951  1.00 13.92 ? 165 GLU A CB  1 
ATOM   1234 C CG  . GLU A 1 165 ? 2.319   0.253   -9.107  1.00 13.93 ? 165 GLU A CG  1 
ATOM   1235 C CD  . GLU A 1 165 ? 1.529   -0.379  -7.979  1.00 13.87 ? 165 GLU A CD  1 
ATOM   1236 O OE1 . GLU A 1 165 ? 0.623   0.293   -7.467  1.00 13.41 ? 165 GLU A OE1 1 
ATOM   1237 O OE2 . GLU A 1 165 ? 1.827   -1.522  -7.616  1.00 13.83 ? 165 GLU A OE2 1 
ATOM   1238 N N   . VAL A 1 166 ? -0.163  1.558   -11.134 1.00 14.76 ? 166 VAL A N   1 
ATOM   1239 C CA  . VAL A 1 166 ? -0.606  1.102   -12.489 1.00 15.39 ? 166 VAL A CA  1 
ATOM   1240 C C   . VAL A 1 166 ? -1.492  2.186   -13.118 1.00 14.51 ? 166 VAL A C   1 
ATOM   1241 O O   . VAL A 1 166 ? -2.485  2.581   -12.474 1.00 14.62 ? 166 VAL A O   1 
ATOM   1242 C CB  . VAL A 1 166 ? -1.326  -0.264  -12.413 1.00 15.75 ? 166 VAL A CB  1 
ATOM   1243 C CG1 . VAL A 1 166 ? -1.748  -0.781  -13.782 1.00 15.41 ? 166 VAL A CG1 1 
ATOM   1244 C CG2 . VAL A 1 166 ? -0.454  -1.312  -11.717 1.00 16.33 ? 166 VAL A CG2 1 
ATOM   1245 N N   . ALA A 1 167 ? -1.143  2.652   -14.318 1.00 13.72 ? 167 ALA A N   1 
ATOM   1246 C CA  . ALA A 1 167 ? -1.850  3.736   -15.059 1.00 14.08 ? 167 ALA A CA  1 
ATOM   1247 C C   . ALA A 1 167 ? -3.355  3.430   -15.163 1.00 13.86 ? 167 ALA A C   1 
ATOM   1248 O O   . ALA A 1 167 ? -4.178  4.370   -15.140 1.00 14.38 ? 167 ALA A O   1 
ATOM   1249 C CB  . ALA A 1 167 ? -1.231  3.916   -16.427 1.00 13.29 ? 167 ALA A CB  1 
ATOM   1250 N N   . HIS A 1 168 ? -3.704  2.139   -15.245 1.00 14.24 ? 168 HIS A N   1 
ATOM   1251 C CA  . HIS A 1 168 ? -5.097  1.645   -15.345 1.00 14.23 ? 168 HIS A CA  1 
ATOM   1252 C C   . HIS A 1 168 ? -5.901  2.198   -14.156 1.00 14.29 ? 168 HIS A C   1 
ATOM   1253 O O   . HIS A 1 168 ? -7.125  2.303   -14.288 1.00 15.60 ? 168 HIS A O   1 
ATOM   1254 C CB  . HIS A 1 168 ? -5.141  0.106   -15.427 1.00 13.66 ? 168 HIS A CB  1 
ATOM   1255 C CG  . HIS A 1 168 ? -4.368  -0.519  -16.540 1.00 13.17 ? 168 HIS A CG  1 
ATOM   1256 N ND1 . HIS A 1 168 ? -4.392  -0.049  -17.847 1.00 12.70 ? 168 HIS A ND1 1 
ATOM   1257 C CD2 . HIS A 1 168 ? -3.586  -1.628  -16.553 1.00 13.73 ? 168 HIS A CD2 1 
ATOM   1258 C CE1 . HIS A 1 168 ? -3.646  -0.822  -18.614 1.00 12.56 ? 168 HIS A CE1 1 
ATOM   1259 N NE2 . HIS A 1 168 ? -3.136  -1.814  -17.839 1.00 13.10 ? 168 HIS A NE2 1 
ATOM   1260 N N   . THR A 1 169 ? -5.240  2.534   -13.046 1.00 14.07 ? 169 THR A N   1 
ATOM   1261 C CA  . THR A 1 169 ? -5.872  3.139   -11.850 1.00 13.84 ? 169 THR A CA  1 
ATOM   1262 C C   . THR A 1 169 ? -5.970  4.651   -12.055 1.00 13.53 ? 169 THR A C   1 
ATOM   1263 O O   . THR A 1 169 ? -4.957  5.328   -12.176 1.00 12.02 ? 169 THR A O   1 
ATOM   1264 C CB  . THR A 1 169 ? -5.126  2.861   -10.545 1.00 14.45 ? 169 THR A CB  1 
ATOM   1265 O OG1 . THR A 1 169 ? -5.049  1.452   -10.392 1.00 15.22 ? 169 THR A OG1 1 
ATOM   1266 C CG2 . THR A 1 169 ? -5.835  3.458   -9.344  1.00 15.35 ? 169 THR A CG2 1 
ATOM   1267 N N   . GLU A 1 170 ? -7.194  5.143   -12.119 1.00 13.91 ? 170 GLU A N   1 
ATOM   1268 C CA  . GLU A 1 170 ? -7.452  6.585   -12.192 1.00 14.23 ? 170 GLU A CA  1 
ATOM   1269 C C   . GLU A 1 170 ? -6.974  7.184   -10.867 1.00 13.33 ? 170 GLU A C   1 
ATOM   1270 O O   . GLU A 1 170 ? -7.224  6.566   -9.792  1.00 12.63 ? 170 GLU A O   1 
ATOM   1271 C CB  . GLU A 1 170 ? -8.930  6.851   -12.431 1.00 14.39 ? 170 GLU A CB  1 
ATOM   1272 C CG  . GLU A 1 170 ? -9.513  6.067   -13.582 1.00 14.91 ? 170 GLU A CG  1 
ATOM   1273 C CD  . GLU A 1 170 ? -10.918 6.536   -13.856 1.00 15.42 ? 170 GLU A CD  1 
ATOM   1274 O OE1 . GLU A 1 170 ? -11.054 7.320   -14.782 1.00 17.69 ? 170 GLU A OE1 1 
ATOM   1275 O OE2 . GLU A 1 170 ? -11.839 6.183   -13.091 1.00 15.37 ? 170 GLU A OE2 1 
ATOM   1276 N N   . TYR A 1 171 ? -6.366  8.364   -10.945 1.00 12.69 ? 171 TYR A N   1 
ATOM   1277 C CA  . TYR A 1 171 ? -5.858  9.127   -9.776  1.00 13.14 ? 171 TYR A CA  1 
ATOM   1278 C C   . TYR A 1 171 ? -4.777  8.308   -9.049  1.00 12.79 ? 171 TYR A C   1 
ATOM   1279 O O   . TYR A 1 171 ? -4.464  8.580   -7.882  1.00 13.60 ? 171 TYR A O   1 
ATOM   1280 C CB  . TYR A 1 171 ? -7.058  9.558   -8.920  1.00 13.11 ? 171 TYR A CB  1 
ATOM   1281 C CG  . TYR A 1 171 ? -8.100  10.308  -9.717  1.00 13.37 ? 171 TYR A CG  1 
ATOM   1282 C CD1 . TYR A 1 171 ? -7.929  11.657  -10.026 1.00 14.20 ? 171 TYR A CD1 1 
ATOM   1283 C CD2 . TYR A 1 171 ? -9.210  9.664   -10.232 1.00 12.84 ? 171 TYR A CD2 1 
ATOM   1284 C CE1 . TYR A 1 171 ? -8.844  12.348  -10.805 1.00 13.87 ? 171 TYR A CE1 1 
ATOM   1285 C CE2 . TYR A 1 171 ? -10.142 10.341  -11.007 1.00 13.83 ? 171 TYR A CE2 1 
ATOM   1286 C CZ  . TYR A 1 171 ? -9.962  11.688  -11.296 1.00 14.20 ? 171 TYR A CZ  1 
ATOM   1287 O OH  . TYR A 1 171 ? -10.884 12.353  -12.053 1.00 13.49 ? 171 TYR A OH  1 
ATOM   1288 N N   . GLY A 1 172 ? -4.186  7.318   -9.710  1.00 12.45 ? 172 GLY A N   1 
ATOM   1289 C CA  . GLY A 1 172 ? -3.151  6.490   -9.061  1.00 12.26 ? 172 GLY A CA  1 
ATOM   1290 C C   . GLY A 1 172 ? -2.010  7.365   -8.565  1.00 11.89 ? 172 GLY A C   1 
ATOM   1291 O O   . GLY A 1 172 ? -1.669  7.282   -7.377  1.00 11.15 ? 172 GLY A O   1 
ATOM   1292 N N   . ASN A 1 173 ? -1.462  8.222   -9.434  1.00 12.02 ? 173 ASN A N   1 
ATOM   1293 C CA  . ASN A 1 173 ? -0.322  9.114   -9.084  1.00 12.90 ? 173 ASN A CA  1 
ATOM   1294 C C   . ASN A 1 173 ? -0.761  10.132  -8.007  1.00 13.97 ? 173 ASN A C   1 
ATOM   1295 O O   . ASN A 1 173 ? 0.085   10.518  -7.166  1.00 14.46 ? 173 ASN A O   1 
ATOM   1296 C CB  . ASN A 1 173 ? 0.277   9.733   -10.351 1.00 13.30 ? 173 ASN A CB  1 
ATOM   1297 C CG  . ASN A 1 173 ? 0.939   8.715   -11.257 1.00 12.92 ? 173 ASN A CG  1 
ATOM   1298 O OD1 . ASN A 1 173 ? 1.277   7.607   -10.833 1.00 13.16 ? 173 ASN A OD1 1 
ATOM   1299 N ND2 . ASN A 1 173 ? 1.163   9.104   -12.499 1.00 12.41 ? 173 ASN A ND2 1 
ATOM   1300 N N   . GLU A 1 174 ? -2.051  10.489  -7.935  1.00 14.65 ? 174 GLU A N   1 
ATOM   1301 C CA  . GLU A 1 174 ? -2.540  11.450  -6.918  1.00 14.99 ? 174 GLU A CA  1 
ATOM   1302 C C   . GLU A 1 174 ? -2.520  10.792  -5.542  1.00 14.85 ? 174 GLU A C   1 
ATOM   1303 O O   . GLU A 1 174 ? -2.097  11.447  -4.579  1.00 13.94 ? 174 GLU A O   1 
ATOM   1304 C CB  . GLU A 1 174 ? -3.950  11.916  -7.262  1.00 16.73 ? 174 GLU A CB  1 
ATOM   1305 C CG  . GLU A 1 174 ? -4.334  13.180  -6.527  1.00 17.58 ? 174 GLU A CG  1 
ATOM   1306 C CD  . GLU A 1 174 ? -3.494  14.395  -6.862  1.00 18.37 ? 174 GLU A CD  1 
ATOM   1307 O OE1 . GLU A 1 174 ? -2.783  14.382  -7.897  1.00 19.84 ? 174 GLU A OE1 1 
ATOM   1308 O OE2 . GLU A 1 174 ? -3.554  15.353  -6.085  1.00 20.45 ? 174 GLU A OE2 1 
ATOM   1309 N N   . ILE A 1 175 ? -2.970  9.537   -5.480  1.00 14.42 ? 175 ILE A N   1 
ATOM   1310 C CA  . ILE A 1 175 ? -2.936  8.663   -4.278  1.00 14.72 ? 175 ILE A CA  1 
ATOM   1311 C C   . ILE A 1 175 ? -1.480  8.480   -3.836  1.00 14.73 ? 175 ILE A C   1 
ATOM   1312 O O   . ILE A 1 175 ? -1.194  8.696   -2.638  1.00 14.61 ? 175 ILE A O   1 
ATOM   1313 C CB  . ILE A 1 175 ? -3.683  7.342   -4.556  1.00 14.87 ? 175 ILE A CB  1 
ATOM   1314 C CG1 . ILE A 1 175 ? -5.184  7.605   -4.730  1.00 15.39 ? 175 ILE A CG1 1 
ATOM   1315 C CG2 . ILE A 1 175 ? -3.436  6.295   -3.478  1.00 14.60 ? 175 ILE A CG2 1 
ATOM   1316 C CD1 . ILE A 1 175 ? -5.904  6.578   -5.612  1.00 14.97 ? 175 ILE A CD1 1 
ATOM   1317 N N   . LEU A 1 176 ? -0.568  8.183   -4.760  1.00 15.40 ? 176 LEU A N   1 
ATOM   1318 C CA  . LEU A 1 176 ? 0.870   8.019   -4.393  1.00 15.92 ? 176 LEU A CA  1 
ATOM   1319 C C   . LEU A 1 176 ? 1.414   9.345   -3.859  1.00 16.97 ? 176 LEU A C   1 
ATOM   1320 O O   . LEU A 1 176 ? 2.324   9.300   -2.998  1.00 15.96 ? 176 LEU A O   1 
ATOM   1321 C CB  . LEU A 1 176 ? 1.704   7.552   -5.586  1.00 15.00 ? 176 LEU A CB  1 
ATOM   1322 C CG  . LEU A 1 176 ? 1.543   6.087   -5.964  1.00 14.74 ? 176 LEU A CG  1 
ATOM   1323 C CD1 . LEU A 1 176 ? 2.387   5.779   -7.179  1.00 14.90 ? 176 LEU A CD1 1 
ATOM   1324 C CD2 . LEU A 1 176 ? 1.921   5.179   -4.803  1.00 14.80 ? 176 LEU A CD2 1 
ATOM   1325 N N   . LYS A 1 177 ? 0.921   10.458  -4.410  1.00 17.35 ? 177 LYS A N   1 
ATOM   1326 C CA  . LYS A 1 177 ? 1.457   11.817  -4.136  1.00 18.18 ? 177 LYS A CA  1 
ATOM   1327 C C   . LYS A 1 177 ? 0.936   12.192  -2.752  1.00 16.15 ? 177 LYS A C   1 
ATOM   1328 O O   . LYS A 1 177 ? 1.673   12.771  -1.981  1.00 18.19 ? 177 LYS A O   1 
ATOM   1329 C CB  . LYS A 1 177 ? 1.071   12.766  -5.285  1.00 20.06 ? 177 LYS A CB  1 
ATOM   1330 C CG  . LYS A 1 177 ? 1.389   14.239  -5.093  1.00 22.60 ? 177 LYS A CG  1 
ATOM   1331 C CD  . LYS A 1 177 ? 0.783   15.207  -6.136  1.00 24.61 ? 177 LYS A CD  1 
ATOM   1332 C CE  . LYS A 1 177 ? 0.953   14.798  -7.589  1.00 26.18 ? 177 LYS A CE  1 
ATOM   1333 N NZ  . LYS A 1 177 ? 1.132   15.982  -8.484  1.00 28.17 ? 177 LYS A NZ  1 
ATOM   1334 N N   . ASN A 1 178 ? -0.283  11.802  -2.415  1.00 14.82 ? 178 ASN A N   1 
ATOM   1335 C CA  . ASN A 1 178 ? -0.870  12.132  -1.091  1.00 13.39 ? 178 ASN A CA  1 
ATOM   1336 C C   . ASN A 1 178 ? -0.090  11.374  -0.019  1.00 12.52 ? 178 ASN A C   1 
ATOM   1337 O O   . ASN A 1 178 ? 0.199   11.929  1.004   1.00 12.91 ? 178 ASN A O   1 
ATOM   1338 C CB  . ASN A 1 178 ? -2.357  11.812  -1.039  1.00 12.82 ? 178 ASN A CB  1 
ATOM   1339 C CG  . ASN A 1 178 ? -3.173  12.739  -1.895  1.00 11.67 ? 178 ASN A CG  1 
ATOM   1340 O OD1 . ASN A 1 178 ? -2.864  13.918  -1.978  1.00 11.98 ? 178 ASN A OD1 1 
ATOM   1341 N ND2 . ASN A 1 178 ? -4.244  12.229  -2.473  1.00 11.34 ? 178 ASN A ND2 1 
ATOM   1342 N N   . PHE A 1 179 ? 0.223   10.122  -0.253  1.00 12.64 ? 179 PHE A N   1 
ATOM   1343 C CA  . PHE A 1 179 ? 1.103   9.334   0.641   1.00 12.43 ? 179 PHE A CA  1 
ATOM   1344 C C   . PHE A 1 179 ? 2.437   10.048  0.806   1.00 12.94 ? 179 PHE A C   1 
ATOM   1345 O O   . PHE A 1 179 ? 2.907   10.179  1.976   1.00 11.51 ? 179 PHE A O   1 
ATOM   1346 C CB  . PHE A 1 179 ? 1.317   7.914   0.111   1.00 12.03 ? 179 PHE A CB  1 
ATOM   1347 C CG  . PHE A 1 179 ? 2.264   7.105   0.945   1.00 11.80 ? 179 PHE A CG  1 
ATOM   1348 C CD1 . PHE A 1 179 ? 1.935   6.771   2.248   1.00 12.21 ? 179 PHE A CD1 1 
ATOM   1349 C CD2 . PHE A 1 179 ? 3.511   6.760   0.462   1.00 11.78 ? 179 PHE A CD2 1 
ATOM   1350 C CE1 . PHE A 1 179 ? 2.832   6.072   3.040   1.00 12.25 ? 179 PHE A CE1 1 
ATOM   1351 C CE2 . PHE A 1 179 ? 4.385   6.015   1.239   1.00 12.09 ? 179 PHE A CE2 1 
ATOM   1352 C CZ  . PHE A 1 179 ? 4.040   5.679   2.525   1.00 12.46 ? 179 PHE A CZ  1 
ATOM   1353 N N   . CYS A 1 180 ? 3.050   10.477  -0.311  1.00 13.97 ? 180 CYS A N   1 
ATOM   1354 C CA  . CYS A 1 180 ? 4.408   11.096  -0.267  1.00 15.89 ? 180 CYS A CA  1 
ATOM   1355 C C   . CYS A 1 180 ? 4.368   12.397  0.563   1.00 16.54 ? 180 CYS A C   1 
ATOM   1356 O O   . CYS A 1 180 ? 5.351   12.656  1.272   1.00 17.60 ? 180 CYS A O   1 
ATOM   1357 C CB  . CYS A 1 180 ? 4.988   11.268  -1.669  1.00 16.65 ? 180 CYS A CB  1 
ATOM   1358 S SG  . CYS A 1 180 ? 5.393   9.676   -2.447  1.00 18.14 ? 180 CYS A SG  1 
ATOM   1359 N N   . LYS A 1 181 ? 3.253   13.143  0.564   1.00 17.91 ? 181 LYS A N   1 
ATOM   1360 C CA  . LYS A 1 181 ? 3.101   14.413  1.334   1.00 18.71 ? 181 LYS A CA  1 
ATOM   1361 C C   . LYS A 1 181 ? 3.247   14.094  2.829   1.00 19.18 ? 181 LYS A C   1 
ATOM   1362 O O   . LYS A 1 181 ? 3.927   14.866  3.541   1.00 17.37 ? 181 LYS A O   1 
ATOM   1363 C CB  . LYS A 1 181 ? 1.755   15.092  1.044   1.00 19.61 ? 181 LYS A CB  1 
ATOM   1364 C CG  . LYS A 1 181 ? 1.644   15.701  -0.353  1.00 21.94 ? 181 LYS A CG  1 
ATOM   1365 C CD  . LYS A 1 181 ? 0.355   16.467  -0.708  1.00 22.31 ? 181 LYS A CD  1 
ATOM   1366 C CE  . LYS A 1 181 ? 0.537   17.259  -2.000  1.00 22.87 ? 181 LYS A CE  1 
ATOM   1367 N NZ  . LYS A 1 181 ? -0.732  17.778  -2.583  1.00 22.05 ? 181 LYS A NZ  1 
ATOM   1368 N N   . VAL A 1 182 ? 2.629   12.986  3.269   1.00 18.24 ? 182 VAL A N   1 
ATOM   1369 C CA  . VAL A 1 182 ? 2.764   12.455  4.654   1.00 18.06 ? 182 VAL A CA  1 
ATOM   1370 C C   . VAL A 1 182 ? 4.238   12.138  4.923   1.00 17.54 ? 182 VAL A C   1 
ATOM   1371 O O   . VAL A 1 182 ? 4.649   12.294  6.076   1.00 17.58 ? 182 VAL A O   1 
ATOM   1372 C CB  . VAL A 1 182 ? 1.853   11.234  4.886   1.00 18.55 ? 182 VAL A CB  1 
ATOM   1373 C CG1 . VAL A 1 182 ? 1.920   10.736  6.330   1.00 18.62 ? 182 VAL A CG1 1 
ATOM   1374 C CG2 . VAL A 1 182 ? 0.406   11.538  4.493   1.00 18.92 ? 182 VAL A CG2 1 
ATOM   1375 N N   . CYS A 1 183 ? 5.010   11.742  3.896   1.00 16.89 ? 183 CYS A N   1 
ATOM   1376 C CA  . CYS A 1 183 ? 6.447   11.366  4.020   1.00 17.32 ? 183 CYS A CA  1 
ATOM   1377 C C   . CYS A 1 183 ? 7.366   12.605  3.934   1.00 17.78 ? 183 CYS A C   1 
ATOM   1378 O O   . CYS A 1 183 ? 8.604   12.376  3.790   1.00 16.14 ? 183 CYS A O   1 
ATOM   1379 C CB  . CYS A 1 183 ? 6.847   10.338  2.961   1.00 16.14 ? 183 CYS A CB  1 
ATOM   1380 S SG  . CYS A 1 183 ? 5.968   8.755   3.069   1.00 14.92 ? 183 CYS A SG  1 
ATOM   1381 N N   . GLY A 1 184 ? 6.786   13.826  3.966   1.00 17.66 ? 184 GLY A N   1 
ATOM   1382 C CA  . GLY A 1 184 ? 7.453   15.150  3.990   1.00 19.54 ? 184 GLY A CA  1 
ATOM   1383 C C   . GLY A 1 184 ? 7.685   15.752  2.606   1.00 21.84 ? 184 GLY A C   1 
ATOM   1384 O O   . GLY A 1 184 ? 8.310   16.831  2.498   1.00 25.64 ? 184 GLY A O   1 
ATOM   1385 N N   . TYR A 1 185 ? 7.228   15.105  1.541   1.00 24.04 ? 185 TYR A N   1 
ATOM   1386 C CA  . TYR A 1 185 ? 7.492   15.584  0.163   1.00 25.57 ? 185 TYR A CA  1 
ATOM   1387 C C   . TYR A 1 185 ? 6.625   16.805  -0.157  1.00 27.11 ? 185 TYR A C   1 
ATOM   1388 O O   . TYR A 1 185 ? 5.425   16.835  0.161   1.00 25.63 ? 185 TYR A O   1 
ATOM   1389 C CB  . TYR A 1 185 ? 7.318   14.455  -0.843  1.00 25.41 ? 185 TYR A CB  1 
ATOM   1390 C CG  . TYR A 1 185 ? 8.508   13.542  -0.934  1.00 25.16 ? 185 TYR A CG  1 
ATOM   1391 C CD1 . TYR A 1 185 ? 8.620   12.444  -0.093  1.00 25.18 ? 185 TYR A CD1 1 
ATOM   1392 C CD2 . TYR A 1 185 ? 9.506   13.761  -1.878  1.00 25.78 ? 185 TYR A CD2 1 
ATOM   1393 C CE1 . TYR A 1 185 ? 9.694   11.573  -0.193  1.00 25.91 ? 185 TYR A CE1 1 
ATOM   1394 C CE2 . TYR A 1 185 ? 10.590  12.899  -1.990  1.00 25.52 ? 185 TYR A CE2 1 
ATOM   1395 C CZ  . TYR A 1 185 ? 10.679  11.799  -1.149  1.00 27.09 ? 185 TYR A CZ  1 
ATOM   1396 O OH  . TYR A 1 185 ? 11.750  10.949  -1.238  1.00 28.97 ? 185 TYR A OH  1 
ATOM   1397 N N   . LYS A 1 186 ? 7.277   17.795  -0.768  1.00 32.69 ? 186 LYS A N   1 
ATOM   1398 C CA  . LYS A 1 186 ? 6.699   19.082  -1.225  1.00 35.35 ? 186 LYS A CA  1 
ATOM   1399 C C   . LYS A 1 186 ? 6.407   18.948  -2.718  1.00 35.49 ? 186 LYS A C   1 
ATOM   1400 O O   . LYS A 1 186 ? 7.317   18.499  -3.462  1.00 33.23 ? 186 LYS A O   1 
ATOM   1401 C CB  . LYS A 1 186 ? 7.690   20.227  -0.977  1.00 38.99 ? 186 LYS A CB  1 
ATOM   1402 C CG  . LYS A 1 186 ? 8.295   20.299  0.423   1.00 38.54 ? 186 LYS A CG  1 
ATOM   1403 C CD  . LYS A 1 186 ? 7.260   20.284  1.532   1.00 41.22 ? 186 LYS A CD  1 
ATOM   1404 C CE  . LYS A 1 186 ? 6.118   21.260  1.333   1.00 42.99 ? 186 LYS A CE  1 
ATOM   1405 N NZ  . LYS A 1 186 ? 5.052   21.021  2.332   1.00 44.30 ? 186 LYS A NZ  1 
ATOM   1406 N N   . PHE A 1 187 ? 5.198   19.328  -3.127  1.00 35.02 ? 187 PHE A N   1 
ATOM   1407 C CA  . PHE A 1 187 ? 4.754   19.330  -4.545  1.00 37.77 ? 187 PHE A CA  1 
ATOM   1408 C C   . PHE A 1 187 ? 4.342   20.752  -4.961  1.00 42.83 ? 187 PHE A C   1 
ATOM   1409 O O   . PHE A 1 187 ? 3.230   21.194  -4.538  1.00 42.48 ? 187 PHE A O   1 
ATOM   1410 C CB  . PHE A 1 187 ? 3.669   18.268  -4.708  1.00 33.30 ? 187 PHE A CB  1 
ATOM   1411 C CG  . PHE A 1 187 ? 4.204   16.872  -4.492  1.00 32.22 ? 187 PHE A CG  1 
ATOM   1412 C CD1 . PHE A 1 187 ? 5.009   16.264  -5.446  1.00 27.96 ? 187 PHE A CD1 1 
ATOM   1413 C CD2 . PHE A 1 187 ? 3.925   16.174  -3.321  1.00 28.10 ? 187 PHE A CD2 1 
ATOM   1414 C CE1 . PHE A 1 187 ? 5.493   14.978  -5.243  1.00 27.58 ? 187 PHE A CE1 1 
ATOM   1415 C CE2 . PHE A 1 187 ? 4.406   14.891  -3.129  1.00 27.96 ? 187 PHE A CE2 1 
ATOM   1416 C CZ  . PHE A 1 187 ? 5.199   14.300  -4.085  1.00 26.60 ? 187 PHE A CZ  1 
ATOM   1417 N N   . GLU A 1 188 ? 5.209   21.412  -5.758  1.00 43.79 ? 188 GLU A N   1 
ATOM   1418 C CA  . GLU A 1 188 ? 5.151   22.849  -6.166  1.00 45.99 ? 188 GLU A CA  1 
ATOM   1419 C C   . GLU A 1 188 ? 4.672   22.960  -7.618  1.00 49.02 ? 188 GLU A C   1 
ATOM   1420 O O   . GLU A 1 188 ? 3.614   22.442  -7.993  1.00 52.76 ? 188 GLU A O   1 
ATOM   1421 C CB  . GLU A 1 188 ? 6.530   23.508  -6.049  1.00 43.71 ? 188 GLU A CB  1 
HETATM 1422 O O   . HOH B 2 .   ? -5.813  -15.759 1.918   1.00 14.61 ? 201 HOH A O   1 
HETATM 1423 O O   . HOH B 2 .   ? -15.062 -8.503  1.027   1.00 11.19 ? 202 HOH A O   1 
HETATM 1424 O O   . HOH B 2 .   ? 12.178  -10.089 -6.748  1.00 24.99 ? 203 HOH A O   1 
HETATM 1425 O O   . HOH B 2 .   ? -16.363 -16.036 -3.674  1.00 10.54 ? 204 HOH A O   1 
HETATM 1426 O O   . HOH B 2 .   ? 14.037  -6.942  -11.412 1.00 14.14 ? 205 HOH A O   1 
HETATM 1427 O O   . HOH B 2 .   ? 11.328  7.036   -7.983  1.00 20.10 ? 206 HOH A O   1 
HETATM 1428 O O   . HOH B 2 .   ? -8.495  3.396   -16.042 1.00 8.10  ? 207 HOH A O   1 
HETATM 1429 O O   . HOH B 2 .   ? -10.628 -8.372  -8.972  1.00 19.21 ? 208 HOH A O   1 
HETATM 1430 O O   . HOH B 2 .   ? -12.950 11.076  -12.690 1.00 18.39 ? 209 HOH A O   1 
HETATM 1431 O O   . HOH B 2 .   ? -5.165  2.097   -18.900 1.00 16.32 ? 210 HOH A O   1 
HETATM 1432 O O   . HOH B 2 .   ? 16.906  -3.997  -5.452  1.00 15.76 ? 211 HOH A O   1 
HETATM 1433 O O   . HOH B 2 .   ? -8.597  -5.853  1.330   1.00 14.56 ? 212 HOH A O   1 
HETATM 1434 O O   . HOH B 2 .   ? -4.601  -5.708  -6.262  1.00 25.55 ? 213 HOH A O   1 
HETATM 1435 O O   . HOH B 2 .   ? 11.095  -9.590  10.659  1.00 20.13 ? 214 HOH A O   1 
HETATM 1436 O O   . HOH B 2 .   ? 4.883   1.495   12.252  1.00 9.88  ? 215 HOH A O   1 
HETATM 1437 O O   . HOH B 2 .   ? -13.179 -9.503  -2.648  1.00 12.74 ? 216 HOH A O   1 
HETATM 1438 O O   . HOH B 2 .   ? 9.323   -8.529  -7.879  1.00 19.20 ? 217 HOH A O   1 
HETATM 1439 O O   . HOH B 2 .   ? -15.781 -11.443 0.069   1.00 7.63  ? 218 HOH A O   1 
HETATM 1440 O O   . HOH B 2 .   ? -16.192 8.675   6.430   1.00 19.17 ? 219 HOH A O   1 
HETATM 1441 O O   . HOH B 2 .   ? -19.179 -7.273  -1.148  1.00 13.26 ? 220 HOH A O   1 
HETATM 1442 O O   . HOH B 2 .   ? -12.361 -6.935  2.087   1.00 12.24 ? 221 HOH A O   1 
HETATM 1443 O O   . HOH B 2 .   ? 18.171  -9.418  2.564   1.00 24.59 ? 222 HOH A O   1 
HETATM 1444 O O   . HOH B 2 .   ? 8.843   -1.010  18.113  1.00 10.14 ? 223 HOH A O   1 
HETATM 1445 O O   . HOH B 2 .   ? -17.506 -1.612  -7.354  1.00 8.26  ? 224 HOH A O   1 
HETATM 1446 O O   . HOH B 2 .   ? 7.508   -8.578  14.317  1.00 15.50 ? 225 HOH A O   1 
HETATM 1447 O O   . HOH B 2 .   ? -7.117  15.257  -9.324  1.00 17.76 ? 226 HOH A O   1 
HETATM 1448 O O   . HOH B 2 .   ? -5.836  -10.127 -4.323  1.00 9.96  ? 227 HOH A O   1 
HETATM 1449 O O   . HOH B 2 .   ? -0.550  -13.050 -2.796  1.00 18.64 ? 228 HOH A O   1 
HETATM 1450 O O   . HOH B 2 .   ? -6.100  9.446   -13.421 1.00 18.46 ? 229 HOH A O   1 
HETATM 1451 O O   . HOH B 2 .   ? 16.091  -0.007  -6.665  1.00 12.49 ? 230 HOH A O   1 
HETATM 1452 O O   . HOH B 2 .   ? -2.397  6.140   -12.626 1.00 6.73  ? 231 HOH A O   1 
HETATM 1453 O O   . HOH B 2 .   ? -14.727 -16.086 -8.339  1.00 12.83 ? 232 HOH A O   1 
HETATM 1454 O O   . HOH B 2 .   ? 0.002   5.274   -11.449 1.00 13.52 ? 233 HOH A O   1 
HETATM 1455 O O   . HOH B 2 .   ? 6.652   -3.611  -12.793 1.00 18.22 ? 234 HOH A O   1 
HETATM 1456 O O   . HOH B 2 .   ? -14.447 5.304   7.601   1.00 15.25 ? 235 HOH A O   1 
HETATM 1457 O O   . HOH B 2 .   ? 2.331   7.086   -14.292 1.00 17.58 ? 236 HOH A O   1 
HETATM 1458 O O   . HOH B 2 .   ? 10.027  17.583  -1.163  1.00 26.26 ? 237 HOH A O   1 
HETATM 1459 O O   . HOH B 2 .   ? -9.320  -18.256 2.874   1.00 17.16 ? 238 HOH A O   1 
HETATM 1460 O O   . HOH B 2 .   ? -11.171 -4.512  -16.389 1.00 25.02 ? 239 HOH A O   1 
HETATM 1461 O O   . HOH B 2 .   ? 22.598  5.510   11.011  1.00 39.40 ? 240 HOH A O   1 
HETATM 1462 O O   . HOH B 2 .   ? -18.340 -4.231  -0.128  1.00 20.26 ? 241 HOH A O   1 
HETATM 1463 O O   . HOH B 2 .   ? -0.405  -8.496  -4.109  1.00 8.78  ? 242 HOH A O   1 
HETATM 1464 O O   . HOH B 2 .   ? 5.335   6.117   12.938  1.00 20.71 ? 243 HOH A O   1 
HETATM 1465 O O   . HOH B 2 .   ? -5.765  -14.128 8.898   1.00 24.15 ? 244 HOH A O   1 
HETATM 1466 O O   . HOH B 2 .   ? -1.982  17.789  -6.455  1.00 8.45  ? 245 HOH A O   1 
HETATM 1467 O O   . HOH B 2 .   ? 4.398   3.895   11.136  1.00 12.00 ? 246 HOH A O   1 
HETATM 1468 O O   . HOH B 2 .   ? 15.015  7.279   10.023  1.00 21.93 ? 247 HOH A O   1 
HETATM 1469 O O   . HOH B 2 .   ? 14.730  7.334   -7.796  1.00 14.01 ? 248 HOH A O   1 
HETATM 1470 O O   . HOH B 2 .   ? -3.234  10.649  -10.709 1.00 8.42  ? 249 HOH A O   1 
HETATM 1471 O O   . HOH B 2 .   ? -13.980 1.121   9.538   1.00 18.03 ? 250 HOH A O   1 
HETATM 1472 O O   . HOH B 2 .   ? 8.431   -5.667  -10.870 1.00 4.94  ? 251 HOH A O   1 
HETATM 1473 O O   . HOH B 2 .   ? -1.648  -10.923 -4.303  1.00 16.24 ? 252 HOH A O   1 
HETATM 1474 O O   . HOH B 2 .   ? 22.713  8.227   3.659   1.00 28.04 ? 253 HOH A O   1 
HETATM 1475 O O   . HOH B 2 .   ? -8.190  1.933   -17.938 1.00 26.12 ? 254 HOH A O   1 
# 
loop_
_pdbx_poly_seq_scheme.asym_id 
_pdbx_poly_seq_scheme.entity_id 
_pdbx_poly_seq_scheme.seq_id 
_pdbx_poly_seq_scheme.mon_id 
_pdbx_poly_seq_scheme.ndb_seq_num 
_pdbx_poly_seq_scheme.pdb_seq_num 
_pdbx_poly_seq_scheme.auth_seq_num 
_pdbx_poly_seq_scheme.pdb_mon_id 
_pdbx_poly_seq_scheme.auth_mon_id 
_pdbx_poly_seq_scheme.pdb_strand_id 
_pdbx_poly_seq_scheme.pdb_ins_code 
_pdbx_poly_seq_scheme.hetero 
A 1 1   MET 1   1   1   MET MET A . n 
A 1 2   ILE 2   2   2   ILE ILE A . n 
A 1 3   VAL 3   3   3   VAL VAL A . n 
A 1 4   ILE 4   4   4   ILE ILE A . n 
A 1 5   LEU 5   5   5   LEU LEU A . n 
A 1 6   ASP 6   6   6   ASP ASP A . n 
A 1 7   ASN 7   7   7   ASN ASN A . n 
A 1 8   GLY 8   8   8   GLY GLY A . n 
A 1 9   GLY 9   9   9   GLY GLY A . n 
A 1 10  GLN 10  10  10  GLN GLN A . n 
A 1 11  TYR 11  11  11  TYR TYR A . n 
A 1 12  VAL 12  12  12  VAL VAL A . n 
A 1 13  HIS 13  13  13  HIS HIS A . n 
A 1 14  ARG 14  14  14  ARG ARG A . n 
A 1 15  ILE 15  15  15  ILE ILE A . n 
A 1 16  HIS 16  16  16  HIS HIS A . n 
A 1 17  ARG 17  17  17  ARG ARG A . n 
A 1 18  SER 18  18  18  SER SER A . n 
A 1 19  LEU 19  19  19  LEU LEU A . n 
A 1 20  LYS 20  20  20  LYS LYS A . n 
A 1 21  TYR 21  21  21  TYR TYR A . n 
A 1 22  ILE 22  22  22  ILE ILE A . n 
A 1 23  GLY 23  23  23  GLY GLY A . n 
A 1 24  VAL 24  24  24  VAL VAL A . n 
A 1 25  SER 25  25  25  SER SER A . n 
A 1 26  SER 26  26  26  SER SER A . n 
A 1 27  LYS 27  27  27  LYS LYS A . n 
A 1 28  ILE 28  28  28  ILE ILE A . n 
A 1 29  VAL 29  29  29  VAL VAL A . n 
A 1 30  PRO 30  30  30  PRO PRO A . n 
A 1 31  ASN 31  31  31  ASN ASN A . n 
A 1 32  THR 32  32  32  THR THR A . n 
A 1 33  THR 33  33  33  THR THR A . n 
A 1 34  PRO 34  34  34  PRO PRO A . n 
A 1 35  LEU 35  35  35  LEU LEU A . n 
A 1 36  GLU 36  36  36  GLU GLU A . n 
A 1 37  GLU 37  37  37  GLU GLU A . n 
A 1 38  ILE 38  38  38  ILE ILE A . n 
A 1 39  GLU 39  39  39  GLU GLU A . n 
A 1 40  SER 40  40  40  SER SER A . n 
A 1 41  ASN 41  41  41  ASN ASN A . n 
A 1 42  LYS 42  42  42  LYS LYS A . n 
A 1 43  GLU 43  43  43  GLU GLU A . n 
A 1 44  VAL 44  44  44  VAL VAL A . n 
A 1 45  LYS 45  45  45  LYS LYS A . n 
A 1 46  GLY 46  46  46  GLY GLY A . n 
A 1 47  ILE 47  47  47  ILE ILE A . n 
A 1 48  ILE 48  48  48  ILE ILE A . n 
A 1 49  LEU 49  49  49  LEU LEU A . n 
A 1 50  SER 50  50  50  SER SER A . n 
A 1 51  GLY 51  51  51  GLY GLY A . n 
A 1 52  GLY 52  52  52  GLY GLY A . n 
A 1 53  PRO 53  53  53  PRO PRO A . n 
A 1 54  ASP 54  54  54  ASP ASP A . n 
A 1 55  ILE 55  55  55  ILE ILE A . n 
A 1 56  GLU 56  56  56  GLU GLU A . n 
A 1 57  LYS 57  57  57  LYS LYS A . n 
A 1 58  ALA 58  58  58  ALA ALA A . n 
A 1 59  LYS 59  59  59  LYS LYS A . n 
A 1 60  ASN 60  60  60  ASN ASN A . n 
A 1 61  CYS 61  61  61  CYS CYS A . n 
A 1 62  ILE 62  62  62  ILE ILE A . n 
A 1 63  ASP 63  63  63  ASP ASP A . n 
A 1 64  ILE 64  64  64  ILE ILE A . n 
A 1 65  ALA 65  65  65  ALA ALA A . n 
A 1 66  LEU 66  66  66  LEU LEU A . n 
A 1 67  ASN 67  67  67  ASN ASN A . n 
A 1 68  ALA 68  68  68  ALA ALA A . n 
A 1 69  LYS 69  69  69  LYS LYS A . n 
A 1 70  LEU 70  70  70  LEU LEU A . n 
A 1 71  PRO 71  71  71  PRO PRO A . n 
A 1 72  ILE 72  72  72  ILE ILE A . n 
A 1 73  LEU 73  73  73  LEU LEU A . n 
A 1 74  GLY 74  74  74  GLY GLY A . n 
A 1 75  ILE 75  75  75  ILE ILE A . n 
A 1 76  CYS 76  76  76  CYS CYS A . n 
A 1 77  LEU 77  77  77  LEU LEU A . n 
A 1 78  GLY 78  78  78  GLY GLY A . n 
A 1 79  HIS 79  79  79  HIS HIS A . n 
A 1 80  GLN 80  80  80  GLN GLN A . n 
A 1 81  LEU 81  81  81  LEU LEU A . n 
A 1 82  ILE 82  82  82  ILE ILE A . n 
A 1 83  ALA 83  83  83  ALA ALA A . n 
A 1 84  LEU 84  84  84  LEU LEU A . n 
A 1 85  ALA 85  85  85  ALA ALA A . n 
A 1 86  TYR 86  86  86  TYR TYR A . n 
A 1 87  GLY 87  87  87  GLY GLY A . n 
A 1 88  GLY 88  88  88  GLY GLY A . n 
A 1 89  GLU 89  89  89  GLU GLU A . n 
A 1 90  VAL 90  90  90  VAL VAL A . n 
A 1 91  GLY 91  91  91  GLY GLY A . n 
A 1 92  ARG 92  92  92  ARG ARG A . n 
A 1 93  ALA 93  93  93  ALA ALA A . n 
A 1 94  GLU 94  94  94  GLU GLU A . n 
A 1 95  ALA 95  95  95  ALA ALA A . n 
A 1 96  GLU 96  96  96  GLU GLU A . n 
A 1 97  GLU 97  97  97  GLU GLU A . n 
A 1 98  TYR 98  98  98  TYR TYR A . n 
A 1 99  ALA 99  99  99  ALA ALA A . n 
A 1 100 LEU 100 100 100 LEU LEU A . n 
A 1 101 THR 101 101 101 THR THR A . n 
A 1 102 LYS 102 102 102 LYS LYS A . n 
A 1 103 VAL 103 103 103 VAL VAL A . n 
A 1 104 TYR 104 104 104 TYR TYR A . n 
A 1 105 VAL 105 105 105 VAL VAL A . n 
A 1 106 ASP 106 106 106 ASP ASP A . n 
A 1 107 LYS 107 107 107 LYS LYS A . n 
A 1 108 GLU 108 108 ?   ?   ?   A . n 
A 1 109 ASN 109 109 ?   ?   ?   A . n 
A 1 110 GLY 110 110 ?   ?   ?   A . n 
A 1 111 LEU 111 111 111 LEU LEU A . n 
A 1 112 PHE 112 112 112 PHE PHE A . n 
A 1 113 LYS 113 113 113 LYS LYS A . n 
A 1 114 ASN 114 114 114 ASN ASN A . n 
A 1 115 VAL 115 115 115 VAL VAL A . n 
A 1 116 PRO 116 116 116 PRO PRO A . n 
A 1 117 ARG 117 117 117 ARG ARG A . n 
A 1 118 GLU 118 118 118 GLU GLU A . n 
A 1 119 PHE 119 119 119 PHE PHE A . n 
A 1 120 ASN 120 120 120 ASN ASN A . n 
A 1 121 ALA 121 121 121 ALA ALA A . n 
A 1 122 TRP 122 122 122 TRP TRP A . n 
A 1 123 ALA 123 123 123 ALA ALA A . n 
A 1 124 SER 124 124 124 SER SER A . n 
A 1 125 HIS 125 125 125 HIS HIS A . n 
A 1 126 LYS 126 126 126 LYS LYS A . n 
A 1 127 ASP 127 127 127 ASP ASP A . n 
A 1 128 GLU 128 128 128 GLU GLU A . n 
A 1 129 VAL 129 129 129 VAL VAL A . n 
A 1 130 LYS 130 130 130 LYS LYS A . n 
A 1 131 LYS 131 131 131 LYS LYS A . n 
A 1 132 VAL 132 132 132 VAL VAL A . n 
A 1 133 PRO 133 133 133 PRO PRO A . n 
A 1 134 GLU 134 134 134 GLU GLU A . n 
A 1 135 GLY 135 135 135 GLY GLY A . n 
A 1 136 PHE 136 136 136 PHE PHE A . n 
A 1 137 GLU 137 137 137 GLU GLU A . n 
A 1 138 ILE 138 138 138 ILE ILE A . n 
A 1 139 LEU 139 139 139 LEU LEU A . n 
A 1 140 ALA 140 140 140 ALA ALA A . n 
A 1 141 HIS 141 141 141 HIS HIS A . n 
A 1 142 SER 142 142 142 SER SER A . n 
A 1 143 ASP 143 143 143 ASP ASP A . n 
A 1 144 ILE 144 144 144 ILE ILE A . n 
A 1 145 CYS 145 145 145 CYS CYS A . n 
A 1 146 GLN 146 146 146 GLN GLN A . n 
A 1 147 VAL 147 147 147 VAL VAL A . n 
A 1 148 GLU 148 148 148 GLU GLU A . n 
A 1 149 ALA 149 149 149 ALA ALA A . n 
A 1 150 MET 150 150 150 MET MET A . n 
A 1 151 LYS 151 151 151 LYS LYS A . n 
A 1 152 HIS 152 152 152 HIS HIS A . n 
A 1 153 LYS 153 153 153 LYS LYS A . n 
A 1 154 THR 154 154 154 THR THR A . n 
A 1 155 LYS 155 155 155 LYS LYS A . n 
A 1 156 PRO 156 156 156 PRO PRO A . n 
A 1 157 ILE 157 157 157 ILE ILE A . n 
A 1 158 TYR 158 158 158 TYR TYR A . n 
A 1 159 GLY 159 159 159 GLY GLY A . n 
A 1 160 VAL 160 160 160 VAL VAL A . n 
A 1 161 GLN 161 161 161 GLN GLN A . n 
A 1 162 PHE 162 162 162 PHE PHE A . n 
A 1 163 HIS 163 163 163 HIS HIS A . n 
A 1 164 PRO 164 164 164 PRO PRO A . n 
A 1 165 GLU 165 165 165 GLU GLU A . n 
A 1 166 VAL 166 166 166 VAL VAL A . n 
A 1 167 ALA 167 167 167 ALA ALA A . n 
A 1 168 HIS 168 168 168 HIS HIS A . n 
A 1 169 THR 169 169 169 THR THR A . n 
A 1 170 GLU 170 170 170 GLU GLU A . n 
A 1 171 TYR 171 171 171 TYR TYR A . n 
A 1 172 GLY 172 172 172 GLY GLY A . n 
A 1 173 ASN 173 173 173 ASN ASN A . n 
A 1 174 GLU 174 174 174 GLU GLU A . n 
A 1 175 ILE 175 175 175 ILE ILE A . n 
A 1 176 LEU 176 176 176 LEU LEU A . n 
A 1 177 LYS 177 177 177 LYS LYS A . n 
A 1 178 ASN 178 178 178 ASN ASN A . n 
A 1 179 PHE 179 179 179 PHE PHE A . n 
A 1 180 CYS 180 180 180 CYS CYS A . n 
A 1 181 LYS 181 181 181 LYS LYS A . n 
A 1 182 VAL 182 182 182 VAL VAL A . n 
A 1 183 CYS 183 183 183 CYS CYS A . n 
A 1 184 GLY 184 184 184 GLY GLY A . n 
A 1 185 TYR 185 185 185 TYR TYR A . n 
A 1 186 LYS 186 186 186 LYS LYS A . n 
A 1 187 PHE 187 187 187 PHE PHE A . n 
A 1 188 GLU 188 188 188 GLU GLU A . n 
# 
loop_
_pdbx_nonpoly_scheme.asym_id 
_pdbx_nonpoly_scheme.entity_id 
_pdbx_nonpoly_scheme.mon_id 
_pdbx_nonpoly_scheme.ndb_seq_num 
_pdbx_nonpoly_scheme.pdb_seq_num 
_pdbx_nonpoly_scheme.auth_seq_num 
_pdbx_nonpoly_scheme.pdb_mon_id 
_pdbx_nonpoly_scheme.auth_mon_id 
_pdbx_nonpoly_scheme.pdb_strand_id 
_pdbx_nonpoly_scheme.pdb_ins_code 
B 2 HOH 1  201 121 HOH HOH A . 
B 2 HOH 2  202 114 HOH HOH A . 
B 2 HOH 3  203 57  HOH HOH A . 
B 2 HOH 4  204 9   HOH HOH A . 
B 2 HOH 5  205 37  HOH HOH A . 
B 2 HOH 6  206 14  HOH HOH A . 
B 2 HOH 7  207 1   HOH HOH A . 
B 2 HOH 8  208 23  HOH HOH A . 
B 2 HOH 9  209 49  HOH HOH A . 
B 2 HOH 10 210 117 HOH HOH A . 
B 2 HOH 11 211 111 HOH HOH A . 
B 2 HOH 12 212 50  HOH HOH A . 
B 2 HOH 13 213 120 HOH HOH A . 
B 2 HOH 14 214 116 HOH HOH A . 
B 2 HOH 15 215 26  HOH HOH A . 
B 2 HOH 16 216 7   HOH HOH A . 
B 2 HOH 17 217 28  HOH HOH A . 
B 2 HOH 18 218 40  HOH HOH A . 
B 2 HOH 19 219 35  HOH HOH A . 
B 2 HOH 20 220 39  HOH HOH A . 
B 2 HOH 21 221 24  HOH HOH A . 
B 2 HOH 22 222 41  HOH HOH A . 
B 2 HOH 23 223 60  HOH HOH A . 
B 2 HOH 24 224 119 HOH HOH A . 
B 2 HOH 25 225 16  HOH HOH A . 
B 2 HOH 26 226 29  HOH HOH A . 
B 2 HOH 27 227 15  HOH HOH A . 
B 2 HOH 28 228 36  HOH HOH A . 
B 2 HOH 29 229 17  HOH HOH A . 
B 2 HOH 30 230 30  HOH HOH A . 
B 2 HOH 31 231 19  HOH HOH A . 
B 2 HOH 32 232 115 HOH HOH A . 
B 2 HOH 33 233 12  HOH HOH A . 
B 2 HOH 34 234 33  HOH HOH A . 
B 2 HOH 35 235 51  HOH HOH A . 
B 2 HOH 36 236 43  HOH HOH A . 
B 2 HOH 37 237 69  HOH HOH A . 
B 2 HOH 38 238 70  HOH HOH A . 
B 2 HOH 39 239 54  HOH HOH A . 
B 2 HOH 40 240 53  HOH HOH A . 
B 2 HOH 41 241 32  HOH HOH A . 
B 2 HOH 42 242 25  HOH HOH A . 
B 2 HOH 43 243 67  HOH HOH A . 
B 2 HOH 44 244 89  HOH HOH A . 
B 2 HOH 45 245 46  HOH HOH A . 
B 2 HOH 46 246 44  HOH HOH A . 
B 2 HOH 47 247 31  HOH HOH A . 
B 2 HOH 48 248 8   HOH HOH A . 
B 2 HOH 49 249 10  HOH HOH A . 
B 2 HOH 50 250 42  HOH HOH A . 
B 2 HOH 51 251 13  HOH HOH A . 
B 2 HOH 52 252 93  HOH HOH A . 
B 2 HOH 53 253 55  HOH HOH A . 
B 2 HOH 54 254 108 HOH HOH A . 
# 
_pdbx_struct_assembly.id                   1 
_pdbx_struct_assembly.details              author_defined_assembly 
_pdbx_struct_assembly.method_details       ? 
_pdbx_struct_assembly.oligomeric_details   monomeric 
_pdbx_struct_assembly.oligomeric_count     1 
# 
_pdbx_struct_assembly_gen.assembly_id       1 
_pdbx_struct_assembly_gen.oper_expression   1 
_pdbx_struct_assembly_gen.asym_id_list      A,B 
# 
loop_
_pdbx_struct_assembly_prop.biol_id 
_pdbx_struct_assembly_prop.type 
_pdbx_struct_assembly_prop.value 
_pdbx_struct_assembly_prop.details 
1 'ABSA (A^2)' 0    ? 
1 MORE         0    ? 
1 'SSA (A^2)'  8520 ? 
# 
_pdbx_struct_oper_list.id                   1 
_pdbx_struct_oper_list.type                 'identity operation' 
_pdbx_struct_oper_list.name                 1_555 
_pdbx_struct_oper_list.symmetry_operation   x,y,z 
_pdbx_struct_oper_list.matrix[1][1]         1.0000000000 
_pdbx_struct_oper_list.matrix[1][2]         0.0000000000 
_pdbx_struct_oper_list.matrix[1][3]         0.0000000000 
_pdbx_struct_oper_list.vector[1]            0.0000000000 
_pdbx_struct_oper_list.matrix[2][1]         0.0000000000 
_pdbx_struct_oper_list.matrix[2][2]         1.0000000000 
_pdbx_struct_oper_list.matrix[2][3]         0.0000000000 
_pdbx_struct_oper_list.vector[2]            0.0000000000 
_pdbx_struct_oper_list.matrix[3][1]         0.0000000000 
_pdbx_struct_oper_list.matrix[3][2]         0.0000000000 
_pdbx_struct_oper_list.matrix[3][3]         1.0000000000 
_pdbx_struct_oper_list.vector[3]            0.0000000000 
# 
loop_
_pdbx_audit_revision_history.ordinal 
_pdbx_audit_revision_history.data_content_type 
_pdbx_audit_revision_history.major_revision 
_pdbx_audit_revision_history.minor_revision 
_pdbx_audit_revision_history.revision_date 
1 'Structure model' 1 0 2021-08-04 
2 'Structure model' 1 1 2021-09-22 
3 'Structure model' 1 2 2023-11-29 
# 
_pdbx_audit_revision_details.ordinal             1 
_pdbx_audit_revision_details.revision_ordinal    1 
_pdbx_audit_revision_details.data_content_type   'Structure model' 
_pdbx_audit_revision_details.provider            repository 
_pdbx_audit_revision_details.type                'Initial release' 
_pdbx_audit_revision_details.description         ? 
_pdbx_audit_revision_details.details             ? 
# 
loop_
_pdbx_audit_revision_group.ordinal 
_pdbx_audit_revision_group.revision_ordinal 
_pdbx_audit_revision_group.data_content_type 
_pdbx_audit_revision_group.group 
1 2 'Structure model' 'Database references'    
2 3 'Structure model' 'Data collection'        
3 3 'Structure model' 'Refinement description' 
# 
loop_
_pdbx_audit_revision_category.ordinal 
_pdbx_audit_revision_category.revision_ordinal 
_pdbx_audit_revision_category.data_content_type 
_pdbx_audit_revision_category.category 
1 2 'Structure model' citation                      
2 2 'Structure model' database_2                    
3 3 'Structure model' chem_comp_atom                
4 3 'Structure model' chem_comp_bond                
5 3 'Structure model' pdbx_initial_refinement_model 
# 
loop_
_pdbx_audit_revision_item.ordinal 
_pdbx_audit_revision_item.revision_ordinal 
_pdbx_audit_revision_item.data_content_type 
_pdbx_audit_revision_item.item 
1 2 'Structure model' '_citation.journal_volume'            
2 2 'Structure model' '_citation.page_first'                
3 2 'Structure model' '_citation.page_last'                 
4 2 'Structure model' '_database_2.pdbx_DOI'                
5 2 'Structure model' '_database_2.pdbx_database_accession' 
# 
loop_
_software.citation_id 
_software.classification 
_software.compiler_name 
_software.compiler_version 
_software.contact_author 
_software.contact_author_email 
_software.date 
_software.description 
_software.dependencies 
_software.hardware 
_software.language 
_software.location 
_software.mods 
_software.name 
_software.os 
_software.os_version 
_software.type 
_software.version 
_software.pdbx_ordinal 
? 'data scaling'    ? ? ? ? ? ? ? ? ? ? ? SCALA       ? ? ? .        1 
? refinement        ? ? ? ? ? ? ? ? ? ? ? REFMAC      ? ? ? 5.8.0238 2 
? 'data extraction' ? ? ? ? ? ? ? ? ? ? ? PDB_EXTRACT ? ? ? 3.25     3 
? 'data reduction'  ? ? ? ? ? ? ? ? ? ? ? iMOSFLM     ? ? ? .        4 
? phasing           ? ? ? ? ? ? ? ? ? ? ? PHASER      ? ? ? .        5 
# 
loop_
_pdbx_validate_torsion.id 
_pdbx_validate_torsion.PDB_model_num 
_pdbx_validate_torsion.auth_comp_id 
_pdbx_validate_torsion.auth_asym_id 
_pdbx_validate_torsion.auth_seq_id 
_pdbx_validate_torsion.PDB_ins_code 
_pdbx_validate_torsion.label_alt_id 
_pdbx_validate_torsion.phi 
_pdbx_validate_torsion.psi 
1 1 CYS A 76 ? ? 52.17   -102.84 
2 1 ALA A 93 ? ? -112.72 -152.90 
# 
_pdbx_validate_peptide_omega.id               1 
_pdbx_validate_peptide_omega.PDB_model_num    1 
_pdbx_validate_peptide_omega.auth_comp_id_1   ALA 
_pdbx_validate_peptide_omega.auth_asym_id_1   A 
_pdbx_validate_peptide_omega.auth_seq_id_1    93 
_pdbx_validate_peptide_omega.PDB_ins_code_1   ? 
_pdbx_validate_peptide_omega.label_alt_id_1   ? 
_pdbx_validate_peptide_omega.auth_comp_id_2   GLU 
_pdbx_validate_peptide_omega.auth_asym_id_2   A 
_pdbx_validate_peptide_omega.auth_seq_id_2    94 
_pdbx_validate_peptide_omega.PDB_ins_code_2   ? 
_pdbx_validate_peptide_omega.label_alt_id_2   ? 
_pdbx_validate_peptide_omega.omega            -149.95 
# 
loop_
_pdbx_unobs_or_zero_occ_atoms.id 
_pdbx_unobs_or_zero_occ_atoms.PDB_model_num 
_pdbx_unobs_or_zero_occ_atoms.polymer_flag 
_pdbx_unobs_or_zero_occ_atoms.occupancy_flag 
_pdbx_unobs_or_zero_occ_atoms.auth_asym_id 
_pdbx_unobs_or_zero_occ_atoms.auth_comp_id 
_pdbx_unobs_or_zero_occ_atoms.auth_seq_id 
_pdbx_unobs_or_zero_occ_atoms.PDB_ins_code 
_pdbx_unobs_or_zero_occ_atoms.auth_atom_id 
_pdbx_unobs_or_zero_occ_atoms.label_alt_id 
_pdbx_unobs_or_zero_occ_atoms.label_asym_id 
_pdbx_unobs_or_zero_occ_atoms.label_comp_id 
_pdbx_unobs_or_zero_occ_atoms.label_seq_id 
_pdbx_unobs_or_zero_occ_atoms.label_atom_id 
1  1 Y 1 A GLN 10  ? CG  ? A GLN 10  CG  
2  1 Y 1 A GLN 10  ? CD  ? A GLN 10  CD  
3  1 Y 1 A GLN 10  ? OE1 ? A GLN 10  OE1 
4  1 Y 1 A GLN 10  ? NE2 ? A GLN 10  NE2 
5  1 Y 1 A ARG 17  ? CG  ? A ARG 17  CG  
6  1 Y 1 A ARG 17  ? CD  ? A ARG 17  CD  
7  1 Y 1 A ARG 17  ? NE  ? A ARG 17  NE  
8  1 Y 1 A ARG 17  ? CZ  ? A ARG 17  CZ  
9  1 Y 1 A ARG 17  ? NH1 ? A ARG 17  NH1 
10 1 Y 1 A ARG 17  ? NH2 ? A ARG 17  NH2 
11 1 Y 1 A LYS 57  ? CG  ? A LYS 57  CG  
12 1 Y 1 A LYS 57  ? CD  ? A LYS 57  CD  
13 1 Y 1 A LYS 57  ? CE  ? A LYS 57  CE  
14 1 Y 1 A LYS 57  ? NZ  ? A LYS 57  NZ  
15 1 Y 1 A LYS 59  ? CG  ? A LYS 59  CG  
16 1 Y 1 A LYS 59  ? CD  ? A LYS 59  CD  
17 1 Y 1 A LYS 59  ? CE  ? A LYS 59  CE  
18 1 Y 1 A LYS 59  ? NZ  ? A LYS 59  NZ  
19 1 Y 1 A GLU 89  ? OE2 ? A GLU 89  OE2 
20 1 Y 1 A ARG 92  ? NH1 ? A ARG 92  NH1 
21 1 Y 1 A GLU 96  ? OE1 ? A GLU 96  OE1 
22 1 Y 1 A LYS 113 ? CG  ? A LYS 113 CG  
23 1 Y 1 A LYS 113 ? CD  ? A LYS 113 CD  
24 1 Y 1 A LYS 113 ? CE  ? A LYS 113 CE  
25 1 Y 1 A LYS 113 ? NZ  ? A LYS 113 NZ  
26 1 Y 1 A LYS 131 ? CG  ? A LYS 131 CG  
27 1 Y 1 A LYS 131 ? CD  ? A LYS 131 CD  
28 1 Y 1 A LYS 131 ? CE  ? A LYS 131 CE  
29 1 Y 1 A LYS 131 ? NZ  ? A LYS 131 NZ  
30 1 Y 1 A GLU 188 ? CG  ? A GLU 188 CG  
31 1 Y 1 A GLU 188 ? CD  ? A GLU 188 CD  
32 1 Y 1 A GLU 188 ? OE1 ? A GLU 188 OE1 
33 1 Y 1 A GLU 188 ? OE2 ? A GLU 188 OE2 
# 
loop_
_pdbx_unobs_or_zero_occ_residues.id 
_pdbx_unobs_or_zero_occ_residues.PDB_model_num 
_pdbx_unobs_or_zero_occ_residues.polymer_flag 
_pdbx_unobs_or_zero_occ_residues.occupancy_flag 
_pdbx_unobs_or_zero_occ_residues.auth_asym_id 
_pdbx_unobs_or_zero_occ_residues.auth_comp_id 
_pdbx_unobs_or_zero_occ_residues.auth_seq_id 
_pdbx_unobs_or_zero_occ_residues.PDB_ins_code 
_pdbx_unobs_or_zero_occ_residues.label_asym_id 
_pdbx_unobs_or_zero_occ_residues.label_comp_id 
_pdbx_unobs_or_zero_occ_residues.label_seq_id 
1 1 Y 1 A GLU 108 ? A GLU 108 
2 1 Y 1 A ASN 109 ? A ASN 109 
3 1 Y 1 A GLY 110 ? A GLY 110 
# 
loop_
_chem_comp_atom.comp_id 
_chem_comp_atom.atom_id 
_chem_comp_atom.type_symbol 
_chem_comp_atom.pdbx_aromatic_flag 
_chem_comp_atom.pdbx_stereo_config 
_chem_comp_atom.pdbx_ordinal 
ALA N    N N N 1   
ALA CA   C N S 2   
ALA C    C N N 3   
ALA O    O N N 4   
ALA CB   C N N 5   
ALA OXT  O N N 6   
ALA H    H N N 7   
ALA H2   H N N 8   
ALA HA   H N N 9   
ALA HB1  H N N 10  
ALA HB2  H N N 11  
ALA HB3  H N N 12  
ALA HXT  H N N 13  
ARG N    N N N 14  
ARG CA   C N S 15  
ARG C    C N N 16  
ARG O    O N N 17  
ARG CB   C N N 18  
ARG CG   C N N 19  
ARG CD   C N N 20  
ARG NE   N N N 21  
ARG CZ   C N N 22  
ARG NH1  N N N 23  
ARG NH2  N N N 24  
ARG OXT  O N N 25  
ARG H    H N N 26  
ARG H2   H N N 27  
ARG HA   H N N 28  
ARG HB2  H N N 29  
ARG HB3  H N N 30  
ARG HG2  H N N 31  
ARG HG3  H N N 32  
ARG HD2  H N N 33  
ARG HD3  H N N 34  
ARG HE   H N N 35  
ARG HH11 H N N 36  
ARG HH12 H N N 37  
ARG HH21 H N N 38  
ARG HH22 H N N 39  
ARG HXT  H N N 40  
ASN N    N N N 41  
ASN CA   C N S 42  
ASN C    C N N 43  
ASN O    O N N 44  
ASN CB   C N N 45  
ASN CG   C N N 46  
ASN OD1  O N N 47  
ASN ND2  N N N 48  
ASN OXT  O N N 49  
ASN H    H N N 50  
ASN H2   H N N 51  
ASN HA   H N N 52  
ASN HB2  H N N 53  
ASN HB3  H N N 54  
ASN HD21 H N N 55  
ASN HD22 H N N 56  
ASN HXT  H N N 57  
ASP N    N N N 58  
ASP CA   C N S 59  
ASP C    C N N 60  
ASP O    O N N 61  
ASP CB   C N N 62  
ASP CG   C N N 63  
ASP OD1  O N N 64  
ASP OD2  O N N 65  
ASP OXT  O N N 66  
ASP H    H N N 67  
ASP H2   H N N 68  
ASP HA   H N N 69  
ASP HB2  H N N 70  
ASP HB3  H N N 71  
ASP HD2  H N N 72  
ASP HXT  H N N 73  
CYS N    N N N 74  
CYS CA   C N R 75  
CYS C    C N N 76  
CYS O    O N N 77  
CYS CB   C N N 78  
CYS SG   S N N 79  
CYS OXT  O N N 80  
CYS H    H N N 81  
CYS H2   H N N 82  
CYS HA   H N N 83  
CYS HB2  H N N 84  
CYS HB3  H N N 85  
CYS HG   H N N 86  
CYS HXT  H N N 87  
GLN N    N N N 88  
GLN CA   C N S 89  
GLN C    C N N 90  
GLN O    O N N 91  
GLN CB   C N N 92  
GLN CG   C N N 93  
GLN CD   C N N 94  
GLN OE1  O N N 95  
GLN NE2  N N N 96  
GLN OXT  O N N 97  
GLN H    H N N 98  
GLN H2   H N N 99  
GLN HA   H N N 100 
GLN HB2  H N N 101 
GLN HB3  H N N 102 
GLN HG2  H N N 103 
GLN HG3  H N N 104 
GLN HE21 H N N 105 
GLN HE22 H N N 106 
GLN HXT  H N N 107 
GLU N    N N N 108 
GLU CA   C N S 109 
GLU C    C N N 110 
GLU O    O N N 111 
GLU CB   C N N 112 
GLU CG   C N N 113 
GLU CD   C N N 114 
GLU OE1  O N N 115 
GLU OE2  O N N 116 
GLU OXT  O N N 117 
GLU H    H N N 118 
GLU H2   H N N 119 
GLU HA   H N N 120 
GLU HB2  H N N 121 
GLU HB3  H N N 122 
GLU HG2  H N N 123 
GLU HG3  H N N 124 
GLU HE2  H N N 125 
GLU HXT  H N N 126 
GLY N    N N N 127 
GLY CA   C N N 128 
GLY C    C N N 129 
GLY O    O N N 130 
GLY OXT  O N N 131 
GLY H    H N N 132 
GLY H2   H N N 133 
GLY HA2  H N N 134 
GLY HA3  H N N 135 
GLY HXT  H N N 136 
HIS N    N N N 137 
HIS CA   C N S 138 
HIS C    C N N 139 
HIS O    O N N 140 
HIS CB   C N N 141 
HIS CG   C Y N 142 
HIS ND1  N Y N 143 
HIS CD2  C Y N 144 
HIS CE1  C Y N 145 
HIS NE2  N Y N 146 
HIS OXT  O N N 147 
HIS H    H N N 148 
HIS H2   H N N 149 
HIS HA   H N N 150 
HIS HB2  H N N 151 
HIS HB3  H N N 152 
HIS HD1  H N N 153 
HIS HD2  H N N 154 
HIS HE1  H N N 155 
HIS HE2  H N N 156 
HIS HXT  H N N 157 
HOH O    O N N 158 
HOH H1   H N N 159 
HOH H2   H N N 160 
ILE N    N N N 161 
ILE CA   C N S 162 
ILE C    C N N 163 
ILE O    O N N 164 
ILE CB   C N S 165 
ILE CG1  C N N 166 
ILE CG2  C N N 167 
ILE CD1  C N N 168 
ILE OXT  O N N 169 
ILE H    H N N 170 
ILE H2   H N N 171 
ILE HA   H N N 172 
ILE HB   H N N 173 
ILE HG12 H N N 174 
ILE HG13 H N N 175 
ILE HG21 H N N 176 
ILE HG22 H N N 177 
ILE HG23 H N N 178 
ILE HD11 H N N 179 
ILE HD12 H N N 180 
ILE HD13 H N N 181 
ILE HXT  H N N 182 
LEU N    N N N 183 
LEU CA   C N S 184 
LEU C    C N N 185 
LEU O    O N N 186 
LEU CB   C N N 187 
LEU CG   C N N 188 
LEU CD1  C N N 189 
LEU CD2  C N N 190 
LEU OXT  O N N 191 
LEU H    H N N 192 
LEU H2   H N N 193 
LEU HA   H N N 194 
LEU HB2  H N N 195 
LEU HB3  H N N 196 
LEU HG   H N N 197 
LEU HD11 H N N 198 
LEU HD12 H N N 199 
LEU HD13 H N N 200 
LEU HD21 H N N 201 
LEU HD22 H N N 202 
LEU HD23 H N N 203 
LEU HXT  H N N 204 
LYS N    N N N 205 
LYS CA   C N S 206 
LYS C    C N N 207 
LYS O    O N N 208 
LYS CB   C N N 209 
LYS CG   C N N 210 
LYS CD   C N N 211 
LYS CE   C N N 212 
LYS NZ   N N N 213 
LYS OXT  O N N 214 
LYS H    H N N 215 
LYS H2   H N N 216 
LYS HA   H N N 217 
LYS HB2  H N N 218 
LYS HB3  H N N 219 
LYS HG2  H N N 220 
LYS HG3  H N N 221 
LYS HD2  H N N 222 
LYS HD3  H N N 223 
LYS HE2  H N N 224 
LYS HE3  H N N 225 
LYS HZ1  H N N 226 
LYS HZ2  H N N 227 
LYS HZ3  H N N 228 
LYS HXT  H N N 229 
MET N    N N N 230 
MET CA   C N S 231 
MET C    C N N 232 
MET O    O N N 233 
MET CB   C N N 234 
MET CG   C N N 235 
MET SD   S N N 236 
MET CE   C N N 237 
MET OXT  O N N 238 
MET H    H N N 239 
MET H2   H N N 240 
MET HA   H N N 241 
MET HB2  H N N 242 
MET HB3  H N N 243 
MET HG2  H N N 244 
MET HG3  H N N 245 
MET HE1  H N N 246 
MET HE2  H N N 247 
MET HE3  H N N 248 
MET HXT  H N N 249 
PHE N    N N N 250 
PHE CA   C N S 251 
PHE C    C N N 252 
PHE O    O N N 253 
PHE CB   C N N 254 
PHE CG   C Y N 255 
PHE CD1  C Y N 256 
PHE CD2  C Y N 257 
PHE CE1  C Y N 258 
PHE CE2  C Y N 259 
PHE CZ   C Y N 260 
PHE OXT  O N N 261 
PHE H    H N N 262 
PHE H2   H N N 263 
PHE HA   H N N 264 
PHE HB2  H N N 265 
PHE HB3  H N N 266 
PHE HD1  H N N 267 
PHE HD2  H N N 268 
PHE HE1  H N N 269 
PHE HE2  H N N 270 
PHE HZ   H N N 271 
PHE HXT  H N N 272 
PRO N    N N N 273 
PRO CA   C N S 274 
PRO C    C N N 275 
PRO O    O N N 276 
PRO CB   C N N 277 
PRO CG   C N N 278 
PRO CD   C N N 279 
PRO OXT  O N N 280 
PRO H    H N N 281 
PRO HA   H N N 282 
PRO HB2  H N N 283 
PRO HB3  H N N 284 
PRO HG2  H N N 285 
PRO HG3  H N N 286 
PRO HD2  H N N 287 
PRO HD3  H N N 288 
PRO HXT  H N N 289 
SER N    N N N 290 
SER CA   C N S 291 
SER C    C N N 292 
SER O    O N N 293 
SER CB   C N N 294 
SER OG   O N N 295 
SER OXT  O N N 296 
SER H    H N N 297 
SER H2   H N N 298 
SER HA   H N N 299 
SER HB2  H N N 300 
SER HB3  H N N 301 
SER HG   H N N 302 
SER HXT  H N N 303 
THR N    N N N 304 
THR CA   C N S 305 
THR C    C N N 306 
THR O    O N N 307 
THR CB   C N R 308 
THR OG1  O N N 309 
THR CG2  C N N 310 
THR OXT  O N N 311 
THR H    H N N 312 
THR H2   H N N 313 
THR HA   H N N 314 
THR HB   H N N 315 
THR HG1  H N N 316 
THR HG21 H N N 317 
THR HG22 H N N 318 
THR HG23 H N N 319 
THR HXT  H N N 320 
TRP N    N N N 321 
TRP CA   C N S 322 
TRP C    C N N 323 
TRP O    O N N 324 
TRP CB   C N N 325 
TRP CG   C Y N 326 
TRP CD1  C Y N 327 
TRP CD2  C Y N 328 
TRP NE1  N Y N 329 
TRP CE2  C Y N 330 
TRP CE3  C Y N 331 
TRP CZ2  C Y N 332 
TRP CZ3  C Y N 333 
TRP CH2  C Y N 334 
TRP OXT  O N N 335 
TRP H    H N N 336 
TRP H2   H N N 337 
TRP HA   H N N 338 
TRP HB2  H N N 339 
TRP HB3  H N N 340 
TRP HD1  H N N 341 
TRP HE1  H N N 342 
TRP HE3  H N N 343 
TRP HZ2  H N N 344 
TRP HZ3  H N N 345 
TRP HH2  H N N 346 
TRP HXT  H N N 347 
TYR N    N N N 348 
TYR CA   C N S 349 
TYR C    C N N 350 
TYR O    O N N 351 
TYR CB   C N N 352 
TYR CG   C Y N 353 
TYR CD1  C Y N 354 
TYR CD2  C Y N 355 
TYR CE1  C Y N 356 
TYR CE2  C Y N 357 
TYR CZ   C Y N 358 
TYR OH   O N N 359 
TYR OXT  O N N 360 
TYR H    H N N 361 
TYR H2   H N N 362 
TYR HA   H N N 363 
TYR HB2  H N N 364 
TYR HB3  H N N 365 
TYR HD1  H N N 366 
TYR HD2  H N N 367 
TYR HE1  H N N 368 
TYR HE2  H N N 369 
TYR HH   H N N 370 
TYR HXT  H N N 371 
VAL N    N N N 372 
VAL CA   C N S 373 
VAL C    C N N 374 
VAL O    O N N 375 
VAL CB   C N N 376 
VAL CG1  C N N 377 
VAL CG2  C N N 378 
VAL OXT  O N N 379 
VAL H    H N N 380 
VAL H2   H N N 381 
VAL HA   H N N 382 
VAL HB   H N N 383 
VAL HG11 H N N 384 
VAL HG12 H N N 385 
VAL HG13 H N N 386 
VAL HG21 H N N 387 
VAL HG22 H N N 388 
VAL HG23 H N N 389 
VAL HXT  H N N 390 
# 
loop_
_chem_comp_bond.comp_id 
_chem_comp_bond.atom_id_1 
_chem_comp_bond.atom_id_2 
_chem_comp_bond.value_order 
_chem_comp_bond.pdbx_aromatic_flag 
_chem_comp_bond.pdbx_stereo_config 
_chem_comp_bond.pdbx_ordinal 
ALA N   CA   sing N N 1   
ALA N   H    sing N N 2   
ALA N   H2   sing N N 3   
ALA CA  C    sing N N 4   
ALA CA  CB   sing N N 5   
ALA CA  HA   sing N N 6   
ALA C   O    doub N N 7   
ALA C   OXT  sing N N 8   
ALA CB  HB1  sing N N 9   
ALA CB  HB2  sing N N 10  
ALA CB  HB3  sing N N 11  
ALA OXT HXT  sing N N 12  
ARG N   CA   sing N N 13  
ARG N   H    sing N N 14  
ARG N   H2   sing N N 15  
ARG CA  C    sing N N 16  
ARG CA  CB   sing N N 17  
ARG CA  HA   sing N N 18  
ARG C   O    doub N N 19  
ARG C   OXT  sing N N 20  
ARG CB  CG   sing N N 21  
ARG CB  HB2  sing N N 22  
ARG CB  HB3  sing N N 23  
ARG CG  CD   sing N N 24  
ARG CG  HG2  sing N N 25  
ARG CG  HG3  sing N N 26  
ARG CD  NE   sing N N 27  
ARG CD  HD2  sing N N 28  
ARG CD  HD3  sing N N 29  
ARG NE  CZ   sing N N 30  
ARG NE  HE   sing N N 31  
ARG CZ  NH1  sing N N 32  
ARG CZ  NH2  doub N N 33  
ARG NH1 HH11 sing N N 34  
ARG NH1 HH12 sing N N 35  
ARG NH2 HH21 sing N N 36  
ARG NH2 HH22 sing N N 37  
ARG OXT HXT  sing N N 38  
ASN N   CA   sing N N 39  
ASN N   H    sing N N 40  
ASN N   H2   sing N N 41  
ASN CA  C    sing N N 42  
ASN CA  CB   sing N N 43  
ASN CA  HA   sing N N 44  
ASN C   O    doub N N 45  
ASN C   OXT  sing N N 46  
ASN CB  CG   sing N N 47  
ASN CB  HB2  sing N N 48  
ASN CB  HB3  sing N N 49  
ASN CG  OD1  doub N N 50  
ASN CG  ND2  sing N N 51  
ASN ND2 HD21 sing N N 52  
ASN ND2 HD22 sing N N 53  
ASN OXT HXT  sing N N 54  
ASP N   CA   sing N N 55  
ASP N   H    sing N N 56  
ASP N   H2   sing N N 57  
ASP CA  C    sing N N 58  
ASP CA  CB   sing N N 59  
ASP CA  HA   sing N N 60  
ASP C   O    doub N N 61  
ASP C   OXT  sing N N 62  
ASP CB  CG   sing N N 63  
ASP CB  HB2  sing N N 64  
ASP CB  HB3  sing N N 65  
ASP CG  OD1  doub N N 66  
ASP CG  OD2  sing N N 67  
ASP OD2 HD2  sing N N 68  
ASP OXT HXT  sing N N 69  
CYS N   CA   sing N N 70  
CYS N   H    sing N N 71  
CYS N   H2   sing N N 72  
CYS CA  C    sing N N 73  
CYS CA  CB   sing N N 74  
CYS CA  HA   sing N N 75  
CYS C   O    doub N N 76  
CYS C   OXT  sing N N 77  
CYS CB  SG   sing N N 78  
CYS CB  HB2  sing N N 79  
CYS CB  HB3  sing N N 80  
CYS SG  HG   sing N N 81  
CYS OXT HXT  sing N N 82  
GLN N   CA   sing N N 83  
GLN N   H    sing N N 84  
GLN N   H2   sing N N 85  
GLN CA  C    sing N N 86  
GLN CA  CB   sing N N 87  
GLN CA  HA   sing N N 88  
GLN C   O    doub N N 89  
GLN C   OXT  sing N N 90  
GLN CB  CG   sing N N 91  
GLN CB  HB2  sing N N 92  
GLN CB  HB3  sing N N 93  
GLN CG  CD   sing N N 94  
GLN CG  HG2  sing N N 95  
GLN CG  HG3  sing N N 96  
GLN CD  OE1  doub N N 97  
GLN CD  NE2  sing N N 98  
GLN NE2 HE21 sing N N 99  
GLN NE2 HE22 sing N N 100 
GLN OXT HXT  sing N N 101 
GLU N   CA   sing N N 102 
GLU N   H    sing N N 103 
GLU N   H2   sing N N 104 
GLU CA  C    sing N N 105 
GLU CA  CB   sing N N 106 
GLU CA  HA   sing N N 107 
GLU C   O    doub N N 108 
GLU C   OXT  sing N N 109 
GLU CB  CG   sing N N 110 
GLU CB  HB2  sing N N 111 
GLU CB  HB3  sing N N 112 
GLU CG  CD   sing N N 113 
GLU CG  HG2  sing N N 114 
GLU CG  HG3  sing N N 115 
GLU CD  OE1  doub N N 116 
GLU CD  OE2  sing N N 117 
GLU OE2 HE2  sing N N 118 
GLU OXT HXT  sing N N 119 
GLY N   CA   sing N N 120 
GLY N   H    sing N N 121 
GLY N   H2   sing N N 122 
GLY CA  C    sing N N 123 
GLY CA  HA2  sing N N 124 
GLY CA  HA3  sing N N 125 
GLY C   O    doub N N 126 
GLY C   OXT  sing N N 127 
GLY OXT HXT  sing N N 128 
HIS N   CA   sing N N 129 
HIS N   H    sing N N 130 
HIS N   H2   sing N N 131 
HIS CA  C    sing N N 132 
HIS CA  CB   sing N N 133 
HIS CA  HA   sing N N 134 
HIS C   O    doub N N 135 
HIS C   OXT  sing N N 136 
HIS CB  CG   sing N N 137 
HIS CB  HB2  sing N N 138 
HIS CB  HB3  sing N N 139 
HIS CG  ND1  sing Y N 140 
HIS CG  CD2  doub Y N 141 
HIS ND1 CE1  doub Y N 142 
HIS ND1 HD1  sing N N 143 
HIS CD2 NE2  sing Y N 144 
HIS CD2 HD2  sing N N 145 
HIS CE1 NE2  sing Y N 146 
HIS CE1 HE1  sing N N 147 
HIS NE2 HE2  sing N N 148 
HIS OXT HXT  sing N N 149 
HOH O   H1   sing N N 150 
HOH O   H2   sing N N 151 
ILE N   CA   sing N N 152 
ILE N   H    sing N N 153 
ILE N   H2   sing N N 154 
ILE CA  C    sing N N 155 
ILE CA  CB   sing N N 156 
ILE CA  HA   sing N N 157 
ILE C   O    doub N N 158 
ILE C   OXT  sing N N 159 
ILE CB  CG1  sing N N 160 
ILE CB  CG2  sing N N 161 
ILE CB  HB   sing N N 162 
ILE CG1 CD1  sing N N 163 
ILE CG1 HG12 sing N N 164 
ILE CG1 HG13 sing N N 165 
ILE CG2 HG21 sing N N 166 
ILE CG2 HG22 sing N N 167 
ILE CG2 HG23 sing N N 168 
ILE CD1 HD11 sing N N 169 
ILE CD1 HD12 sing N N 170 
ILE CD1 HD13 sing N N 171 
ILE OXT HXT  sing N N 172 
LEU N   CA   sing N N 173 
LEU N   H    sing N N 174 
LEU N   H2   sing N N 175 
LEU CA  C    sing N N 176 
LEU CA  CB   sing N N 177 
LEU CA  HA   sing N N 178 
LEU C   O    doub N N 179 
LEU C   OXT  sing N N 180 
LEU CB  CG   sing N N 181 
LEU CB  HB2  sing N N 182 
LEU CB  HB3  sing N N 183 
LEU CG  CD1  sing N N 184 
LEU CG  CD2  sing N N 185 
LEU CG  HG   sing N N 186 
LEU CD1 HD11 sing N N 187 
LEU CD1 HD12 sing N N 188 
LEU CD1 HD13 sing N N 189 
LEU CD2 HD21 sing N N 190 
LEU CD2 HD22 sing N N 191 
LEU CD2 HD23 sing N N 192 
LEU OXT HXT  sing N N 193 
LYS N   CA   sing N N 194 
LYS N   H    sing N N 195 
LYS N   H2   sing N N 196 
LYS CA  C    sing N N 197 
LYS CA  CB   sing N N 198 
LYS CA  HA   sing N N 199 
LYS C   O    doub N N 200 
LYS C   OXT  sing N N 201 
LYS CB  CG   sing N N 202 
LYS CB  HB2  sing N N 203 
LYS CB  HB3  sing N N 204 
LYS CG  CD   sing N N 205 
LYS CG  HG2  sing N N 206 
LYS CG  HG3  sing N N 207 
LYS CD  CE   sing N N 208 
LYS CD  HD2  sing N N 209 
LYS CD  HD3  sing N N 210 
LYS CE  NZ   sing N N 211 
LYS CE  HE2  sing N N 212 
LYS CE  HE3  sing N N 213 
LYS NZ  HZ1  sing N N 214 
LYS NZ  HZ2  sing N N 215 
LYS NZ  HZ3  sing N N 216 
LYS OXT HXT  sing N N 217 
MET N   CA   sing N N 218 
MET N   H    sing N N 219 
MET N   H2   sing N N 220 
MET CA  C    sing N N 221 
MET CA  CB   sing N N 222 
MET CA  HA   sing N N 223 
MET C   O    doub N N 224 
MET C   OXT  sing N N 225 
MET CB  CG   sing N N 226 
MET CB  HB2  sing N N 227 
MET CB  HB3  sing N N 228 
MET CG  SD   sing N N 229 
MET CG  HG2  sing N N 230 
MET CG  HG3  sing N N 231 
MET SD  CE   sing N N 232 
MET CE  HE1  sing N N 233 
MET CE  HE2  sing N N 234 
MET CE  HE3  sing N N 235 
MET OXT HXT  sing N N 236 
PHE N   CA   sing N N 237 
PHE N   H    sing N N 238 
PHE N   H2   sing N N 239 
PHE CA  C    sing N N 240 
PHE CA  CB   sing N N 241 
PHE CA  HA   sing N N 242 
PHE C   O    doub N N 243 
PHE C   OXT  sing N N 244 
PHE CB  CG   sing N N 245 
PHE CB  HB2  sing N N 246 
PHE CB  HB3  sing N N 247 
PHE CG  CD1  doub Y N 248 
PHE CG  CD2  sing Y N 249 
PHE CD1 CE1  sing Y N 250 
PHE CD1 HD1  sing N N 251 
PHE CD2 CE2  doub Y N 252 
PHE CD2 HD2  sing N N 253 
PHE CE1 CZ   doub Y N 254 
PHE CE1 HE1  sing N N 255 
PHE CE2 CZ   sing Y N 256 
PHE CE2 HE2  sing N N 257 
PHE CZ  HZ   sing N N 258 
PHE OXT HXT  sing N N 259 
PRO N   CA   sing N N 260 
PRO N   CD   sing N N 261 
PRO N   H    sing N N 262 
PRO CA  C    sing N N 263 
PRO CA  CB   sing N N 264 
PRO CA  HA   sing N N 265 
PRO C   O    doub N N 266 
PRO C   OXT  sing N N 267 
PRO CB  CG   sing N N 268 
PRO CB  HB2  sing N N 269 
PRO CB  HB3  sing N N 270 
PRO CG  CD   sing N N 271 
PRO CG  HG2  sing N N 272 
PRO CG  HG3  sing N N 273 
PRO CD  HD2  sing N N 274 
PRO CD  HD3  sing N N 275 
PRO OXT HXT  sing N N 276 
SER N   CA   sing N N 277 
SER N   H    sing N N 278 
SER N   H2   sing N N 279 
SER CA  C    sing N N 280 
SER CA  CB   sing N N 281 
SER CA  HA   sing N N 282 
SER C   O    doub N N 283 
SER C   OXT  sing N N 284 
SER CB  OG   sing N N 285 
SER CB  HB2  sing N N 286 
SER CB  HB3  sing N N 287 
SER OG  HG   sing N N 288 
SER OXT HXT  sing N N 289 
THR N   CA   sing N N 290 
THR N   H    sing N N 291 
THR N   H2   sing N N 292 
THR CA  C    sing N N 293 
THR CA  CB   sing N N 294 
THR CA  HA   sing N N 295 
THR C   O    doub N N 296 
THR C   OXT  sing N N 297 
THR CB  OG1  sing N N 298 
THR CB  CG2  sing N N 299 
THR CB  HB   sing N N 300 
THR OG1 HG1  sing N N 301 
THR CG2 HG21 sing N N 302 
THR CG2 HG22 sing N N 303 
THR CG2 HG23 sing N N 304 
THR OXT HXT  sing N N 305 
TRP N   CA   sing N N 306 
TRP N   H    sing N N 307 
TRP N   H2   sing N N 308 
TRP CA  C    sing N N 309 
TRP CA  CB   sing N N 310 
TRP CA  HA   sing N N 311 
TRP C   O    doub N N 312 
TRP C   OXT  sing N N 313 
TRP CB  CG   sing N N 314 
TRP CB  HB2  sing N N 315 
TRP CB  HB3  sing N N 316 
TRP CG  CD1  doub Y N 317 
TRP CG  CD2  sing Y N 318 
TRP CD1 NE1  sing Y N 319 
TRP CD1 HD1  sing N N 320 
TRP CD2 CE2  doub Y N 321 
TRP CD2 CE3  sing Y N 322 
TRP NE1 CE2  sing Y N 323 
TRP NE1 HE1  sing N N 324 
TRP CE2 CZ2  sing Y N 325 
TRP CE3 CZ3  doub Y N 326 
TRP CE3 HE3  sing N N 327 
TRP CZ2 CH2  doub Y N 328 
TRP CZ2 HZ2  sing N N 329 
TRP CZ3 CH2  sing Y N 330 
TRP CZ3 HZ3  sing N N 331 
TRP CH2 HH2  sing N N 332 
TRP OXT HXT  sing N N 333 
TYR N   CA   sing N N 334 
TYR N   H    sing N N 335 
TYR N   H2   sing N N 336 
TYR CA  C    sing N N 337 
TYR CA  CB   sing N N 338 
TYR CA  HA   sing N N 339 
TYR C   O    doub N N 340 
TYR C   OXT  sing N N 341 
TYR CB  CG   sing N N 342 
TYR CB  HB2  sing N N 343 
TYR CB  HB3  sing N N 344 
TYR CG  CD1  doub Y N 345 
TYR CG  CD2  sing Y N 346 
TYR CD1 CE1  sing Y N 347 
TYR CD1 HD1  sing N N 348 
TYR CD2 CE2  doub Y N 349 
TYR CD2 HD2  sing N N 350 
TYR CE1 CZ   doub Y N 351 
TYR CE1 HE1  sing N N 352 
TYR CE2 CZ   sing Y N 353 
TYR CE2 HE2  sing N N 354 
TYR CZ  OH   sing N N 355 
TYR OH  HH   sing N N 356 
TYR OXT HXT  sing N N 357 
VAL N   CA   sing N N 358 
VAL N   H    sing N N 359 
VAL N   H2   sing N N 360 
VAL CA  C    sing N N 361 
VAL CA  CB   sing N N 362 
VAL CA  HA   sing N N 363 
VAL C   O    doub N N 364 
VAL C   OXT  sing N N 365 
VAL CB  CG1  sing N N 366 
VAL CB  CG2  sing N N 367 
VAL CB  HB   sing N N 368 
VAL CG1 HG11 sing N N 369 
VAL CG1 HG12 sing N N 370 
VAL CG1 HG13 sing N N 371 
VAL CG2 HG21 sing N N 372 
VAL CG2 HG22 sing N N 373 
VAL CG2 HG23 sing N N 374 
VAL OXT HXT  sing N N 375 
# 
loop_
_pdbx_audit_support.funding_organization 
_pdbx_audit_support.country 
_pdbx_audit_support.grant_number 
_pdbx_audit_support.ordinal 
'Science and Engineering Research Board (SERB)' India ? 1 
'Department of Biotechnology (DBT, India)'      India ? 2 
# 
_pdbx_entity_nonpoly.entity_id   2 
_pdbx_entity_nonpoly.name        water 
_pdbx_entity_nonpoly.comp_id     HOH 
# 
_pdbx_initial_refinement_model.id               1 
_pdbx_initial_refinement_model.entity_id_list   ? 
_pdbx_initial_refinement_model.type             'experimental model' 
_pdbx_initial_refinement_model.source_name      PDB 
_pdbx_initial_refinement_model.accession_code   7D40 
_pdbx_initial_refinement_model.details          ? 
# 
_pdbx_struct_assembly_auth_evidence.id                     1 
_pdbx_struct_assembly_auth_evidence.assembly_id            1 
_pdbx_struct_assembly_auth_evidence.experimental_support   'gel filtration' 
_pdbx_struct_assembly_auth_evidence.details                ? 
# 
